data_5QRN
# 
_entry.id   5QRN 
# 
_audit_conform.dict_name       mmcif_pdbx.dic 
_audit_conform.dict_version    5.387 
_audit_conform.dict_location   http://mmcif.pdb.org/dictionaries/ascii/mmcif_pdbx.dic 
# 
loop_
_database_2.database_id 
_database_2.database_code 
_database_2.pdbx_database_accession 
_database_2.pdbx_DOI 
PDB   5QRN         pdb_00005qrn 10.2210/pdb5qrn/pdb 
WWPDB D_1001402320 ?            ?                   
# 
loop_
_pdbx_audit_revision_history.ordinal 
_pdbx_audit_revision_history.data_content_type 
_pdbx_audit_revision_history.major_revision 
_pdbx_audit_revision_history.minor_revision 
_pdbx_audit_revision_history.revision_date 
1 'Structure model' 1 0 2019-07-10 
2 'Structure model' 1 1 2019-08-07 
3 'Structure model' 1 2 2024-03-06 
# 
_pdbx_audit_revision_details.ordinal             1 
_pdbx_audit_revision_details.revision_ordinal    1 
_pdbx_audit_revision_details.data_content_type   'Structure model' 
_pdbx_audit_revision_details.provider            repository 
_pdbx_audit_revision_details.type                'Initial release' 
_pdbx_audit_revision_details.description         ? 
_pdbx_audit_revision_details.details             ? 
# 
loop_
_pdbx_audit_revision_group.ordinal 
_pdbx_audit_revision_group.revision_ordinal 
_pdbx_audit_revision_group.data_content_type 
_pdbx_audit_revision_group.group 
1 2 'Structure model' 'Author supporting evidence' 
2 2 'Structure model' 'Data collection'            
3 2 'Structure model' 'Structure summary'          
4 3 'Structure model' 'Data collection'            
5 3 'Structure model' 'Database references'        
6 3 'Structure model' 'Derived calculations'       
# 
loop_
_pdbx_audit_revision_category.ordinal 
_pdbx_audit_revision_category.revision_ordinal 
_pdbx_audit_revision_category.data_content_type 
_pdbx_audit_revision_category.category 
1 2 'Structure model' pdbx_entity_instance_feature 
2 2 'Structure model' pdbx_entry_details           
3 3 'Structure model' chem_comp_atom               
4 3 'Structure model' chem_comp_bond               
5 3 'Structure model' database_2                   
6 3 'Structure model' pdbx_struct_conn_angle       
7 3 'Structure model' struct_conn                  
# 
loop_
_pdbx_audit_revision_item.ordinal 
_pdbx_audit_revision_item.revision_ordinal 
_pdbx_audit_revision_item.data_content_type 
_pdbx_audit_revision_item.item 
1  3 'Structure model' '_database_2.pdbx_DOI'                        
2  3 'Structure model' '_database_2.pdbx_database_accession'         
3  3 'Structure model' '_pdbx_struct_conn_angle.ptnr1_auth_comp_id'  
4  3 'Structure model' '_pdbx_struct_conn_angle.ptnr1_auth_seq_id'   
5  3 'Structure model' '_pdbx_struct_conn_angle.ptnr1_label_alt_id'  
6  3 'Structure model' '_pdbx_struct_conn_angle.ptnr1_label_asym_id' 
7  3 'Structure model' '_pdbx_struct_conn_angle.ptnr1_label_atom_id' 
8  3 'Structure model' '_pdbx_struct_conn_angle.ptnr1_label_comp_id' 
9  3 'Structure model' '_pdbx_struct_conn_angle.ptnr1_label_seq_id'  
10 3 'Structure model' '_pdbx_struct_conn_angle.ptnr1_symmetry'      
11 3 'Structure model' '_pdbx_struct_conn_angle.ptnr3_auth_comp_id'  
12 3 'Structure model' '_pdbx_struct_conn_angle.ptnr3_auth_seq_id'   
13 3 'Structure model' '_pdbx_struct_conn_angle.ptnr3_label_alt_id'  
14 3 'Structure model' '_pdbx_struct_conn_angle.ptnr3_label_asym_id' 
15 3 'Structure model' '_pdbx_struct_conn_angle.ptnr3_label_atom_id' 
16 3 'Structure model' '_pdbx_struct_conn_angle.ptnr3_label_comp_id' 
17 3 'Structure model' '_pdbx_struct_conn_angle.ptnr3_label_seq_id'  
18 3 'Structure model' '_pdbx_struct_conn_angle.ptnr3_symmetry'      
19 3 'Structure model' '_pdbx_struct_conn_angle.value'               
20 3 'Structure model' '_struct_conn.pdbx_dist_value'                
21 3 'Structure model' '_struct_conn.pdbx_ptnr1_label_alt_id'        
22 3 'Structure model' '_struct_conn.ptnr1_auth_comp_id'             
23 3 'Structure model' '_struct_conn.ptnr1_auth_seq_id'              
24 3 'Structure model' '_struct_conn.ptnr1_label_asym_id'            
25 3 'Structure model' '_struct_conn.ptnr1_label_atom_id'            
26 3 'Structure model' '_struct_conn.ptnr1_label_comp_id'            
27 3 'Structure model' '_struct_conn.ptnr1_label_seq_id'             
28 3 'Structure model' '_struct_conn.ptnr2_auth_comp_id'             
29 3 'Structure model' '_struct_conn.ptnr2_auth_seq_id'              
30 3 'Structure model' '_struct_conn.ptnr2_label_asym_id'            
31 3 'Structure model' '_struct_conn.ptnr2_label_atom_id'            
32 3 'Structure model' '_struct_conn.ptnr2_label_comp_id'            
33 3 'Structure model' '_struct_conn.ptnr2_symmetry'                 
# 
_pdbx_database_status.entry_id                        5QRN 
_pdbx_database_status.status_code                     REL 
_pdbx_database_status.status_code_sf                  REL 
_pdbx_database_status.status_code_mr                  ? 
_pdbx_database_status.status_code_cs                  ? 
_pdbx_database_status.recvd_initial_deposition_date   2019-05-25 
_pdbx_database_status.deposit_site                    RCSB 
_pdbx_database_status.process_site                    RCSB 
_pdbx_database_status.SG_entry                        ? 
_pdbx_database_status.pdb_format_compatible           Y 
_pdbx_database_status.methods_development_category    ? 
_pdbx_database_status.status_code_nmr_data            ? 
# 
loop_
_audit_author.name 
_audit_author.pdbx_ordinal 
'Newman, J.A.'        1  
'Gavard, A.E.'        2  
'Fernandez-Cid, A.'   3  
'Sherestha, L.'       4  
'Burgess-Brown, N.A.' 5  
'von Delft, F.'       6  
'Arrowsmith, C.H.'    7  
'Edwards, A.'         8  
'Bountra, C.'         9  
'Gileadi, O.'         10 
# 
_citation.id                        primary 
_citation.title                     'PanDDA analysis group deposition' 
_citation.journal_abbrev            'To Be Published' 
_citation.journal_volume            ? 
_citation.page_first                ? 
_citation.page_last                 ? 
_citation.year                      ? 
_citation.journal_id_ASTM           ? 
_citation.country                   ? 
_citation.journal_id_ISSN           ? 
_citation.journal_id_CSD            0353 
_citation.book_publisher            ? 
_citation.pdbx_database_id_PubMed   ? 
_citation.pdbx_database_id_DOI      ? 
# 
loop_
_citation_author.citation_id 
_citation_author.name 
_citation_author.identifier_ORCID 
_citation_author.ordinal 
primary 'Newman, J.A.'        ? 1  
primary 'Gavard, A.E.'        ? 2  
primary 'Fernandez-Cid, A.'   ? 3  
primary 'Sherestha, L.'       ? 4  
primary 'Burgess-Brown, N.A.' ? 5  
primary 'von Delft, F.'       ? 6  
primary 'Arrowsmith, C.H.'    ? 7  
primary 'Edwards, A.'         ? 8  
primary 'Bountra, C.'         ? 9  
primary 'Gileadi, O.'         ? 10 
# 
loop_
_entity.id 
_entity.type 
_entity.src_method 
_entity.pdbx_description 
_entity.formula_weight 
_entity.pdbx_number_of_molecules 
_entity.pdbx_ec 
_entity.pdbx_mutation 
_entity.pdbx_fragment 
_entity.details 
1 polymer     man 'T-box transcription factor T'                   19597.586 1  ? ? ? ? 
2 non-polymer syn 'CADMIUM ION'                                    112.411   5  ? ? ? ? 
3 non-polymer syn '(2,6-difluorophenyl)(pyrrolidin-1-yl)methanone' 211.208   1  ? ? ? ? 
4 water       nat water                                            18.015    71 ? ? ? ? 
# 
_entity_name_com.entity_id   1 
_entity_name_com.name        'Brachyury protein,Protein T' 
# 
_entity_poly.entity_id                      1 
_entity_poly.type                           'polypeptide(L)' 
_entity_poly.nstd_linkage                   no 
_entity_poly.nstd_monomer                   no 
_entity_poly.pdbx_seq_one_letter_code       
;GELRVGLEESELWLRFKELTNEMIVTKNGRRMFPVLKVNVSGLDPNAMYSFLLDFVAADNHRWKYVNGEWVPGGKPEPQA
PSCVYIHPDSPNFGAHWMKAPVSFSKVKLTNKLNGGGQIMLNSLHKYEPRIHIVRVGGPQRMITSHCFPETQFIAVTAYQ
NEEITALKIKYN
;
_entity_poly.pdbx_seq_one_letter_code_can   
;GELRVGLEESELWLRFKELTNEMIVTKNGRRMFPVLKVNVSGLDPNAMYSFLLDFVAADNHRWKYVNGEWVPGGKPEPQA
PSCVYIHPDSPNFGAHWMKAPVSFSKVKLTNKLNGGGQIMLNSLHKYEPRIHIVRVGGPQRMITSHCFPETQFIAVTAYQ
NEEITALKIKYN
;
_entity_poly.pdbx_strand_id                 A 
_entity_poly.pdbx_target_identifier         ? 
# 
loop_
_pdbx_entity_nonpoly.entity_id 
_pdbx_entity_nonpoly.name 
_pdbx_entity_nonpoly.comp_id 
2 'CADMIUM ION'                                    CD  
3 '(2,6-difluorophenyl)(pyrrolidin-1-yl)methanone' NX7 
4 water                                            HOH 
# 
loop_
_entity_poly_seq.entity_id 
_entity_poly_seq.num 
_entity_poly_seq.mon_id 
_entity_poly_seq.hetero 
1 1   GLY n 
1 2   GLU n 
1 3   LEU n 
1 4   ARG n 
1 5   VAL n 
1 6   GLY n 
1 7   LEU n 
1 8   GLU n 
1 9   GLU n 
1 10  SER n 
1 11  GLU n 
1 12  LEU n 
1 13  TRP n 
1 14  LEU n 
1 15  ARG n 
1 16  PHE n 
1 17  LYS n 
1 18  GLU n 
1 19  LEU n 
1 20  THR n 
1 21  ASN n 
1 22  GLU n 
1 23  MET n 
1 24  ILE n 
1 25  VAL n 
1 26  THR n 
1 27  LYS n 
1 28  ASN n 
1 29  GLY n 
1 30  ARG n 
1 31  ARG n 
1 32  MET n 
1 33  PHE n 
1 34  PRO n 
1 35  VAL n 
1 36  LEU n 
1 37  LYS n 
1 38  VAL n 
1 39  ASN n 
1 40  VAL n 
1 41  SER n 
1 42  GLY n 
1 43  LEU n 
1 44  ASP n 
1 45  PRO n 
1 46  ASN n 
1 47  ALA n 
1 48  MET n 
1 49  TYR n 
1 50  SER n 
1 51  PHE n 
1 52  LEU n 
1 53  LEU n 
1 54  ASP n 
1 55  PHE n 
1 56  VAL n 
1 57  ALA n 
1 58  ALA n 
1 59  ASP n 
1 60  ASN n 
1 61  HIS n 
1 62  ARG n 
1 63  TRP n 
1 64  LYS n 
1 65  TYR n 
1 66  VAL n 
1 67  ASN n 
1 68  GLY n 
1 69  GLU n 
1 70  TRP n 
1 71  VAL n 
1 72  PRO n 
1 73  GLY n 
1 74  GLY n 
1 75  LYS n 
1 76  PRO n 
1 77  GLU n 
1 78  PRO n 
1 79  GLN n 
1 80  ALA n 
1 81  PRO n 
1 82  SER n 
1 83  CYS n 
1 84  VAL n 
1 85  TYR n 
1 86  ILE n 
1 87  HIS n 
1 88  PRO n 
1 89  ASP n 
1 90  SER n 
1 91  PRO n 
1 92  ASN n 
1 93  PHE n 
1 94  GLY n 
1 95  ALA n 
1 96  HIS n 
1 97  TRP n 
1 98  MET n 
1 99  LYS n 
1 100 ALA n 
1 101 PRO n 
1 102 VAL n 
1 103 SER n 
1 104 PHE n 
1 105 SER n 
1 106 LYS n 
1 107 VAL n 
1 108 LYS n 
1 109 LEU n 
1 110 THR n 
1 111 ASN n 
1 112 LYS n 
1 113 LEU n 
1 114 ASN n 
1 115 GLY n 
1 116 GLY n 
1 117 GLY n 
1 118 GLN n 
1 119 ILE n 
1 120 MET n 
1 121 LEU n 
1 122 ASN n 
1 123 SER n 
1 124 LEU n 
1 125 HIS n 
1 126 LYS n 
1 127 TYR n 
1 128 GLU n 
1 129 PRO n 
1 130 ARG n 
1 131 ILE n 
1 132 HIS n 
1 133 ILE n 
1 134 VAL n 
1 135 ARG n 
1 136 VAL n 
1 137 GLY n 
1 138 GLY n 
1 139 PRO n 
1 140 GLN n 
1 141 ARG n 
1 142 MET n 
1 143 ILE n 
1 144 THR n 
1 145 SER n 
1 146 HIS n 
1 147 CYS n 
1 148 PHE n 
1 149 PRO n 
1 150 GLU n 
1 151 THR n 
1 152 GLN n 
1 153 PHE n 
1 154 ILE n 
1 155 ALA n 
1 156 VAL n 
1 157 THR n 
1 158 ALA n 
1 159 TYR n 
1 160 GLN n 
1 161 ASN n 
1 162 GLU n 
1 163 GLU n 
1 164 ILE n 
1 165 THR n 
1 166 ALA n 
1 167 LEU n 
1 168 LYS n 
1 169 ILE n 
1 170 LYS n 
1 171 TYR n 
1 172 ASN n 
# 
_entity_src_gen.entity_id                          1 
_entity_src_gen.pdbx_src_id                        1 
_entity_src_gen.pdbx_alt_source_flag               sample 
_entity_src_gen.pdbx_seq_type                      'Biological sequence' 
_entity_src_gen.pdbx_beg_seq_num                   1 
_entity_src_gen.pdbx_end_seq_num                   172 
_entity_src_gen.gene_src_common_name               Human 
_entity_src_gen.gene_src_genus                     ? 
_entity_src_gen.pdbx_gene_src_gene                 'TBXT, T' 
_entity_src_gen.gene_src_species                   ? 
_entity_src_gen.gene_src_strain                    ? 
_entity_src_gen.gene_src_tissue                    ? 
_entity_src_gen.gene_src_tissue_fraction           ? 
_entity_src_gen.gene_src_details                   ? 
_entity_src_gen.pdbx_gene_src_fragment             ? 
_entity_src_gen.pdbx_gene_src_scientific_name      'Homo sapiens' 
_entity_src_gen.pdbx_gene_src_ncbi_taxonomy_id     9606 
_entity_src_gen.pdbx_gene_src_variant              ? 
_entity_src_gen.pdbx_gene_src_cell_line            ? 
_entity_src_gen.pdbx_gene_src_atcc                 ? 
_entity_src_gen.pdbx_gene_src_organ                ? 
_entity_src_gen.pdbx_gene_src_organelle            ? 
_entity_src_gen.pdbx_gene_src_cell                 ? 
_entity_src_gen.pdbx_gene_src_cellular_location    ? 
_entity_src_gen.host_org_common_name               ? 
_entity_src_gen.pdbx_host_org_scientific_name      'Escherichia coli' 
_entity_src_gen.pdbx_host_org_ncbi_taxonomy_id     562 
_entity_src_gen.host_org_genus                     ? 
_entity_src_gen.pdbx_host_org_gene                 ? 
_entity_src_gen.pdbx_host_org_organ                ? 
_entity_src_gen.host_org_species                   ? 
_entity_src_gen.pdbx_host_org_tissue               ? 
_entity_src_gen.pdbx_host_org_tissue_fraction      ? 
_entity_src_gen.pdbx_host_org_strain               ? 
_entity_src_gen.pdbx_host_org_variant              ? 
_entity_src_gen.pdbx_host_org_cell_line            ? 
_entity_src_gen.pdbx_host_org_atcc                 ? 
_entity_src_gen.pdbx_host_org_culture_collection   ? 
_entity_src_gen.pdbx_host_org_cell                 ? 
_entity_src_gen.pdbx_host_org_organelle            ? 
_entity_src_gen.pdbx_host_org_cellular_location    ? 
_entity_src_gen.pdbx_host_org_vector_type          ? 
_entity_src_gen.pdbx_host_org_vector               ? 
_entity_src_gen.host_org_details                   ? 
_entity_src_gen.expression_system_id               ? 
_entity_src_gen.plasmid_name                       ? 
_entity_src_gen.plasmid_details                    ? 
_entity_src_gen.pdbx_description                   ? 
# 
loop_
_chem_comp.id 
_chem_comp.type 
_chem_comp.mon_nstd_flag 
_chem_comp.name 
_chem_comp.pdbx_synonyms 
_chem_comp.formula 
_chem_comp.formula_weight 
ALA 'L-peptide linking' y ALANINE                                          ? 'C3 H7 N O2'     89.093  
ARG 'L-peptide linking' y ARGININE                                         ? 'C6 H15 N4 O2 1' 175.209 
ASN 'L-peptide linking' y ASPARAGINE                                       ? 'C4 H8 N2 O3'    132.118 
ASP 'L-peptide linking' y 'ASPARTIC ACID'                                  ? 'C4 H7 N O4'     133.103 
CD  non-polymer         . 'CADMIUM ION'                                    ? 'Cd 2'           112.411 
CYS 'L-peptide linking' y CYSTEINE                                         ? 'C3 H7 N O2 S'   121.158 
GLN 'L-peptide linking' y GLUTAMINE                                        ? 'C5 H10 N2 O3'   146.144 
GLU 'L-peptide linking' y 'GLUTAMIC ACID'                                  ? 'C5 H9 N O4'     147.129 
GLY 'peptide linking'   y GLYCINE                                          ? 'C2 H5 N O2'     75.067  
HIS 'L-peptide linking' y HISTIDINE                                        ? 'C6 H10 N3 O2 1' 156.162 
HOH non-polymer         . WATER                                            ? 'H2 O'           18.015  
ILE 'L-peptide linking' y ISOLEUCINE                                       ? 'C6 H13 N O2'    131.173 
LEU 'L-peptide linking' y LEUCINE                                          ? 'C6 H13 N O2'    131.173 
LYS 'L-peptide linking' y LYSINE                                           ? 'C6 H15 N2 O2 1' 147.195 
MET 'L-peptide linking' y METHIONINE                                       ? 'C5 H11 N O2 S'  149.211 
NX7 non-polymer         . '(2,6-difluorophenyl)(pyrrolidin-1-yl)methanone' ? 'C11 H11 F2 N O' 211.208 
PHE 'L-peptide linking' y PHENYLALANINE                                    ? 'C9 H11 N O2'    165.189 
PRO 'L-peptide linking' y PROLINE                                          ? 'C5 H9 N O2'     115.130 
SER 'L-peptide linking' y SERINE                                           ? 'C3 H7 N O3'     105.093 
THR 'L-peptide linking' y THREONINE                                        ? 'C4 H9 N O3'     119.119 
TRP 'L-peptide linking' y TRYPTOPHAN                                       ? 'C11 H12 N2 O2'  204.225 
TYR 'L-peptide linking' y TYROSINE                                         ? 'C9 H11 N O3'    181.189 
VAL 'L-peptide linking' y VALINE                                           ? 'C5 H11 N O2'    117.146 
# 
loop_
_pdbx_poly_seq_scheme.asym_id 
_pdbx_poly_seq_scheme.entity_id 
_pdbx_poly_seq_scheme.seq_id 
_pdbx_poly_seq_scheme.mon_id 
_pdbx_poly_seq_scheme.ndb_seq_num 
_pdbx_poly_seq_scheme.pdb_seq_num 
_pdbx_poly_seq_scheme.auth_seq_num 
_pdbx_poly_seq_scheme.pdb_mon_id 
_pdbx_poly_seq_scheme.auth_mon_id 
_pdbx_poly_seq_scheme.pdb_strand_id 
_pdbx_poly_seq_scheme.pdb_ins_code 
_pdbx_poly_seq_scheme.hetero 
A 1 1   GLY 1   40  ?   ?   ?   A . n 
A 1 2   GLU 2   41  41  GLU GLU A . n 
A 1 3   LEU 3   42  42  LEU LEU A . n 
A 1 4   ARG 4   43  43  ARG ARG A . n 
A 1 5   VAL 5   44  44  VAL VAL A . n 
A 1 6   GLY 6   45  45  GLY GLY A . n 
A 1 7   LEU 7   46  46  LEU LEU A . n 
A 1 8   GLU 8   47  47  GLU GLU A . n 
A 1 9   GLU 9   48  48  GLU GLU A . n 
A 1 10  SER 10  49  49  SER SER A . n 
A 1 11  GLU 11  50  50  GLU GLU A . n 
A 1 12  LEU 12  51  51  LEU LEU A . n 
A 1 13  TRP 13  52  52  TRP TRP A . n 
A 1 14  LEU 14  53  53  LEU LEU A . n 
A 1 15  ARG 15  54  54  ARG ARG A . n 
A 1 16  PHE 16  55  55  PHE PHE A . n 
A 1 17  LYS 17  56  56  LYS LYS A . n 
A 1 18  GLU 18  57  57  GLU GLU A . n 
A 1 19  LEU 19  58  58  LEU LEU A . n 
A 1 20  THR 20  59  59  THR THR A . n 
A 1 21  ASN 21  60  60  ASN ASN A . n 
A 1 22  GLU 22  61  61  GLU GLU A . n 
A 1 23  MET 23  62  62  MET MET A . n 
A 1 24  ILE 24  63  63  ILE ILE A . n 
A 1 25  VAL 25  64  64  VAL VAL A . n 
A 1 26  THR 26  65  65  THR THR A . n 
A 1 27  LYS 27  66  66  LYS LYS A . n 
A 1 28  ASN 28  67  67  ASN ASN A . n 
A 1 29  GLY 29  68  68  GLY GLY A . n 
A 1 30  ARG 30  69  69  ARG ARG A . n 
A 1 31  ARG 31  70  70  ARG ARG A . n 
A 1 32  MET 32  71  71  MET MET A . n 
A 1 33  PHE 33  72  72  PHE PHE A . n 
A 1 34  PRO 34  73  73  PRO PRO A . n 
A 1 35  VAL 35  74  74  VAL VAL A . n 
A 1 36  LEU 36  75  75  LEU LEU A . n 
A 1 37  LYS 37  76  76  LYS LYS A . n 
A 1 38  VAL 38  77  77  VAL VAL A . n 
A 1 39  ASN 39  78  78  ASN ASN A . n 
A 1 40  VAL 40  79  79  VAL VAL A . n 
A 1 41  SER 41  80  80  SER SER A . n 
A 1 42  GLY 42  81  81  GLY GLY A . n 
A 1 43  LEU 43  82  82  LEU LEU A . n 
A 1 44  ASP 44  83  83  ASP ASP A . n 
A 1 45  PRO 45  84  84  PRO PRO A . n 
A 1 46  ASN 46  85  85  ASN ASN A . n 
A 1 47  ALA 47  86  86  ALA ALA A . n 
A 1 48  MET 48  87  87  MET MET A . n 
A 1 49  TYR 49  88  88  TYR TYR A . n 
A 1 50  SER 50  89  89  SER SER A . n 
A 1 51  PHE 51  90  90  PHE PHE A . n 
A 1 52  LEU 52  91  91  LEU LEU A . n 
A 1 53  LEU 53  92  92  LEU LEU A . n 
A 1 54  ASP 54  93  93  ASP ASP A . n 
A 1 55  PHE 55  94  94  PHE PHE A . n 
A 1 56  VAL 56  95  95  VAL VAL A . n 
A 1 57  ALA 57  96  96  ALA ALA A . n 
A 1 58  ALA 58  97  97  ALA ALA A . n 
A 1 59  ASP 59  98  98  ASP ASP A . n 
A 1 60  ASN 60  99  99  ASN ASN A . n 
A 1 61  HIS 61  100 100 HIS HIS A . n 
A 1 62  ARG 62  101 101 ARG ARG A . n 
A 1 63  TRP 63  102 102 TRP TRP A . n 
A 1 64  LYS 64  103 103 LYS LYS A . n 
A 1 65  TYR 65  104 104 TYR TYR A . n 
A 1 66  VAL 66  105 105 VAL VAL A . n 
A 1 67  ASN 67  106 106 ASN ASN A . n 
A 1 68  GLY 68  107 107 GLY GLY A . n 
A 1 69  GLU 69  108 108 GLU GLU A . n 
A 1 70  TRP 70  109 109 TRP TRP A . n 
A 1 71  VAL 71  110 110 VAL VAL A . n 
A 1 72  PRO 72  111 111 PRO PRO A . n 
A 1 73  GLY 73  112 112 GLY GLY A . n 
A 1 74  GLY 74  113 113 GLY GLY A . n 
A 1 75  LYS 75  114 114 LYS LYS A . n 
A 1 76  PRO 76  115 115 PRO PRO A . n 
A 1 77  GLU 77  116 116 GLU GLU A . n 
A 1 78  PRO 78  117 117 PRO PRO A . n 
A 1 79  GLN 79  118 118 GLN GLN A . n 
A 1 80  ALA 80  119 119 ALA ALA A . n 
A 1 81  PRO 81  120 120 PRO PRO A . n 
A 1 82  SER 82  121 121 SER SER A . n 
A 1 83  CYS 83  122 122 CYS CYS A . n 
A 1 84  VAL 84  123 123 VAL VAL A . n 
A 1 85  TYR 85  124 124 TYR TYR A . n 
A 1 86  ILE 86  125 125 ILE ILE A . n 
A 1 87  HIS 87  126 126 HIS HIS A . n 
A 1 88  PRO 88  127 127 PRO PRO A . n 
A 1 89  ASP 89  128 128 ASP ASP A . n 
A 1 90  SER 90  129 129 SER SER A . n 
A 1 91  PRO 91  130 130 PRO PRO A . n 
A 1 92  ASN 92  131 131 ASN ASN A . n 
A 1 93  PHE 93  132 132 PHE PHE A . n 
A 1 94  GLY 94  133 133 GLY GLY A . n 
A 1 95  ALA 95  134 134 ALA ALA A . n 
A 1 96  HIS 96  135 135 HIS HIS A . n 
A 1 97  TRP 97  136 136 TRP TRP A . n 
A 1 98  MET 98  137 137 MET MET A . n 
A 1 99  LYS 99  138 138 LYS LYS A . n 
A 1 100 ALA 100 139 139 ALA ALA A . n 
A 1 101 PRO 101 140 140 PRO PRO A . n 
A 1 102 VAL 102 141 141 VAL VAL A . n 
A 1 103 SER 103 142 142 SER SER A . n 
A 1 104 PHE 104 143 143 PHE PHE A . n 
A 1 105 SER 105 144 144 SER SER A . n 
A 1 106 LYS 106 145 145 LYS LYS A . n 
A 1 107 VAL 107 146 146 VAL VAL A . n 
A 1 108 LYS 108 147 147 LYS LYS A . n 
A 1 109 LEU 109 148 148 LEU LEU A . n 
A 1 110 THR 110 149 149 THR THR A . n 
A 1 111 ASN 111 150 150 ASN ASN A . n 
A 1 112 LYS 112 151 151 LYS LYS A . n 
A 1 113 LEU 113 152 152 LEU LEU A . n 
A 1 114 ASN 114 153 153 ASN ASN A . n 
A 1 115 GLY 115 154 154 GLY GLY A . n 
A 1 116 GLY 116 155 155 GLY GLY A . n 
A 1 117 GLY 117 156 156 GLY GLY A . n 
A 1 118 GLN 118 157 157 GLN GLN A . n 
A 1 119 ILE 119 158 158 ILE ILE A . n 
A 1 120 MET 120 159 159 MET MET A . n 
A 1 121 LEU 121 160 160 LEU LEU A . n 
A 1 122 ASN 122 161 161 ASN ASN A . n 
A 1 123 SER 123 162 162 SER SER A . n 
A 1 124 LEU 124 163 163 LEU LEU A . n 
A 1 125 HIS 125 164 164 HIS HIS A . n 
A 1 126 LYS 126 165 165 LYS LYS A . n 
A 1 127 TYR 127 166 166 TYR TYR A . n 
A 1 128 GLU 128 167 167 GLU GLU A . n 
A 1 129 PRO 129 168 168 PRO PRO A . n 
A 1 130 ARG 130 169 169 ARG ARG A . n 
A 1 131 ILE 131 170 170 ILE ILE A . n 
A 1 132 HIS 132 171 171 HIS HIS A . n 
A 1 133 ILE 133 172 172 ILE ILE A . n 
A 1 134 VAL 134 173 173 VAL VAL A . n 
A 1 135 ARG 135 174 174 ARG ARG A . n 
A 1 136 VAL 136 175 175 VAL VAL A . n 
A 1 137 GLY 137 176 176 GLY GLY A . n 
A 1 138 GLY 138 177 177 GLY GLY A . n 
A 1 139 PRO 139 178 178 PRO PRO A . n 
A 1 140 GLN 140 179 179 GLN GLN A . n 
A 1 141 ARG 141 180 180 ARG ARG A . n 
A 1 142 MET 142 181 181 MET MET A . n 
A 1 143 ILE 143 182 182 ILE ILE A . n 
A 1 144 THR 144 183 183 THR THR A . n 
A 1 145 SER 145 184 184 SER SER A . n 
A 1 146 HIS 146 185 185 HIS HIS A . n 
A 1 147 CYS 147 186 186 CYS CYS A . n 
A 1 148 PHE 148 187 187 PHE PHE A . n 
A 1 149 PRO 149 188 188 PRO PRO A . n 
A 1 150 GLU 150 189 189 GLU GLU A . n 
A 1 151 THR 151 190 190 THR THR A . n 
A 1 152 GLN 152 191 191 GLN GLN A . n 
A 1 153 PHE 153 192 192 PHE PHE A . n 
A 1 154 ILE 154 193 193 ILE ILE A . n 
A 1 155 ALA 155 194 194 ALA ALA A . n 
A 1 156 VAL 156 195 195 VAL VAL A . n 
A 1 157 THR 157 196 196 THR THR A . n 
A 1 158 ALA 158 197 197 ALA ALA A . n 
A 1 159 TYR 159 198 198 TYR TYR A . n 
A 1 160 GLN 160 199 199 GLN GLN A . n 
A 1 161 ASN 161 200 200 ASN ASN A . n 
A 1 162 GLU 162 201 201 GLU GLU A . n 
A 1 163 GLU 163 202 202 GLU GLU A . n 
A 1 164 ILE 164 203 203 ILE ILE A . n 
A 1 165 THR 165 204 204 THR THR A . n 
A 1 166 ALA 166 205 205 ALA ALA A . n 
A 1 167 LEU 167 206 206 LEU LEU A . n 
A 1 168 LYS 168 207 207 LYS LYS A . n 
A 1 169 ILE 169 208 208 ILE ILE A . n 
A 1 170 LYS 170 209 209 LYS LYS A . n 
A 1 171 TYR 171 210 210 TYR TYR A . n 
A 1 172 ASN 172 211 211 ASN ASN A . n 
# 
loop_
_pdbx_nonpoly_scheme.asym_id 
_pdbx_nonpoly_scheme.entity_id 
_pdbx_nonpoly_scheme.mon_id 
_pdbx_nonpoly_scheme.ndb_seq_num 
_pdbx_nonpoly_scheme.pdb_seq_num 
_pdbx_nonpoly_scheme.auth_seq_num 
_pdbx_nonpoly_scheme.pdb_mon_id 
_pdbx_nonpoly_scheme.auth_mon_id 
_pdbx_nonpoly_scheme.pdb_strand_id 
_pdbx_nonpoly_scheme.pdb_ins_code 
B 2 CD  1  301 1  CD  CD  A . 
C 2 CD  1  302 2  CD  CD  A . 
D 2 CD  1  303 3  CD  CD  A . 
E 2 CD  1  304 4  CD  CD  A . 
F 2 CD  1  305 5  CD  CD  A . 
G 3 NX7 1  306 1  NX7 LIG A . 
H 4 HOH 1  401 79 HOH HOH A . 
H 4 HOH 2  402 21 HOH HOH A . 
H 4 HOH 3  403 61 HOH HOH A . 
H 4 HOH 4  404 48 HOH HOH A . 
H 4 HOH 5  405 58 HOH HOH A . 
H 4 HOH 6  406 24 HOH HOH A . 
H 4 HOH 7  407 53 HOH HOH A . 
H 4 HOH 8  408 45 HOH HOH A . 
H 4 HOH 9  409 68 HOH HOH A . 
H 4 HOH 10 410 32 HOH HOH A . 
H 4 HOH 11 411 14 HOH HOH A . 
H 4 HOH 12 412 16 HOH HOH A . 
H 4 HOH 13 413 54 HOH HOH A . 
H 4 HOH 14 414 51 HOH HOH A . 
H 4 HOH 15 415 44 HOH HOH A . 
H 4 HOH 16 416 17 HOH HOH A . 
H 4 HOH 17 417 41 HOH HOH A . 
H 4 HOH 18 418 52 HOH HOH A . 
H 4 HOH 19 419 71 HOH HOH A . 
H 4 HOH 20 420 50 HOH HOH A . 
H 4 HOH 21 421 70 HOH HOH A . 
H 4 HOH 22 422 18 HOH HOH A . 
H 4 HOH 23 423 10 HOH HOH A . 
H 4 HOH 24 424 52 HOH HOH A . 
H 4 HOH 25 425 47 HOH HOH A . 
H 4 HOH 26 426 4  HOH HOH A . 
H 4 HOH 27 427 33 HOH HOH A . 
H 4 HOH 28 428 49 HOH HOH A . 
H 4 HOH 29 429 31 HOH HOH A . 
H 4 HOH 30 430 45 HOH HOH A . 
H 4 HOH 31 431 56 HOH HOH A . 
H 4 HOH 32 432 63 HOH HOH A . 
H 4 HOH 33 433 67 HOH HOH A . 
H 4 HOH 34 434 6  HOH HOH A . 
H 4 HOH 35 435 1  HOH HOH A . 
H 4 HOH 36 436 60 HOH HOH A . 
H 4 HOH 37 437 69 HOH HOH A . 
H 4 HOH 38 438 75 HOH HOH A . 
H 4 HOH 39 439 73 HOH HOH A . 
H 4 HOH 40 440 55 HOH HOH A . 
H 4 HOH 41 441 66 HOH HOH A . 
H 4 HOH 42 442 8  HOH HOH A . 
H 4 HOH 43 443 8  HOH HOH A . 
H 4 HOH 44 444 57 HOH HOH A . 
H 4 HOH 45 445 1  HOH HOH A . 
H 4 HOH 46 446 14 HOH HOH A . 
H 4 HOH 47 447 28 HOH HOH A . 
H 4 HOH 48 448 30 HOH HOH A . 
H 4 HOH 49 449 12 HOH HOH A . 
H 4 HOH 50 450 23 HOH HOH A . 
H 4 HOH 51 451 64 HOH HOH A . 
H 4 HOH 52 452 2  HOH HOH A . 
H 4 HOH 53 453 46 HOH HOH A . 
H 4 HOH 54 454 77 HOH HOH A . 
H 4 HOH 55 455 4  HOH HOH A . 
H 4 HOH 56 456 65 HOH HOH A . 
H 4 HOH 57 457 15 HOH HOH A . 
H 4 HOH 58 458 6  HOH HOH A . 
H 4 HOH 59 459 7  HOH HOH A . 
H 4 HOH 60 460 3  HOH HOH A . 
H 4 HOH 61 461 72 HOH HOH A . 
H 4 HOH 62 462 3  HOH HOH A . 
H 4 HOH 63 463 5  HOH HOH A . 
H 4 HOH 64 464 10 HOH HOH A . 
H 4 HOH 65 465 59 HOH HOH A . 
H 4 HOH 66 466 62 HOH HOH A . 
H 4 HOH 67 467 43 HOH HOH A . 
H 4 HOH 68 468 78 HOH HOH A . 
H 4 HOH 69 469 16 HOH HOH A . 
H 4 HOH 70 470 17 HOH HOH A . 
H 4 HOH 71 471 18 HOH HOH A . 
# 
loop_
_pdbx_unobs_or_zero_occ_atoms.id 
_pdbx_unobs_or_zero_occ_atoms.PDB_model_num 
_pdbx_unobs_or_zero_occ_atoms.polymer_flag 
_pdbx_unobs_or_zero_occ_atoms.occupancy_flag 
_pdbx_unobs_or_zero_occ_atoms.auth_asym_id 
_pdbx_unobs_or_zero_occ_atoms.auth_comp_id 
_pdbx_unobs_or_zero_occ_atoms.auth_seq_id 
_pdbx_unobs_or_zero_occ_atoms.PDB_ins_code 
_pdbx_unobs_or_zero_occ_atoms.auth_atom_id 
_pdbx_unobs_or_zero_occ_atoms.label_alt_id 
_pdbx_unobs_or_zero_occ_atoms.label_asym_id 
_pdbx_unobs_or_zero_occ_atoms.label_comp_id 
_pdbx_unobs_or_zero_occ_atoms.label_seq_id 
_pdbx_unobs_or_zero_occ_atoms.label_atom_id 
1 1 Y 1 A ARG 43 ? CG  ? A ARG 4 CG  
2 1 Y 1 A ARG 43 ? CD  ? A ARG 4 CD  
3 1 Y 1 A ARG 43 ? NE  ? A ARG 4 NE  
4 1 Y 1 A ARG 43 ? CZ  ? A ARG 4 CZ  
5 1 Y 1 A ARG 43 ? NH1 ? A ARG 4 NH1 
6 1 Y 1 A ARG 43 ? NH2 ? A ARG 4 NH2 
# 
loop_
_software.pdbx_ordinal 
_software.name 
_software.version 
_software.date 
_software.type 
_software.contact_author 
_software.contact_author_email 
_software.classification 
_software.location 
_software.language 
_software.citation_id 
1 REFMAC      5.8.0238 ?               program 'Garib N. Murshudov' garib@ysbl.york.ac.uk    refinement        
http://www.ccp4.ac.uk/dist/html/refmac5.html        Fortran_77 ? 
2 Aimless     0.7.1    27/03/18        program 'Phil Evans'         ?                        'data scaling'    
http://www.mrc-lmb.cam.ac.uk/harry/pre/aimless.html ?          ? 
3 PDB_EXTRACT 3.23     'SEP. 23, 2016' package PDB                  deposit@deposit.rcsb.org 'data extraction' 
http://sw-tools.pdb.org/apps/PDB_EXTRACT/           C++        ? 
4 XDS         .        ?               program ?                    ?                        'data reduction'  ? ?          ? 
5 REFMAC      .        ?               program ?                    ?                        phasing           ? ?          ? 
# 
_cell.entry_id           5QRN 
_cell.length_a           59.823 
_cell.length_b           59.823 
_cell.length_c           110.552 
_cell.angle_alpha        90.000 
_cell.angle_beta         90.000 
_cell.angle_gamma        90.000 
_cell.Z_PDB              8 
_cell.pdbx_unique_axis   ? 
# 
_symmetry.entry_id                         5QRN 
_symmetry.Int_Tables_number                91 
_symmetry.space_group_name_H-M             'P 41 2 2' 
_symmetry.pdbx_full_space_group_name_H-M   ? 
_symmetry.cell_setting                     ? 
# 
_exptl.crystals_number   1 
_exptl.entry_id          5QRN 
_exptl.method            'X-RAY DIFFRACTION' 
# 
_exptl_crystal.id                    1 
_exptl_crystal.pdbx_mosaicity        0.000 
_exptl_crystal.pdbx_mosaicity_esd    ? 
_exptl_crystal.density_Matthews      2.52 
_exptl_crystal.density_diffrn        ? 
_exptl_crystal.density_meas          ? 
_exptl_crystal.density_meas_temp     ? 
_exptl_crystal.density_percent_sol   51.26 
_exptl_crystal.size_max              ? 
_exptl_crystal.size_mid              ? 
_exptl_crystal.size_min              ? 
_exptl_crystal.size_rad              ? 
_exptl_crystal.description           ? 
# 
_exptl_crystal_grow.crystal_id      1 
_exptl_crystal_grow.method          'VAPOR DIFFUSION, SITTING DROP' 
_exptl_crystal_grow.pH              4.5 
_exptl_crystal_grow.temp            298 
_exptl_crystal_grow.pdbx_details    '0.1 M CdCl, 0.1 M Acetate pH 4.5, 32% PEG 400' 
_exptl_crystal_grow.temp_details    ? 
_exptl_crystal_grow.pdbx_pH_range   ? 
# 
_diffrn.id                     1 
_diffrn.ambient_temp           100 
_diffrn.crystal_id             1 
_diffrn.ambient_temp_details   ? 
# 
_diffrn_detector.detector               PIXEL 
_diffrn_detector.type                   'DECTRIS PILATUS 6M' 
_diffrn_detector.pdbx_collection_date   2018-07-15 
_diffrn_detector.diffrn_id              1 
_diffrn_detector.details                ? 
# 
_diffrn_radiation.diffrn_id                        1 
_diffrn_radiation.wavelength_id                    1 
_diffrn_radiation.pdbx_diffrn_protocol             'SINGLE WAVELENGTH' 
_diffrn_radiation.pdbx_monochromatic_or_laue_m_l   M 
_diffrn_radiation.monochromator                    ? 
_diffrn_radiation.pdbx_scattering_type             x-ray 
# 
_diffrn_radiation_wavelength.id           1 
_diffrn_radiation_wavelength.wavelength   0.91587 
_diffrn_radiation_wavelength.wt           1.0 
# 
_diffrn_source.diffrn_id                   1 
_diffrn_source.source                      SYNCHROTRON 
_diffrn_source.type                        'DIAMOND BEAMLINE I04-1' 
_diffrn_source.pdbx_wavelength_list        0.91587 
_diffrn_source.pdbx_synchrotron_site       Diamond 
_diffrn_source.pdbx_synchrotron_beamline   I04-1 
_diffrn_source.pdbx_wavelength             ? 
# 
_reflns.entry_id                     5QRN 
_reflns.pdbx_diffrn_id               1 
_reflns.pdbx_ordinal                 1 
_reflns.observed_criterion_sigma_I   ? 
_reflns.observed_criterion_sigma_F   ? 
_reflns.d_resolution_low             55.270 
_reflns.d_resolution_high            1.620 
_reflns.number_obs                   26364 
_reflns.number_all                   ? 
_reflns.percent_possible_obs         100.000 
_reflns.pdbx_Rmerge_I_obs            0.095 
_reflns.pdbx_Rsym_value              ? 
_reflns.pdbx_netI_over_sigmaI        11.900 
_reflns.B_iso_Wilson_estimate        ? 
_reflns.pdbx_redundancy              12.400 
_reflns.pdbx_Rrim_I_all              0.100 
_reflns.pdbx_Rpim_I_all              0.028 
_reflns.pdbx_CC_half                 0.997 
_reflns.pdbx_netI_over_av_sigmaI     ? 
_reflns.pdbx_number_measured_all     327880 
_reflns.pdbx_scaling_rejects         295 
_reflns.pdbx_chi_squared             ? 
_reflns.Rmerge_F_all                 ? 
_reflns.Rmerge_F_obs                 ? 
_reflns.observed_criterion_F_max     ? 
_reflns.observed_criterion_F_min     ? 
_reflns.observed_criterion_I_max     ? 
_reflns.observed_criterion_I_min     ? 
_reflns.pdbx_d_res_high_opt          ? 
_reflns.pdbx_d_res_low_opt           ? 
_reflns.details                      ? 
# 
loop_
_reflns_shell.pdbx_diffrn_id 
_reflns_shell.pdbx_ordinal 
_reflns_shell.d_res_high 
_reflns_shell.d_res_low 
_reflns_shell.number_measured_obs 
_reflns_shell.number_measured_all 
_reflns_shell.number_unique_obs 
_reflns_shell.pdbx_rejects 
_reflns_shell.Rmerge_I_obs 
_reflns_shell.meanI_over_sigI_obs 
_reflns_shell.pdbx_Rsym_value 
_reflns_shell.pdbx_chi_squared 
_reflns_shell.pdbx_redundancy 
_reflns_shell.percent_possible_obs 
_reflns_shell.pdbx_netI_over_sigmaI_obs 
_reflns_shell.number_possible 
_reflns_shell.number_unique_all 
_reflns_shell.Rmerge_F_all 
_reflns_shell.Rmerge_F_obs 
_reflns_shell.Rmerge_I_all 
_reflns_shell.meanI_over_sigI_all 
_reflns_shell.percent_possible_all 
_reflns_shell.pdbx_Rrim_I_all 
_reflns_shell.pdbx_Rpim_I_all 
_reflns_shell.pdbx_CC_half 
1 1 1.620 1.660  ? 22613 ? ? 1.966 ? ? ? 11.800 ? 1.100  ? 1915 ? ? ? ? 100.000 2.056 0.592 0.640 
1 2 7.250 55.270 ? 3990  ? ? 0.063 ? ? ? 10.600 ? 31.800 ? 378  ? ? ? ? 99.800  0.066 0.020 0.997 
# 
_refine.entry_id                                 5QRN 
_refine.pdbx_refine_id                           'X-RAY DIFFRACTION' 
_refine.ls_d_res_high                            1.6200 
_refine.ls_d_res_low                             52.6700 
_refine.pdbx_ls_sigma_F                          0.000 
_refine.pdbx_data_cutoff_high_absF               ? 
_refine.pdbx_data_cutoff_low_absF                ? 
_refine.ls_percent_reflns_obs                    99.8700 
_refine.ls_number_reflns_obs                     24997 
_refine.ls_number_reflns_all                     ? 
_refine.pdbx_ls_cross_valid_method               THROUGHOUT 
_refine.ls_matrix_type                           ? 
_refine.pdbx_R_Free_selection_details            RANDOM 
_refine.details                                  
'HYDROGENS HAVE BEEN ADDED IN THE RIDING POSITIONS U VALUES      : REFINED INDIVIDUALLY' 
_refine.ls_R_factor_all                          ? 
_refine.ls_R_factor_obs                          0.2233 
_refine.ls_R_factor_R_work                       0.2219 
_refine.ls_wR_factor_R_work                      ? 
_refine.ls_R_factor_R_free                       0.2531 
_refine.ls_wR_factor_R_free                      ? 
_refine.ls_percent_reflns_R_free                 4.9000 
_refine.ls_number_reflns_R_free                  1298 
_refine.ls_number_reflns_R_work                  ? 
_refine.ls_R_factor_R_free_error                 ? 
_refine.B_iso_mean                               37.4480 
_refine.solvent_model_param_bsol                 ? 
_refine.solvent_model_param_ksol                 ? 
_refine.pdbx_isotropic_thermal_model             ? 
_refine.aniso_B[1][1]                            1.0400 
_refine.aniso_B[2][2]                            1.0400 
_refine.aniso_B[3][3]                            -2.0800 
_refine.aniso_B[1][2]                            -0.0000 
_refine.aniso_B[1][3]                            -0.0000 
_refine.aniso_B[2][3]                            -0.0000 
_refine.correlation_coeff_Fo_to_Fc               0.9580 
_refine.correlation_coeff_Fo_to_Fc_free          0.9410 
_refine.overall_SU_R_Cruickshank_DPI             ? 
_refine.pdbx_overall_SU_R_free_Cruickshank_DPI   ? 
_refine.pdbx_overall_SU_R_Blow_DPI               ? 
_refine.pdbx_overall_SU_R_free_Blow_DPI          ? 
_refine.overall_SU_R_free                        ? 
_refine.pdbx_overall_ESU_R                       0.1060 
_refine.pdbx_overall_ESU_R_Free                  0.1040 
_refine.overall_SU_ML                            0.0890 
_refine.overall_SU_B                             2.7180 
_refine.solvent_model_details                    MASK 
_refine.pdbx_solvent_vdw_probe_radii             1.2000 
_refine.pdbx_solvent_ion_probe_radii             0.8000 
_refine.pdbx_solvent_shrinkage_radii             0.8000 
_refine.ls_number_parameters                     ? 
_refine.ls_number_restraints                     ? 
_refine.pdbx_starting_model                      6f58 
_refine.pdbx_method_to_determine_struct          'FOURIER SYNTHESIS' 
_refine.pdbx_stereochemistry_target_values       'MAXIMUM LIKELIHOOD' 
_refine.pdbx_stereochem_target_val_spec_case     ? 
_refine.overall_FOM_work_R_set                   ? 
_refine.B_iso_max                                111.040 
_refine.B_iso_min                                17.680 
_refine.pdbx_overall_phase_error                 ? 
_refine.occupancy_max                            ? 
_refine.occupancy_min                            ? 
_refine.pdbx_diffrn_id                           1 
_refine.pdbx_TLS_residual_ADP_flag               ? 
_refine.pdbx_ls_sigma_I                          ? 
_refine.pdbx_data_cutoff_high_rms_absF           ? 
_refine.ls_R_factor_R_free_error_details         ? 
# 
_refine_hist.cycle_id                         final 
_refine_hist.pdbx_refine_id                   'X-RAY DIFFRACTION' 
_refine_hist.d_res_high                       1.6200 
_refine_hist.d_res_low                        52.6700 
_refine_hist.pdbx_number_atoms_ligand         19 
_refine_hist.number_atoms_solvent             71 
_refine_hist.number_atoms_total               1459 
_refine_hist.pdbx_number_residues_total       172 
_refine_hist.pdbx_B_iso_mean_ligand           54.64 
_refine_hist.pdbx_B_iso_mean_solvent          37.43 
_refine_hist.pdbx_number_atoms_protein        1369 
_refine_hist.pdbx_number_atoms_nucleic_acid   0 
# 
loop_
_refine_ls_restr.pdbx_refine_id 
_refine_ls_restr.type 
_refine_ls_restr.number 
_refine_ls_restr.dev_ideal 
_refine_ls_restr.dev_ideal_target 
_refine_ls_restr.weight 
_refine_ls_restr.pdbx_restraint_function 
'X-RAY DIFFRACTION' r_bond_refined_d       1604 0.011  0.013  ? ? 
'X-RAY DIFFRACTION' r_bond_other_d         1383 0.001  0.017  ? ? 
'X-RAY DIFFRACTION' r_angle_refined_deg    2095 1.760  1.672  ? ? 
'X-RAY DIFFRACTION' r_angle_other_deg      3235 1.371  1.592  ? ? 
'X-RAY DIFFRACTION' r_dihedral_angle_1_deg 189  7.854  5.000  ? ? 
'X-RAY DIFFRACTION' r_dihedral_angle_2_deg 74   32.405 22.973 ? ? 
'X-RAY DIFFRACTION' r_dihedral_angle_3_deg 247  17.717 15.000 ? ? 
'X-RAY DIFFRACTION' r_dihedral_angle_4_deg 7    15.812 15.000 ? ? 
'X-RAY DIFFRACTION' r_chiral_restr         188  0.083  0.200  ? ? 
'X-RAY DIFFRACTION' r_gen_planes_refined   1818 0.010  0.020  ? ? 
'X-RAY DIFFRACTION' r_gen_planes_other     315  0.002  0.020  ? ? 
'X-RAY DIFFRACTION' r_mcbond_it            777  3.524  3.756  ? ? 
'X-RAY DIFFRACTION' r_mcbond_other         772  3.535  3.739  ? ? 
'X-RAY DIFFRACTION' r_mcangle_it           937  5.179  5.636  ? ? 
# 
_refine_ls_shell.d_res_high                       1.6200 
_refine_ls_shell.d_res_low                        1.6620 
_refine_ls_shell.pdbx_total_number_of_bins_used   20 
_refine_ls_shell.percent_reflns_obs               99.3700 
_refine_ls_shell.number_reflns_R_work             1783 
_refine_ls_shell.R_factor_all                     ? 
_refine_ls_shell.R_factor_R_work                  0.3400 
_refine_ls_shell.R_factor_R_free                  0.2910 
_refine_ls_shell.percent_reflns_R_free            ? 
_refine_ls_shell.number_reflns_R_free             109 
_refine_ls_shell.R_factor_R_free_error            ? 
_refine_ls_shell.number_reflns_all                1892 
_refine_ls_shell.number_reflns_obs                ? 
_refine_ls_shell.pdbx_refine_id                   'X-RAY DIFFRACTION' 
# 
_struct.entry_id                  5QRN 
_struct.title                     
'PanDDA analysis group deposition -- Crystal Structure of human Brachyury in complex with Z54226006' 
_struct.pdbx_model_details        ? 
_struct.pdbx_CASP_flag            ? 
_struct.pdbx_model_type_details   ? 
# 
_struct_keywords.entry_id        5QRN 
_struct_keywords.text            'SGC - Diamond I04-1 fragment screening, PanDDA, XChemExplorer, TRANSCRIPTION' 
_struct_keywords.pdbx_keywords   TRANSCRIPTION 
# 
loop_
_struct_asym.id 
_struct_asym.pdbx_blank_PDB_chainid_flag 
_struct_asym.pdbx_modified 
_struct_asym.entity_id 
_struct_asym.details 
A N N 1 ? 
B N N 2 ? 
C N N 2 ? 
D N N 2 ? 
E N N 2 ? 
F N N 2 ? 
G N N 3 ? 
H N N 4 ? 
# 
_struct_ref.id                         1 
_struct_ref.db_name                    UNP 
_struct_ref.db_code                    TBXT_HUMAN 
_struct_ref.pdbx_db_accession          O15178 
_struct_ref.pdbx_db_isoform            ? 
_struct_ref.entity_id                  1 
_struct_ref.pdbx_seq_one_letter_code   
;ELRVGLEESELWLRFKELTNEMIVTKNGRRMFPVLKVNVSGLDPNAMYSFLLDFVAADNHRWKYVNGEWVPGGKPEPQAP
SCVYIHPDSPNFGAHWMKAPVSFSKVKLTNKLNGGGQIMLNSLHKYEPRIHIVRVGGPQRMITSHCFPETQFIAVTAYQN
EEITALKIKYN
;
_struct_ref.pdbx_align_begin           41 
# 
_struct_ref_seq.align_id                      1 
_struct_ref_seq.ref_id                        1 
_struct_ref_seq.pdbx_PDB_id_code              5QRN 
_struct_ref_seq.pdbx_strand_id                A 
_struct_ref_seq.seq_align_beg                 2 
_struct_ref_seq.pdbx_seq_align_beg_ins_code   ? 
_struct_ref_seq.seq_align_end                 172 
_struct_ref_seq.pdbx_seq_align_end_ins_code   ? 
_struct_ref_seq.pdbx_db_accession             O15178 
_struct_ref_seq.db_align_beg                  41 
_struct_ref_seq.pdbx_db_align_beg_ins_code    ? 
_struct_ref_seq.db_align_end                  211 
_struct_ref_seq.pdbx_db_align_end_ins_code    ? 
_struct_ref_seq.pdbx_auth_seq_align_beg       41 
_struct_ref_seq.pdbx_auth_seq_align_end       211 
# 
_struct_ref_seq_dif.align_id                     1 
_struct_ref_seq_dif.pdbx_pdb_id_code             5QRN 
_struct_ref_seq_dif.mon_id                       GLY 
_struct_ref_seq_dif.pdbx_pdb_strand_id           A 
_struct_ref_seq_dif.seq_num                      1 
_struct_ref_seq_dif.pdbx_pdb_ins_code            ? 
_struct_ref_seq_dif.pdbx_seq_db_name             UNP 
_struct_ref_seq_dif.pdbx_seq_db_accession_code   O15178 
_struct_ref_seq_dif.db_mon_id                    ? 
_struct_ref_seq_dif.pdbx_seq_db_seq_num          ? 
_struct_ref_seq_dif.details                      'expression tag' 
_struct_ref_seq_dif.pdbx_auth_seq_num            40 
_struct_ref_seq_dif.pdbx_ordinal                 1 
# 
_pdbx_struct_assembly.id                   1 
_pdbx_struct_assembly.details              author_defined_assembly 
_pdbx_struct_assembly.method_details       ? 
_pdbx_struct_assembly.oligomeric_details   monomeric 
_pdbx_struct_assembly.oligomeric_count     1 
# 
_pdbx_struct_assembly_gen.assembly_id       1 
_pdbx_struct_assembly_gen.oper_expression   1 
_pdbx_struct_assembly_gen.asym_id_list      A,B,C,D,E,F,G,H 
# 
_pdbx_struct_oper_list.id                   1 
_pdbx_struct_oper_list.type                 'identity operation' 
_pdbx_struct_oper_list.name                 1_555 
_pdbx_struct_oper_list.symmetry_operation   x,y,z 
_pdbx_struct_oper_list.matrix[1][1]         1.0000000000 
_pdbx_struct_oper_list.matrix[1][2]         0.0000000000 
_pdbx_struct_oper_list.matrix[1][3]         0.0000000000 
_pdbx_struct_oper_list.vector[1]            0.0000000000 
_pdbx_struct_oper_list.matrix[2][1]         0.0000000000 
_pdbx_struct_oper_list.matrix[2][2]         1.0000000000 
_pdbx_struct_oper_list.matrix[2][3]         0.0000000000 
_pdbx_struct_oper_list.vector[2]            0.0000000000 
_pdbx_struct_oper_list.matrix[3][1]         0.0000000000 
_pdbx_struct_oper_list.matrix[3][2]         0.0000000000 
_pdbx_struct_oper_list.matrix[3][3]         1.0000000000 
_pdbx_struct_oper_list.vector[3]            0.0000000000 
# 
loop_
_struct_conf.conf_type_id 
_struct_conf.id 
_struct_conf.pdbx_PDB_helix_id 
_struct_conf.beg_label_comp_id 
_struct_conf.beg_label_asym_id 
_struct_conf.beg_label_seq_id 
_struct_conf.pdbx_beg_PDB_ins_code 
_struct_conf.end_label_comp_id 
_struct_conf.end_label_asym_id 
_struct_conf.end_label_seq_id 
_struct_conf.pdbx_end_PDB_ins_code 
_struct_conf.beg_auth_comp_id 
_struct_conf.beg_auth_asym_id 
_struct_conf.beg_auth_seq_id 
_struct_conf.end_auth_comp_id 
_struct_conf.end_auth_asym_id 
_struct_conf.end_auth_seq_id 
_struct_conf.pdbx_PDB_helix_class 
_struct_conf.details 
_struct_conf.pdbx_PDB_helix_length 
HELX_P HELX_P1 AA1 GLU A 9   ? LEU A 19  ? GLU A 48  LEU A 58  1 ? 11 
HELX_P HELX_P2 AA2 GLY A 94  ? LYS A 99  ? GLY A 133 LYS A 138 1 ? 6  
HELX_P HELX_P3 AA3 PRO A 149 ? GLN A 152 ? PRO A 188 GLN A 191 5 ? 4  
HELX_P HELX_P4 AA4 ASN A 161 ? ASN A 172 ? ASN A 200 ASN A 211 1 ? 12 
# 
_struct_conf_type.id          HELX_P 
_struct_conf_type.criteria    ? 
_struct_conf_type.reference   ? 
# 
loop_
_struct_conn.id 
_struct_conn.conn_type_id 
_struct_conn.pdbx_leaving_atom_flag 
_struct_conn.pdbx_PDB_id 
_struct_conn.ptnr1_label_asym_id 
_struct_conn.ptnr1_label_comp_id 
_struct_conn.ptnr1_label_seq_id 
_struct_conn.ptnr1_label_atom_id 
_struct_conn.pdbx_ptnr1_label_alt_id 
_struct_conn.pdbx_ptnr1_PDB_ins_code 
_struct_conn.pdbx_ptnr1_standard_comp_id 
_struct_conn.ptnr1_symmetry 
_struct_conn.ptnr2_label_asym_id 
_struct_conn.ptnr2_label_comp_id 
_struct_conn.ptnr2_label_seq_id 
_struct_conn.ptnr2_label_atom_id 
_struct_conn.pdbx_ptnr2_label_alt_id 
_struct_conn.pdbx_ptnr2_PDB_ins_code 
_struct_conn.ptnr1_auth_asym_id 
_struct_conn.ptnr1_auth_comp_id 
_struct_conn.ptnr1_auth_seq_id 
_struct_conn.ptnr2_auth_asym_id 
_struct_conn.ptnr2_auth_comp_id 
_struct_conn.ptnr2_auth_seq_id 
_struct_conn.ptnr2_symmetry 
_struct_conn.pdbx_ptnr3_label_atom_id 
_struct_conn.pdbx_ptnr3_label_seq_id 
_struct_conn.pdbx_ptnr3_label_comp_id 
_struct_conn.pdbx_ptnr3_label_asym_id 
_struct_conn.pdbx_ptnr3_label_alt_id 
_struct_conn.pdbx_ptnr3_PDB_ins_code 
_struct_conn.details 
_struct_conn.pdbx_dist_value 
_struct_conn.pdbx_value_order 
_struct_conn.pdbx_role 
metalc1  metalc ? ? A HIS 61  NE2 ? ? ? 1_555 E CD  . CD ? ? A HIS 100 A CD  304 1_555 ? ? ? ? ? ? ? 2.182 ? ? 
metalc2  metalc ? ? A CYS 83  SG  ? ? ? 1_555 D CD  . CD ? ? A CYS 122 A CD  303 1_555 ? ? ? ? ? ? ? 2.662 ? ? 
metalc3  metalc ? ? A CYS 83  SG  ? ? ? 1_555 F CD  . CD ? ? A CYS 122 A CD  305 1_555 ? ? ? ? ? ? ? 2.425 ? ? 
metalc4  metalc ? ? A GLU 128 OE1 ? ? ? 1_555 B CD  . CD ? ? A GLU 167 A CD  301 1_555 ? ? ? ? ? ? ? 2.368 ? ? 
metalc5  metalc ? ? A GLU 128 OE1 ? ? ? 1_555 B CD  . CD ? ? A GLU 167 A CD  301 5_655 ? ? ? ? ? ? ? 2.369 ? ? 
metalc6  metalc ? ? A GLU 128 OE2 ? ? ? 1_555 C CD  . CD ? ? A GLU 167 A CD  302 1_555 ? ? ? ? ? ? ? 2.222 ? ? 
metalc7  metalc ? ? A CYS 147 SG  A ? ? 1_555 B CD  . CD ? ? A CYS 186 A CD  301 1_555 ? ? ? ? ? ? ? 2.490 ? ? 
metalc8  metalc ? ? A CYS 147 SG  B ? ? 1_555 B CD  . CD ? ? A CYS 186 A CD  301 1_555 ? ? ? ? ? ? ? 2.530 ? ? 
metalc9  metalc ? ? A CYS 147 SG  A ? ? 1_555 B CD  . CD ? ? A CYS 186 A CD  301 5_655 ? ? ? ? ? ? ? 2.490 ? ? 
metalc10 metalc ? ? A CYS 147 SG  B ? ? 1_555 B CD  . CD ? ? A CYS 186 A CD  301 5_655 ? ? ? ? ? ? ? 2.530 ? ? 
metalc11 metalc ? ? A CYS 147 SG  A ? ? 1_555 C CD  . CD ? ? A CYS 186 A CD  302 5_655 ? ? ? ? ? ? ? 2.456 ? ? 
metalc12 metalc ? ? A CYS 147 SG  B ? ? 1_555 C CD  . CD ? ? A CYS 186 A CD  302 5_655 ? ? ? ? ? ? ? 2.381 ? ? 
metalc13 metalc ? ? B CD  .   CD  ? ? ? 1_555 H HOH . O  ? ? A CD  301 A HOH 445 1_555 ? ? ? ? ? ? ? 2.135 ? ? 
metalc14 metalc ? ? B CD  .   CD  ? ? ? 1_555 H HOH . O  ? ? A CD  301 A HOH 445 5_655 ? ? ? ? ? ? ? 2.135 ? ? 
metalc15 metalc ? ? C CD  .   CD  ? ? ? 1_555 H HOH . O  ? ? A CD  302 A HOH 455 5_655 ? ? ? ? ? ? ? 2.500 ? ? 
metalc16 metalc ? ? C CD  .   CD  ? ? ? 1_555 H HOH . O  ? ? A CD  302 A HOH 460 1_555 ? ? ? ? ? ? ? 2.449 ? ? 
metalc17 metalc ? ? D CD  .   CD  ? ? ? 1_555 H HOH . O  ? ? A CD  303 A HOH 450 1_555 ? ? ? ? ? ? ? 2.592 ? ? 
metalc18 metalc ? ? D CD  .   CD  ? ? ? 1_555 H HOH . O  ? ? A CD  303 A HOH 454 1_555 ? ? ? ? ? ? ? 2.380 ? ? 
metalc19 metalc ? ? D CD  .   CD  ? ? ? 1_555 H HOH . O  ? ? A CD  303 A HOH 470 1_555 ? ? ? ? ? ? ? 2.658 ? ? 
metalc20 metalc ? ? E CD  .   CD  ? ? ? 1_555 H HOH . O  ? ? A CD  304 A HOH 458 1_555 ? ? ? ? ? ? ? 2.408 ? ? 
metalc21 metalc ? ? E CD  .   CD  ? ? ? 1_555 H HOH . O  ? ? A CD  304 A HOH 459 1_555 ? ? ? ? ? ? ? 2.417 ? ? 
metalc22 metalc ? ? E CD  .   CD  ? ? ? 1_555 H HOH . O  ? ? A CD  304 A HOH 463 1_555 ? ? ? ? ? ? ? 2.313 ? ? 
metalc23 metalc ? ? F CD  .   CD  ? ? ? 1_555 H HOH . O  ? ? A CD  305 A HOH 449 1_555 ? ? ? ? ? ? ? 2.476 ? ? 
metalc24 metalc ? ? F CD  .   CD  ? ? ? 1_555 H HOH . O  ? ? A CD  305 A HOH 471 1_555 ? ? ? ? ? ? ? 2.377 ? ? 
# 
_struct_conn_type.id          metalc 
_struct_conn_type.criteria    ? 
_struct_conn_type.reference   ? 
# 
loop_
_pdbx_struct_conn_angle.id 
_pdbx_struct_conn_angle.ptnr1_label_atom_id 
_pdbx_struct_conn_angle.ptnr1_label_alt_id 
_pdbx_struct_conn_angle.ptnr1_label_asym_id 
_pdbx_struct_conn_angle.ptnr1_label_comp_id 
_pdbx_struct_conn_angle.ptnr1_label_seq_id 
_pdbx_struct_conn_angle.ptnr1_auth_atom_id 
_pdbx_struct_conn_angle.ptnr1_auth_asym_id 
_pdbx_struct_conn_angle.ptnr1_auth_comp_id 
_pdbx_struct_conn_angle.ptnr1_auth_seq_id 
_pdbx_struct_conn_angle.ptnr1_PDB_ins_code 
_pdbx_struct_conn_angle.ptnr1_symmetry 
_pdbx_struct_conn_angle.ptnr2_label_atom_id 
_pdbx_struct_conn_angle.ptnr2_label_alt_id 
_pdbx_struct_conn_angle.ptnr2_label_asym_id 
_pdbx_struct_conn_angle.ptnr2_label_comp_id 
_pdbx_struct_conn_angle.ptnr2_label_seq_id 
_pdbx_struct_conn_angle.ptnr2_auth_atom_id 
_pdbx_struct_conn_angle.ptnr2_auth_asym_id 
_pdbx_struct_conn_angle.ptnr2_auth_comp_id 
_pdbx_struct_conn_angle.ptnr2_auth_seq_id 
_pdbx_struct_conn_angle.ptnr2_PDB_ins_code 
_pdbx_struct_conn_angle.ptnr2_symmetry 
_pdbx_struct_conn_angle.ptnr3_label_atom_id 
_pdbx_struct_conn_angle.ptnr3_label_alt_id 
_pdbx_struct_conn_angle.ptnr3_label_asym_id 
_pdbx_struct_conn_angle.ptnr3_label_comp_id 
_pdbx_struct_conn_angle.ptnr3_label_seq_id 
_pdbx_struct_conn_angle.ptnr3_auth_atom_id 
_pdbx_struct_conn_angle.ptnr3_auth_asym_id 
_pdbx_struct_conn_angle.ptnr3_auth_comp_id 
_pdbx_struct_conn_angle.ptnr3_auth_seq_id 
_pdbx_struct_conn_angle.ptnr3_PDB_ins_code 
_pdbx_struct_conn_angle.ptnr3_symmetry 
_pdbx_struct_conn_angle.value 
_pdbx_struct_conn_angle.value_esd 
1  NE2 ? A HIS 61  ? A HIS 100 ? 1_555 CD ? E CD . ? A CD 304 ? 1_555 O   ? H HOH .   ? A HOH 458 ? 1_555 98.8  ? 
2  NE2 ? A HIS 61  ? A HIS 100 ? 1_555 CD ? E CD . ? A CD 304 ? 1_555 O   ? H HOH .   ? A HOH 459 ? 1_555 102.1 ? 
3  O   ? H HOH .   ? A HOH 458 ? 1_555 CD ? E CD . ? A CD 304 ? 1_555 O   ? H HOH .   ? A HOH 459 ? 1_555 120.7 ? 
4  NE2 ? A HIS 61  ? A HIS 100 ? 1_555 CD ? E CD . ? A CD 304 ? 1_555 O   ? H HOH .   ? A HOH 463 ? 1_555 114.2 ? 
5  O   ? H HOH .   ? A HOH 458 ? 1_555 CD ? E CD . ? A CD 304 ? 1_555 O   ? H HOH .   ? A HOH 463 ? 1_555 111.4 ? 
6  O   ? H HOH .   ? A HOH 459 ? 1_555 CD ? E CD . ? A CD 304 ? 1_555 O   ? H HOH .   ? A HOH 463 ? 1_555 108.9 ? 
7  SG  ? A CYS 83  ? A CYS 122 ? 1_555 CD ? D CD . ? A CD 303 ? 1_555 O   ? H HOH .   ? A HOH 450 ? 1_555 107.9 ? 
8  SG  ? A CYS 83  ? A CYS 122 ? 1_555 CD ? D CD . ? A CD 303 ? 1_555 O   ? H HOH .   ? A HOH 454 ? 1_555 95.0  ? 
9  O   ? H HOH .   ? A HOH 450 ? 1_555 CD ? D CD . ? A CD 303 ? 1_555 O   ? H HOH .   ? A HOH 454 ? 1_555 83.7  ? 
10 SG  ? A CYS 83  ? A CYS 122 ? 1_555 CD ? D CD . ? A CD 303 ? 1_555 O   ? H HOH .   ? A HOH 470 ? 1_555 86.7  ? 
11 O   ? H HOH .   ? A HOH 450 ? 1_555 CD ? D CD . ? A CD 303 ? 1_555 O   ? H HOH .   ? A HOH 470 ? 1_555 88.6  ? 
12 O   ? H HOH .   ? A HOH 454 ? 1_555 CD ? D CD . ? A CD 303 ? 1_555 O   ? H HOH .   ? A HOH 470 ? 1_555 172.3 ? 
13 SG  ? A CYS 83  ? A CYS 122 ? 1_555 CD ? F CD . ? A CD 305 ? 1_555 O   ? H HOH .   ? A HOH 449 ? 1_555 100.6 ? 
14 SG  ? A CYS 83  ? A CYS 122 ? 1_555 CD ? F CD . ? A CD 305 ? 1_555 O   ? H HOH .   ? A HOH 471 ? 1_555 87.9  ? 
15 O   ? H HOH .   ? A HOH 449 ? 1_555 CD ? F CD . ? A CD 305 ? 1_555 O   ? H HOH .   ? A HOH 471 ? 1_555 171.3 ? 
16 OE1 ? A GLU 128 ? A GLU 167 ? 1_555 CD ? B CD . ? A CD 301 ? 1_555 OE1 ? A GLU 128 ? A GLU 167 ? 1_555 0.0   ? 
17 OE1 ? A GLU 128 ? A GLU 167 ? 1_555 CD ? B CD . ? A CD 301 ? 1_555 SG  A A CYS 147 ? A CYS 186 ? 1_555 93.6  ? 
18 OE1 ? A GLU 128 ? A GLU 167 ? 1_555 CD ? B CD . ? A CD 301 ? 1_555 SG  A A CYS 147 ? A CYS 186 ? 1_555 93.6  ? 
19 OE1 ? A GLU 128 ? A GLU 167 ? 1_555 CD ? B CD . ? A CD 301 ? 1_555 SG  B A CYS 147 ? A CYS 186 ? 1_555 90.3  ? 
20 OE1 ? A GLU 128 ? A GLU 167 ? 1_555 CD ? B CD . ? A CD 301 ? 1_555 SG  B A CYS 147 ? A CYS 186 ? 1_555 90.3  ? 
21 SG  A A CYS 147 ? A CYS 186 ? 1_555 CD ? B CD . ? A CD 301 ? 1_555 SG  B A CYS 147 ? A CYS 186 ? 1_555 34.2  ? 
22 OE1 ? A GLU 128 ? A GLU 167 ? 1_555 CD ? B CD . ? A CD 301 ? 1_555 SG  A A CYS 147 ? A CYS 186 ? 1_555 93.6  ? 
23 OE1 ? A GLU 128 ? A GLU 167 ? 1_555 CD ? B CD . ? A CD 301 ? 1_555 SG  A A CYS 147 ? A CYS 186 ? 1_555 93.6  ? 
24 SG  A A CYS 147 ? A CYS 186 ? 1_555 CD ? B CD . ? A CD 301 ? 1_555 SG  A A CYS 147 ? A CYS 186 ? 1_555 0.0   ? 
25 SG  B A CYS 147 ? A CYS 186 ? 1_555 CD ? B CD . ? A CD 301 ? 1_555 SG  A A CYS 147 ? A CYS 186 ? 1_555 34.2  ? 
26 OE1 ? A GLU 128 ? A GLU 167 ? 1_555 CD ? B CD . ? A CD 301 ? 1_555 SG  B A CYS 147 ? A CYS 186 ? 1_555 90.3  ? 
27 OE1 ? A GLU 128 ? A GLU 167 ? 1_555 CD ? B CD . ? A CD 301 ? 1_555 SG  B A CYS 147 ? A CYS 186 ? 1_555 90.3  ? 
28 SG  A A CYS 147 ? A CYS 186 ? 1_555 CD ? B CD . ? A CD 301 ? 1_555 SG  B A CYS 147 ? A CYS 186 ? 1_555 34.2  ? 
29 SG  B A CYS 147 ? A CYS 186 ? 1_555 CD ? B CD . ? A CD 301 ? 1_555 SG  B A CYS 147 ? A CYS 186 ? 1_555 0.0   ? 
30 SG  A A CYS 147 ? A CYS 186 ? 1_555 CD ? B CD . ? A CD 301 ? 1_555 SG  B A CYS 147 ? A CYS 186 ? 1_555 34.2  ? 
31 OE1 ? A GLU 128 ? A GLU 167 ? 1_555 CD ? B CD . ? A CD 301 ? 1_555 O   ? H HOH .   ? A HOH 445 ? 1_555 85.0  ? 
32 OE1 ? A GLU 128 ? A GLU 167 ? 1_555 CD ? B CD . ? A CD 301 ? 1_555 O   ? H HOH .   ? A HOH 445 ? 1_555 85.0  ? 
33 SG  A A CYS 147 ? A CYS 186 ? 1_555 CD ? B CD . ? A CD 301 ? 1_555 O   ? H HOH .   ? A HOH 445 ? 1_555 110.7 ? 
34 SG  B A CYS 147 ? A CYS 186 ? 1_555 CD ? B CD . ? A CD 301 ? 1_555 O   ? H HOH .   ? A HOH 445 ? 1_555 144.3 ? 
35 SG  A A CYS 147 ? A CYS 186 ? 1_555 CD ? B CD . ? A CD 301 ? 1_555 O   ? H HOH .   ? A HOH 445 ? 1_555 110.7 ? 
36 SG  B A CYS 147 ? A CYS 186 ? 1_555 CD ? B CD . ? A CD 301 ? 1_555 O   ? H HOH .   ? A HOH 445 ? 1_555 144.3 ? 
37 OE1 ? A GLU 128 ? A GLU 167 ? 1_555 CD ? B CD . ? A CD 301 ? 1_555 O   ? H HOH .   ? A HOH 445 ? 5_655 97.6  ? 
38 OE1 ? A GLU 128 ? A GLU 167 ? 1_555 CD ? B CD . ? A CD 301 ? 1_555 O   ? H HOH .   ? A HOH 445 ? 5_655 97.6  ? 
39 SG  A A CYS 147 ? A CYS 186 ? 1_555 CD ? B CD . ? A CD 301 ? 1_555 O   ? H HOH .   ? A HOH 445 ? 5_655 79.1  ? 
40 SG  B A CYS 147 ? A CYS 186 ? 1_555 CD ? B CD . ? A CD 301 ? 1_555 O   ? H HOH .   ? A HOH 445 ? 5_655 113.3 ? 
41 SG  A A CYS 147 ? A CYS 186 ? 1_555 CD ? B CD . ? A CD 301 ? 1_555 O   ? H HOH .   ? A HOH 445 ? 5_655 79.1  ? 
42 SG  B A CYS 147 ? A CYS 186 ? 1_555 CD ? B CD . ? A CD 301 ? 1_555 O   ? H HOH .   ? A HOH 445 ? 5_655 113.3 ? 
43 O   ? H HOH .   ? A HOH 445 ? 1_555 CD ? B CD . ? A CD 301 ? 1_555 O   ? H HOH .   ? A HOH 445 ? 5_655 33.5  ? 
44 OE2 ? A GLU 128 ? A GLU 167 ? 1_555 CD ? C CD . ? A CD 302 ? 1_555 SG  A A CYS 147 ? A CYS 186 ? 1_555 74.8  ? 
45 OE2 ? A GLU 128 ? A GLU 167 ? 1_555 CD ? C CD . ? A CD 302 ? 1_555 SG  B A CYS 147 ? A CYS 186 ? 1_555 76.3  ? 
46 SG  A A CYS 147 ? A CYS 186 ? 1_555 CD ? C CD . ? A CD 302 ? 1_555 SG  B A CYS 147 ? A CYS 186 ? 1_555 14.6  ? 
47 OE2 ? A GLU 128 ? A GLU 167 ? 1_555 CD ? C CD . ? A CD 302 ? 1_555 O   ? H HOH .   ? A HOH 455 ? 5_655 102.6 ? 
48 SG  A A CYS 147 ? A CYS 186 ? 1_555 CD ? C CD . ? A CD 302 ? 1_555 O   ? H HOH .   ? A HOH 455 ? 5_655 128.0 ? 
49 SG  B A CYS 147 ? A CYS 186 ? 1_555 CD ? C CD . ? A CD 302 ? 1_555 O   ? H HOH .   ? A HOH 455 ? 5_655 113.4 ? 
50 OE2 ? A GLU 128 ? A GLU 167 ? 1_555 CD ? C CD . ? A CD 302 ? 1_555 O   ? H HOH .   ? A HOH 460 ? 1_555 107.4 ? 
51 SG  A A CYS 147 ? A CYS 186 ? 1_555 CD ? C CD . ? A CD 302 ? 1_555 O   ? H HOH .   ? A HOH 460 ? 1_555 127.5 ? 
52 SG  B A CYS 147 ? A CYS 186 ? 1_555 CD ? C CD . ? A CD 302 ? 1_555 O   ? H HOH .   ? A HOH 460 ? 1_555 141.6 ? 
53 O   ? H HOH .   ? A HOH 455 ? 5_655 CD ? C CD . ? A CD 302 ? 1_555 O   ? H HOH .   ? A HOH 460 ? 1_555 103.3 ? 
# 
loop_
_struct_mon_prot_cis.pdbx_id 
_struct_mon_prot_cis.label_comp_id 
_struct_mon_prot_cis.label_seq_id 
_struct_mon_prot_cis.label_asym_id 
_struct_mon_prot_cis.label_alt_id 
_struct_mon_prot_cis.pdbx_PDB_ins_code 
_struct_mon_prot_cis.auth_comp_id 
_struct_mon_prot_cis.auth_seq_id 
_struct_mon_prot_cis.auth_asym_id 
_struct_mon_prot_cis.pdbx_label_comp_id_2 
_struct_mon_prot_cis.pdbx_label_seq_id_2 
_struct_mon_prot_cis.pdbx_label_asym_id_2 
_struct_mon_prot_cis.pdbx_PDB_ins_code_2 
_struct_mon_prot_cis.pdbx_auth_comp_id_2 
_struct_mon_prot_cis.pdbx_auth_seq_id_2 
_struct_mon_prot_cis.pdbx_auth_asym_id_2 
_struct_mon_prot_cis.pdbx_PDB_model_num 
_struct_mon_prot_cis.pdbx_omega_angle 
1 PHE 33 A . ? PHE 72  A PRO 34 A ? PRO 73  A 1 -9.09 
2 SER 90 A . ? SER 129 A PRO 91 A ? PRO 130 A 1 -7.24 
# 
loop_
_struct_sheet.id 
_struct_sheet.type 
_struct_sheet.number_strands 
_struct_sheet.details 
AA1 ? 3 ? 
AA2 ? 5 ? 
AA3 ? 4 ? 
AA4 ? 3 ? 
AA5 ? 2 ? 
# 
loop_
_struct_sheet_order.sheet_id 
_struct_sheet_order.range_id_1 
_struct_sheet_order.range_id_2 
_struct_sheet_order.offset 
_struct_sheet_order.sense 
AA1 1 2 ? anti-parallel 
AA1 2 3 ? anti-parallel 
AA2 1 2 ? parallel      
AA2 2 3 ? anti-parallel 
AA2 3 4 ? anti-parallel 
AA2 4 5 ? anti-parallel 
AA3 1 2 ? anti-parallel 
AA3 2 3 ? anti-parallel 
AA3 3 4 ? anti-parallel 
AA4 1 2 ? anti-parallel 
AA4 2 3 ? parallel      
AA5 1 2 ? anti-parallel 
# 
loop_
_struct_sheet_range.sheet_id 
_struct_sheet_range.id 
_struct_sheet_range.beg_label_comp_id 
_struct_sheet_range.beg_label_asym_id 
_struct_sheet_range.beg_label_seq_id 
_struct_sheet_range.pdbx_beg_PDB_ins_code 
_struct_sheet_range.end_label_comp_id 
_struct_sheet_range.end_label_asym_id 
_struct_sheet_range.end_label_seq_id 
_struct_sheet_range.pdbx_end_PDB_ins_code 
_struct_sheet_range.beg_auth_comp_id 
_struct_sheet_range.beg_auth_asym_id 
_struct_sheet_range.beg_auth_seq_id 
_struct_sheet_range.end_auth_comp_id 
_struct_sheet_range.end_auth_asym_id 
_struct_sheet_range.end_auth_seq_id 
AA1 1 ARG A 4   ? LEU A 7   ? ARG A 43  LEU A 46  
AA1 2 LYS A 37  ? SER A 41  ? LYS A 76  SER A 80  
AA1 3 VAL A 102 ? SER A 103 ? VAL A 141 SER A 142 
AA2 1 GLU A 22  ? ILE A 24  ? GLU A 61  ILE A 63  
AA2 2 PHE A 153 ? VAL A 156 ? PHE A 192 VAL A 195 
AA2 3 LYS A 126 ? VAL A 136 ? LYS A 165 VAL A 175 
AA2 4 MET A 48  ? ALA A 57  ? MET A 87  ALA A 96  
AA2 5 ASN A 92  ? PHE A 93  ? ASN A 131 PHE A 132 
AA3 1 TYR A 85  ? ILE A 86  ? TYR A 124 ILE A 125 
AA3 2 MET A 48  ? ALA A 57  ? MET A 87  ALA A 96  
AA3 3 LYS A 126 ? VAL A 136 ? LYS A 165 VAL A 175 
AA3 4 MET A 142 ? CYS A 147 ? MET A 181 CYS A 186 
AA4 1 ARG A 30  ? ARG A 31  ? ARG A 69  ARG A 70  
AA4 2 LYS A 108 ? THR A 110 ? LYS A 147 THR A 149 
AA4 3 ILE A 119 ? MET A 120 ? ILE A 158 MET A 159 
AA5 1 TRP A 63  ? VAL A 66  ? TRP A 102 VAL A 105 
AA5 2 GLU A 69  ? PRO A 72  ? GLU A 108 PRO A 111 
# 
loop_
_pdbx_struct_sheet_hbond.sheet_id 
_pdbx_struct_sheet_hbond.range_id_1 
_pdbx_struct_sheet_hbond.range_id_2 
_pdbx_struct_sheet_hbond.range_1_label_atom_id 
_pdbx_struct_sheet_hbond.range_1_label_comp_id 
_pdbx_struct_sheet_hbond.range_1_label_asym_id 
_pdbx_struct_sheet_hbond.range_1_label_seq_id 
_pdbx_struct_sheet_hbond.range_1_PDB_ins_code 
_pdbx_struct_sheet_hbond.range_1_auth_atom_id 
_pdbx_struct_sheet_hbond.range_1_auth_comp_id 
_pdbx_struct_sheet_hbond.range_1_auth_asym_id 
_pdbx_struct_sheet_hbond.range_1_auth_seq_id 
_pdbx_struct_sheet_hbond.range_2_label_atom_id 
_pdbx_struct_sheet_hbond.range_2_label_comp_id 
_pdbx_struct_sheet_hbond.range_2_label_asym_id 
_pdbx_struct_sheet_hbond.range_2_label_seq_id 
_pdbx_struct_sheet_hbond.range_2_PDB_ins_code 
_pdbx_struct_sheet_hbond.range_2_auth_atom_id 
_pdbx_struct_sheet_hbond.range_2_auth_comp_id 
_pdbx_struct_sheet_hbond.range_2_auth_asym_id 
_pdbx_struct_sheet_hbond.range_2_auth_seq_id 
AA1 1 2 N GLY A 6   ? N GLY A 45  O ASN A 39  ? O ASN A 78  
AA1 2 3 N VAL A 38  ? N VAL A 77  O VAL A 102 ? O VAL A 141 
AA2 1 2 N MET A 23  ? N MET A 62  O VAL A 156 ? O VAL A 195 
AA2 2 3 O PHE A 153 ? O PHE A 192 N TYR A 127 ? N TYR A 166 
AA2 3 4 O ARG A 130 ? O ARG A 169 N ASP A 54  ? N ASP A 93  
AA2 4 5 N TYR A 49  ? N TYR A 88  O ASN A 92  ? O ASN A 131 
AA3 1 2 O TYR A 85  ? O TYR A 124 N LEU A 53  ? N LEU A 92  
AA3 2 3 N ASP A 54  ? N ASP A 93  O ARG A 130 ? O ARG A 169 
AA3 3 4 N ILE A 133 ? N ILE A 172 O THR A 144 ? O THR A 183 
AA4 1 2 N ARG A 30  ? N ARG A 69  O LEU A 109 ? O LEU A 148 
AA4 2 3 N LYS A 108 ? N LYS A 147 O ILE A 119 ? O ILE A 158 
AA5 1 2 N VAL A 66  ? N VAL A 105 O GLU A 69  ? O GLU A 108 
# 
loop_
_struct_site.id 
_struct_site.pdbx_evidence_code 
_struct_site.pdbx_auth_asym_id 
_struct_site.pdbx_auth_comp_id 
_struct_site.pdbx_auth_seq_id 
_struct_site.pdbx_auth_ins_code 
_struct_site.pdbx_num_residues 
_struct_site.details 
AC1 Software A CD  301 ? 8 'binding site for residue CD A 301'  
AC2 Software A CD  302 ? 6 'binding site for residue CD A 302'  
AC3 Software A CD  303 ? 4 'binding site for residue CD A 303'  
AC4 Software A CD  304 ? 4 'binding site for residue CD A 304'  
AC5 Software A CD  305 ? 4 'binding site for residue CD A 305'  
AC6 Software A NX7 306 ? 4 'binding site for residue NX7 A 306' 
# 
loop_
_struct_site_gen.id 
_struct_site_gen.site_id 
_struct_site_gen.pdbx_num_res 
_struct_site_gen.label_comp_id 
_struct_site_gen.label_asym_id 
_struct_site_gen.label_seq_id 
_struct_site_gen.pdbx_auth_ins_code 
_struct_site_gen.auth_comp_id 
_struct_site_gen.auth_asym_id 
_struct_site_gen.auth_seq_id 
_struct_site_gen.label_atom_id 
_struct_site_gen.label_alt_id 
_struct_site_gen.symmetry 
_struct_site_gen.details 
1  AC1 8 GLU A 128 ? GLU A 167 . ? 1_555 ? 
2  AC1 8 GLU A 128 ? GLU A 167 . ? 5_655 ? 
3  AC1 8 CYS A 147 ? CYS A 186 . ? 5_655 ? 
4  AC1 8 CYS A 147 ? CYS A 186 . ? 1_555 ? 
5  AC1 8 CD  C .   ? CD  A 302 . ? 5_655 ? 
6  AC1 8 CD  C .   ? CD  A 302 . ? 1_555 ? 
7  AC1 8 HOH H .   ? HOH A 445 . ? 5_655 ? 
8  AC1 8 HOH H .   ? HOH A 445 . ? 1_555 ? 
9  AC2 6 GLU A 128 ? GLU A 167 . ? 1_555 ? 
10 AC2 6 CYS A 147 ? CYS A 186 . ? 5_655 ? 
11 AC2 6 CD  B .   ? CD  A 301 . ? 5_655 ? 
12 AC2 6 CD  B .   ? CD  A 301 . ? 1_555 ? 
13 AC2 6 HOH H .   ? HOH A 455 . ? 5_655 ? 
14 AC2 6 HOH H .   ? HOH A 460 . ? 1_555 ? 
15 AC3 4 CYS A 83  ? CYS A 122 . ? 1_555 ? 
16 AC3 4 HOH H .   ? HOH A 450 . ? 1_555 ? 
17 AC3 4 HOH H .   ? HOH A 454 . ? 1_555 ? 
18 AC3 4 HOH H .   ? HOH A 470 . ? 1_555 ? 
19 AC4 4 HIS A 61  ? HIS A 100 . ? 1_555 ? 
20 AC4 4 HOH H .   ? HOH A 458 . ? 1_555 ? 
21 AC4 4 HOH H .   ? HOH A 459 . ? 1_555 ? 
22 AC4 4 HOH H .   ? HOH A 463 . ? 1_555 ? 
23 AC5 4 CYS A 83  ? CYS A 122 . ? 1_555 ? 
24 AC5 4 HOH H .   ? HOH A 449 . ? 1_555 ? 
25 AC5 4 HOH H .   ? HOH A 470 . ? 1_555 ? 
26 AC5 4 HOH H .   ? HOH A 471 . ? 1_555 ? 
27 AC6 4 SER A 50  ? SER A 89  . ? 1_555 ? 
28 AC6 4 LEU A 52  ? LEU A 91  . ? 1_555 ? 
29 AC6 4 PHE A 93  ? PHE A 132 . ? 6_555 ? 
30 AC6 4 HOH H .   ? HOH A 459 . ? 5_655 ? 
# 
loop_
_pdbx_validate_torsion.id 
_pdbx_validate_torsion.PDB_model_num 
_pdbx_validate_torsion.auth_comp_id 
_pdbx_validate_torsion.auth_asym_id 
_pdbx_validate_torsion.auth_seq_id 
_pdbx_validate_torsion.PDB_ins_code 
_pdbx_validate_torsion.label_alt_id 
_pdbx_validate_torsion.phi 
_pdbx_validate_torsion.psi 
1 1 GLU A 50  ? ? -28.79  -59.40 
2 1 THR A 59  ? ? 71.11   106.19 
3 1 LYS A 114 ? ? -117.35 69.78  
4 1 PHE A 143 ? ? -92.11  54.64  
# 
_pdbx_struct_special_symmetry.id              1 
_pdbx_struct_special_symmetry.PDB_model_num   1 
_pdbx_struct_special_symmetry.auth_asym_id    A 
_pdbx_struct_special_symmetry.auth_comp_id    CD 
_pdbx_struct_special_symmetry.auth_seq_id     301 
_pdbx_struct_special_symmetry.PDB_ins_code    ? 
_pdbx_struct_special_symmetry.label_asym_id   B 
_pdbx_struct_special_symmetry.label_comp_id   CD 
_pdbx_struct_special_symmetry.label_seq_id    . 
# 
_phasing.method   MR 
# 
_pdbx_entry_details.entry_id                 5QRN 
_pdbx_entry_details.has_ligand_of_interest   Y 
_pdbx_entry_details.compound_details         ? 
_pdbx_entry_details.source_details           ? 
_pdbx_entry_details.nonpolymer_details       ? 
_pdbx_entry_details.sequence_details         ? 
# 
loop_
_pdbx_distant_solvent_atoms.id 
_pdbx_distant_solvent_atoms.PDB_model_num 
_pdbx_distant_solvent_atoms.auth_atom_id 
_pdbx_distant_solvent_atoms.label_alt_id 
_pdbx_distant_solvent_atoms.auth_asym_id 
_pdbx_distant_solvent_atoms.auth_comp_id 
_pdbx_distant_solvent_atoms.auth_seq_id 
_pdbx_distant_solvent_atoms.PDB_ins_code 
_pdbx_distant_solvent_atoms.neighbor_macromolecule_distance 
_pdbx_distant_solvent_atoms.neighbor_ligand_distance 
1 1 O ? A HOH 470 ? 6.18 . 
2 1 O ? A HOH 471 ? 6.42 . 
# 
_pdbx_unobs_or_zero_occ_residues.id               1 
_pdbx_unobs_or_zero_occ_residues.PDB_model_num    1 
_pdbx_unobs_or_zero_occ_residues.polymer_flag     Y 
_pdbx_unobs_or_zero_occ_residues.occupancy_flag   1 
_pdbx_unobs_or_zero_occ_residues.auth_asym_id     A 
_pdbx_unobs_or_zero_occ_residues.auth_comp_id     GLY 
_pdbx_unobs_or_zero_occ_residues.auth_seq_id      40 
_pdbx_unobs_or_zero_occ_residues.PDB_ins_code     ? 
_pdbx_unobs_or_zero_occ_residues.label_asym_id    A 
_pdbx_unobs_or_zero_occ_residues.label_comp_id    GLY 
_pdbx_unobs_or_zero_occ_residues.label_seq_id     1 
# 
loop_
_chem_comp_atom.comp_id 
_chem_comp_atom.atom_id 
_chem_comp_atom.type_symbol 
_chem_comp_atom.pdbx_aromatic_flag 
_chem_comp_atom.pdbx_stereo_config 
_chem_comp_atom.pdbx_ordinal 
ALA N    N  N N 1   
ALA CA   C  N S 2   
ALA C    C  N N 3   
ALA O    O  N N 4   
ALA CB   C  N N 5   
ALA OXT  O  N N 6   
ALA H    H  N N 7   
ALA H2   H  N N 8   
ALA HA   H  N N 9   
ALA HB1  H  N N 10  
ALA HB2  H  N N 11  
ALA HB3  H  N N 12  
ALA HXT  H  N N 13  
ARG N    N  N N 14  
ARG CA   C  N S 15  
ARG C    C  N N 16  
ARG O    O  N N 17  
ARG CB   C  N N 18  
ARG CG   C  N N 19  
ARG CD   C  N N 20  
ARG NE   N  N N 21  
ARG CZ   C  N N 22  
ARG NH1  N  N N 23  
ARG NH2  N  N N 24  
ARG OXT  O  N N 25  
ARG H    H  N N 26  
ARG H2   H  N N 27  
ARG HA   H  N N 28  
ARG HB2  H  N N 29  
ARG HB3  H  N N 30  
ARG HG2  H  N N 31  
ARG HG3  H  N N 32  
ARG HD2  H  N N 33  
ARG HD3  H  N N 34  
ARG HE   H  N N 35  
ARG HH11 H  N N 36  
ARG HH12 H  N N 37  
ARG HH21 H  N N 38  
ARG HH22 H  N N 39  
ARG HXT  H  N N 40  
ASN N    N  N N 41  
ASN CA   C  N S 42  
ASN C    C  N N 43  
ASN O    O  N N 44  
ASN CB   C  N N 45  
ASN CG   C  N N 46  
ASN OD1  O  N N 47  
ASN ND2  N  N N 48  
ASN OXT  O  N N 49  
ASN H    H  N N 50  
ASN H2   H  N N 51  
ASN HA   H  N N 52  
ASN HB2  H  N N 53  
ASN HB3  H  N N 54  
ASN HD21 H  N N 55  
ASN HD22 H  N N 56  
ASN HXT  H  N N 57  
ASP N    N  N N 58  
ASP CA   C  N S 59  
ASP C    C  N N 60  
ASP O    O  N N 61  
ASP CB   C  N N 62  
ASP CG   C  N N 63  
ASP OD1  O  N N 64  
ASP OD2  O  N N 65  
ASP OXT  O  N N 66  
ASP H    H  N N 67  
ASP H2   H  N N 68  
ASP HA   H  N N 69  
ASP HB2  H  N N 70  
ASP HB3  H  N N 71  
ASP HD2  H  N N 72  
ASP HXT  H  N N 73  
CD  CD   CD N N 74  
CYS N    N  N N 75  
CYS CA   C  N R 76  
CYS C    C  N N 77  
CYS O    O  N N 78  
CYS CB   C  N N 79  
CYS SG   S  N N 80  
CYS OXT  O  N N 81  
CYS H    H  N N 82  
CYS H2   H  N N 83  
CYS HA   H  N N 84  
CYS HB2  H  N N 85  
CYS HB3  H  N N 86  
CYS HG   H  N N 87  
CYS HXT  H  N N 88  
GLN N    N  N N 89  
GLN CA   C  N S 90  
GLN C    C  N N 91  
GLN O    O  N N 92  
GLN CB   C  N N 93  
GLN CG   C  N N 94  
GLN CD   C  N N 95  
GLN OE1  O  N N 96  
GLN NE2  N  N N 97  
GLN OXT  O  N N 98  
GLN H    H  N N 99  
GLN H2   H  N N 100 
GLN HA   H  N N 101 
GLN HB2  H  N N 102 
GLN HB3  H  N N 103 
GLN HG2  H  N N 104 
GLN HG3  H  N N 105 
GLN HE21 H  N N 106 
GLN HE22 H  N N 107 
GLN HXT  H  N N 108 
GLU N    N  N N 109 
GLU CA   C  N S 110 
GLU C    C  N N 111 
GLU O    O  N N 112 
GLU CB   C  N N 113 
GLU CG   C  N N 114 
GLU CD   C  N N 115 
GLU OE1  O  N N 116 
GLU OE2  O  N N 117 
GLU OXT  O  N N 118 
GLU H    H  N N 119 
GLU H2   H  N N 120 
GLU HA   H  N N 121 
GLU HB2  H  N N 122 
GLU HB3  H  N N 123 
GLU HG2  H  N N 124 
GLU HG3  H  N N 125 
GLU HE2  H  N N 126 
GLU HXT  H  N N 127 
GLY N    N  N N 128 
GLY CA   C  N N 129 
GLY C    C  N N 130 
GLY O    O  N N 131 
GLY OXT  O  N N 132 
GLY H    H  N N 133 
GLY H2   H  N N 134 
GLY HA2  H  N N 135 
GLY HA3  H  N N 136 
GLY HXT  H  N N 137 
HIS N    N  N N 138 
HIS CA   C  N S 139 
HIS C    C  N N 140 
HIS O    O  N N 141 
HIS CB   C  N N 142 
HIS CG   C  Y N 143 
HIS ND1  N  Y N 144 
HIS CD2  C  Y N 145 
HIS CE1  C  Y N 146 
HIS NE2  N  Y N 147 
HIS OXT  O  N N 148 
HIS H    H  N N 149 
HIS H2   H  N N 150 
HIS HA   H  N N 151 
HIS HB2  H  N N 152 
HIS HB3  H  N N 153 
HIS HD1  H  N N 154 
HIS HD2  H  N N 155 
HIS HE1  H  N N 156 
HIS HE2  H  N N 157 
HIS HXT  H  N N 158 
HOH O    O  N N 159 
HOH H1   H  N N 160 
HOH H2   H  N N 161 
ILE N    N  N N 162 
ILE CA   C  N S 163 
ILE C    C  N N 164 
ILE O    O  N N 165 
ILE CB   C  N S 166 
ILE CG1  C  N N 167 
ILE CG2  C  N N 168 
ILE CD1  C  N N 169 
ILE OXT  O  N N 170 
ILE H    H  N N 171 
ILE H2   H  N N 172 
ILE HA   H  N N 173 
ILE HB   H  N N 174 
ILE HG12 H  N N 175 
ILE HG13 H  N N 176 
ILE HG21 H  N N 177 
ILE HG22 H  N N 178 
ILE HG23 H  N N 179 
ILE HD11 H  N N 180 
ILE HD12 H  N N 181 
ILE HD13 H  N N 182 
ILE HXT  H  N N 183 
LEU N    N  N N 184 
LEU CA   C  N S 185 
LEU C    C  N N 186 
LEU O    O  N N 187 
LEU CB   C  N N 188 
LEU CG   C  N N 189 
LEU CD1  C  N N 190 
LEU CD2  C  N N 191 
LEU OXT  O  N N 192 
LEU H    H  N N 193 
LEU H2   H  N N 194 
LEU HA   H  N N 195 
LEU HB2  H  N N 196 
LEU HB3  H  N N 197 
LEU HG   H  N N 198 
LEU HD11 H  N N 199 
LEU HD12 H  N N 200 
LEU HD13 H  N N 201 
LEU HD21 H  N N 202 
LEU HD22 H  N N 203 
LEU HD23 H  N N 204 
LEU HXT  H  N N 205 
LYS N    N  N N 206 
LYS CA   C  N S 207 
LYS C    C  N N 208 
LYS O    O  N N 209 
LYS CB   C  N N 210 
LYS CG   C  N N 211 
LYS CD   C  N N 212 
LYS CE   C  N N 213 
LYS NZ   N  N N 214 
LYS OXT  O  N N 215 
LYS H    H  N N 216 
LYS H2   H  N N 217 
LYS HA   H  N N 218 
LYS HB2  H  N N 219 
LYS HB3  H  N N 220 
LYS HG2  H  N N 221 
LYS HG3  H  N N 222 
LYS HD2  H  N N 223 
LYS HD3  H  N N 224 
LYS HE2  H  N N 225 
LYS HE3  H  N N 226 
LYS HZ1  H  N N 227 
LYS HZ2  H  N N 228 
LYS HZ3  H  N N 229 
LYS HXT  H  N N 230 
MET N    N  N N 231 
MET CA   C  N S 232 
MET C    C  N N 233 
MET O    O  N N 234 
MET CB   C  N N 235 
MET CG   C  N N 236 
MET SD   S  N N 237 
MET CE   C  N N 238 
MET OXT  O  N N 239 
MET H    H  N N 240 
MET H2   H  N N 241 
MET HA   H  N N 242 
MET HB2  H  N N 243 
MET HB3  H  N N 244 
MET HG2  H  N N 245 
MET HG3  H  N N 246 
MET HE1  H  N N 247 
MET HE2  H  N N 248 
MET HE3  H  N N 249 
MET HXT  H  N N 250 
NX7 C4   C  Y N 251 
NX7 C5   C  Y N 252 
NX7 C6   C  N N 253 
NX7 C7   C  N N 254 
NX7 C8   C  N N 255 
NX7 C10  C  N N 256 
NX7 N    N  N N 257 
NX7 C    C  Y N 258 
NX7 O    O  N N 259 
NX7 C1   C  Y N 260 
NX7 C2   C  Y N 261 
NX7 C3   C  Y N 262 
NX7 C9   C  N N 263 
NX7 F    F  N N 264 
NX7 F1   F  N N 265 
NX7 H1   H  N N 266 
NX7 H2   H  N N 267 
NX7 H3   H  N N 268 
NX7 H4   H  N N 269 
NX7 H5   H  N N 270 
NX7 H6   H  N N 271 
NX7 H7   H  N N 272 
NX7 H8   H  N N 273 
NX7 H9   H  N N 274 
NX7 H10  H  N N 275 
NX7 H11  H  N N 276 
PHE N    N  N N 277 
PHE CA   C  N S 278 
PHE C    C  N N 279 
PHE O    O  N N 280 
PHE CB   C  N N 281 
PHE CG   C  Y N 282 
PHE CD1  C  Y N 283 
PHE CD2  C  Y N 284 
PHE CE1  C  Y N 285 
PHE CE2  C  Y N 286 
PHE CZ   C  Y N 287 
PHE OXT  O  N N 288 
PHE H    H  N N 289 
PHE H2   H  N N 290 
PHE HA   H  N N 291 
PHE HB2  H  N N 292 
PHE HB3  H  N N 293 
PHE HD1  H  N N 294 
PHE HD2  H  N N 295 
PHE HE1  H  N N 296 
PHE HE2  H  N N 297 
PHE HZ   H  N N 298 
PHE HXT  H  N N 299 
PRO N    N  N N 300 
PRO CA   C  N S 301 
PRO C    C  N N 302 
PRO O    O  N N 303 
PRO CB   C  N N 304 
PRO CG   C  N N 305 
PRO CD   C  N N 306 
PRO OXT  O  N N 307 
PRO H    H  N N 308 
PRO HA   H  N N 309 
PRO HB2  H  N N 310 
PRO HB3  H  N N 311 
PRO HG2  H  N N 312 
PRO HG3  H  N N 313 
PRO HD2  H  N N 314 
PRO HD3  H  N N 315 
PRO HXT  H  N N 316 
SER N    N  N N 317 
SER CA   C  N S 318 
SER C    C  N N 319 
SER O    O  N N 320 
SER CB   C  N N 321 
SER OG   O  N N 322 
SER OXT  O  N N 323 
SER H    H  N N 324 
SER H2   H  N N 325 
SER HA   H  N N 326 
SER HB2  H  N N 327 
SER HB3  H  N N 328 
SER HG   H  N N 329 
SER HXT  H  N N 330 
THR N    N  N N 331 
THR CA   C  N S 332 
THR C    C  N N 333 
THR O    O  N N 334 
THR CB   C  N R 335 
THR OG1  O  N N 336 
THR CG2  C  N N 337 
THR OXT  O  N N 338 
THR H    H  N N 339 
THR H2   H  N N 340 
THR HA   H  N N 341 
THR HB   H  N N 342 
THR HG1  H  N N 343 
THR HG21 H  N N 344 
THR HG22 H  N N 345 
THR HG23 H  N N 346 
THR HXT  H  N N 347 
TRP N    N  N N 348 
TRP CA   C  N S 349 
TRP C    C  N N 350 
TRP O    O  N N 351 
TRP CB   C  N N 352 
TRP CG   C  Y N 353 
TRP CD1  C  Y N 354 
TRP CD2  C  Y N 355 
TRP NE1  N  Y N 356 
TRP CE2  C  Y N 357 
TRP CE3  C  Y N 358 
TRP CZ2  C  Y N 359 
TRP CZ3  C  Y N 360 
TRP CH2  C  Y N 361 
TRP OXT  O  N N 362 
TRP H    H  N N 363 
TRP H2   H  N N 364 
TRP HA   H  N N 365 
TRP HB2  H  N N 366 
TRP HB3  H  N N 367 
TRP HD1  H  N N 368 
TRP HE1  H  N N 369 
TRP HE3  H  N N 370 
TRP HZ2  H  N N 371 
TRP HZ3  H  N N 372 
TRP HH2  H  N N 373 
TRP HXT  H  N N 374 
TYR N    N  N N 375 
TYR CA   C  N S 376 
TYR C    C  N N 377 
TYR O    O  N N 378 
TYR CB   C  N N 379 
TYR CG   C  Y N 380 
TYR CD1  C  Y N 381 
TYR CD2  C  Y N 382 
TYR CE1  C  Y N 383 
TYR CE2  C  Y N 384 
TYR CZ   C  Y N 385 
TYR OH   O  N N 386 
TYR OXT  O  N N 387 
TYR H    H  N N 388 
TYR H2   H  N N 389 
TYR HA   H  N N 390 
TYR HB2  H  N N 391 
TYR HB3  H  N N 392 
TYR HD1  H  N N 393 
TYR HD2  H  N N 394 
TYR HE1  H  N N 395 
TYR HE2  H  N N 396 
TYR HH   H  N N 397 
TYR HXT  H  N N 398 
VAL N    N  N N 399 
VAL CA   C  N S 400 
VAL C    C  N N 401 
VAL O    O  N N 402 
VAL CB   C  N N 403 
VAL CG1  C  N N 404 
VAL CG2  C  N N 405 
VAL OXT  O  N N 406 
VAL H    H  N N 407 
VAL H2   H  N N 408 
VAL HA   H  N N 409 
VAL HB   H  N N 410 
VAL HG11 H  N N 411 
VAL HG12 H  N N 412 
VAL HG13 H  N N 413 
VAL HG21 H  N N 414 
VAL HG22 H  N N 415 
VAL HG23 H  N N 416 
VAL HXT  H  N N 417 
# 
loop_
_chem_comp_bond.comp_id 
_chem_comp_bond.atom_id_1 
_chem_comp_bond.atom_id_2 
_chem_comp_bond.value_order 
_chem_comp_bond.pdbx_aromatic_flag 
_chem_comp_bond.pdbx_stereo_config 
_chem_comp_bond.pdbx_ordinal 
ALA N   CA   sing N N 1   
ALA N   H    sing N N 2   
ALA N   H2   sing N N 3   
ALA CA  C    sing N N 4   
ALA CA  CB   sing N N 5   
ALA CA  HA   sing N N 6   
ALA C   O    doub N N 7   
ALA C   OXT  sing N N 8   
ALA CB  HB1  sing N N 9   
ALA CB  HB2  sing N N 10  
ALA CB  HB3  sing N N 11  
ALA OXT HXT  sing N N 12  
ARG N   CA   sing N N 13  
ARG N   H    sing N N 14  
ARG N   H2   sing N N 15  
ARG CA  C    sing N N 16  
ARG CA  CB   sing N N 17  
ARG CA  HA   sing N N 18  
ARG C   O    doub N N 19  
ARG C   OXT  sing N N 20  
ARG CB  CG   sing N N 21  
ARG CB  HB2  sing N N 22  
ARG CB  HB3  sing N N 23  
ARG CG  CD   sing N N 24  
ARG CG  HG2  sing N N 25  
ARG CG  HG3  sing N N 26  
ARG CD  NE   sing N N 27  
ARG CD  HD2  sing N N 28  
ARG CD  HD3  sing N N 29  
ARG NE  CZ   sing N N 30  
ARG NE  HE   sing N N 31  
ARG CZ  NH1  sing N N 32  
ARG CZ  NH2  doub N N 33  
ARG NH1 HH11 sing N N 34  
ARG NH1 HH12 sing N N 35  
ARG NH2 HH21 sing N N 36  
ARG NH2 HH22 sing N N 37  
ARG OXT HXT  sing N N 38  
ASN N   CA   sing N N 39  
ASN N   H    sing N N 40  
ASN N   H2   sing N N 41  
ASN CA  C    sing N N 42  
ASN CA  CB   sing N N 43  
ASN CA  HA   sing N N 44  
ASN C   O    doub N N 45  
ASN C   OXT  sing N N 46  
ASN CB  CG   sing N N 47  
ASN CB  HB2  sing N N 48  
ASN CB  HB3  sing N N 49  
ASN CG  OD1  doub N N 50  
ASN CG  ND2  sing N N 51  
ASN ND2 HD21 sing N N 52  
ASN ND2 HD22 sing N N 53  
ASN OXT HXT  sing N N 54  
ASP N   CA   sing N N 55  
ASP N   H    sing N N 56  
ASP N   H2   sing N N 57  
ASP CA  C    sing N N 58  
ASP CA  CB   sing N N 59  
ASP CA  HA   sing N N 60  
ASP C   O    doub N N 61  
ASP C   OXT  sing N N 62  
ASP CB  CG   sing N N 63  
ASP CB  HB2  sing N N 64  
ASP CB  HB3  sing N N 65  
ASP CG  OD1  doub N N 66  
ASP CG  OD2  sing N N 67  
ASP OD2 HD2  sing N N 68  
ASP OXT HXT  sing N N 69  
CYS N   CA   sing N N 70  
CYS N   H    sing N N 71  
CYS N   H2   sing N N 72  
CYS CA  C    sing N N 73  
CYS CA  CB   sing N N 74  
CYS CA  HA   sing N N 75  
CYS C   O    doub N N 76  
CYS C   OXT  sing N N 77  
CYS CB  SG   sing N N 78  
CYS CB  HB2  sing N N 79  
CYS CB  HB3  sing N N 80  
CYS SG  HG   sing N N 81  
CYS OXT HXT  sing N N 82  
GLN N   CA   sing N N 83  
GLN N   H    sing N N 84  
GLN N   H2   sing N N 85  
GLN CA  C    sing N N 86  
GLN CA  CB   sing N N 87  
GLN CA  HA   sing N N 88  
GLN C   O    doub N N 89  
GLN C   OXT  sing N N 90  
GLN CB  CG   sing N N 91  
GLN CB  HB2  sing N N 92  
GLN CB  HB3  sing N N 93  
GLN CG  CD   sing N N 94  
GLN CG  HG2  sing N N 95  
GLN CG  HG3  sing N N 96  
GLN CD  OE1  doub N N 97  
GLN CD  NE2  sing N N 98  
GLN NE2 HE21 sing N N 99  
GLN NE2 HE22 sing N N 100 
GLN OXT HXT  sing N N 101 
GLU N   CA   sing N N 102 
GLU N   H    sing N N 103 
GLU N   H2   sing N N 104 
GLU CA  C    sing N N 105 
GLU CA  CB   sing N N 106 
GLU CA  HA   sing N N 107 
GLU C   O    doub N N 108 
GLU C   OXT  sing N N 109 
GLU CB  CG   sing N N 110 
GLU CB  HB2  sing N N 111 
GLU CB  HB3  sing N N 112 
GLU CG  CD   sing N N 113 
GLU CG  HG2  sing N N 114 
GLU CG  HG3  sing N N 115 
GLU CD  OE1  doub N N 116 
GLU CD  OE2  sing N N 117 
GLU OE2 HE2  sing N N 118 
GLU OXT HXT  sing N N 119 
GLY N   CA   sing N N 120 
GLY N   H    sing N N 121 
GLY N   H2   sing N N 122 
GLY CA  C    sing N N 123 
GLY CA  HA2  sing N N 124 
GLY CA  HA3  sing N N 125 
GLY C   O    doub N N 126 
GLY C   OXT  sing N N 127 
GLY OXT HXT  sing N N 128 
HIS N   CA   sing N N 129 
HIS N   H    sing N N 130 
HIS N   H2   sing N N 131 
HIS CA  C    sing N N 132 
HIS CA  CB   sing N N 133 
HIS CA  HA   sing N N 134 
HIS C   O    doub N N 135 
HIS C   OXT  sing N N 136 
HIS CB  CG   sing N N 137 
HIS CB  HB2  sing N N 138 
HIS CB  HB3  sing N N 139 
HIS CG  ND1  sing Y N 140 
HIS CG  CD2  doub Y N 141 
HIS ND1 CE1  doub Y N 142 
HIS ND1 HD1  sing N N 143 
HIS CD2 NE2  sing Y N 144 
HIS CD2 HD2  sing N N 145 
HIS CE1 NE2  sing Y N 146 
HIS CE1 HE1  sing N N 147 
HIS NE2 HE2  sing N N 148 
HIS OXT HXT  sing N N 149 
HOH O   H1   sing N N 150 
HOH O   H2   sing N N 151 
ILE N   CA   sing N N 152 
ILE N   H    sing N N 153 
ILE N   H2   sing N N 154 
ILE CA  C    sing N N 155 
ILE CA  CB   sing N N 156 
ILE CA  HA   sing N N 157 
ILE C   O    doub N N 158 
ILE C   OXT  sing N N 159 
ILE CB  CG1  sing N N 160 
ILE CB  CG2  sing N N 161 
ILE CB  HB   sing N N 162 
ILE CG1 CD1  sing N N 163 
ILE CG1 HG12 sing N N 164 
ILE CG1 HG13 sing N N 165 
ILE CG2 HG21 sing N N 166 
ILE CG2 HG22 sing N N 167 
ILE CG2 HG23 sing N N 168 
ILE CD1 HD11 sing N N 169 
ILE CD1 HD12 sing N N 170 
ILE CD1 HD13 sing N N 171 
ILE OXT HXT  sing N N 172 
LEU N   CA   sing N N 173 
LEU N   H    sing N N 174 
LEU N   H2   sing N N 175 
LEU CA  C    sing N N 176 
LEU CA  CB   sing N N 177 
LEU CA  HA   sing N N 178 
LEU C   O    doub N N 179 
LEU C   OXT  sing N N 180 
LEU CB  CG   sing N N 181 
LEU CB  HB2  sing N N 182 
LEU CB  HB3  sing N N 183 
LEU CG  CD1  sing N N 184 
LEU CG  CD2  sing N N 185 
LEU CG  HG   sing N N 186 
LEU CD1 HD11 sing N N 187 
LEU CD1 HD12 sing N N 188 
LEU CD1 HD13 sing N N 189 
LEU CD2 HD21 sing N N 190 
LEU CD2 HD22 sing N N 191 
LEU CD2 HD23 sing N N 192 
LEU OXT HXT  sing N N 193 
LYS N   CA   sing N N 194 
LYS N   H    sing N N 195 
LYS N   H2   sing N N 196 
LYS CA  C    sing N N 197 
LYS CA  CB   sing N N 198 
LYS CA  HA   sing N N 199 
LYS C   O    doub N N 200 
LYS C   OXT  sing N N 201 
LYS CB  CG   sing N N 202 
LYS CB  HB2  sing N N 203 
LYS CB  HB3  sing N N 204 
LYS CG  CD   sing N N 205 
LYS CG  HG2  sing N N 206 
LYS CG  HG3  sing N N 207 
LYS CD  CE   sing N N 208 
LYS CD  HD2  sing N N 209 
LYS CD  HD3  sing N N 210 
LYS CE  NZ   sing N N 211 
LYS CE  HE2  sing N N 212 
LYS CE  HE3  sing N N 213 
LYS NZ  HZ1  sing N N 214 
LYS NZ  HZ2  sing N N 215 
LYS NZ  HZ3  sing N N 216 
LYS OXT HXT  sing N N 217 
MET N   CA   sing N N 218 
MET N   H    sing N N 219 
MET N   H2   sing N N 220 
MET CA  C    sing N N 221 
MET CA  CB   sing N N 222 
MET CA  HA   sing N N 223 
MET C   O    doub N N 224 
MET C   OXT  sing N N 225 
MET CB  CG   sing N N 226 
MET CB  HB2  sing N N 227 
MET CB  HB3  sing N N 228 
MET CG  SD   sing N N 229 
MET CG  HG2  sing N N 230 
MET CG  HG3  sing N N 231 
MET SD  CE   sing N N 232 
MET CE  HE1  sing N N 233 
MET CE  HE2  sing N N 234 
MET CE  HE3  sing N N 235 
MET OXT HXT  sing N N 236 
NX7 C9  C8   sing N N 237 
NX7 C9  C10  sing N N 238 
NX7 C8  C7   sing N N 239 
NX7 C10 N    sing N N 240 
NX7 C7  N    sing N N 241 
NX7 N   C6   sing N N 242 
NX7 F   C    sing N N 243 
NX7 C6  C5   sing N N 244 
NX7 C6  O    doub N N 245 
NX7 C5  C    doub Y N 246 
NX7 C5  C4   sing Y N 247 
NX7 C   C1   sing Y N 248 
NX7 F1  C4   sing N N 249 
NX7 C4  C3   doub Y N 250 
NX7 C1  C2   doub Y N 251 
NX7 C3  C2   sing Y N 252 
NX7 C7  H1   sing N N 253 
NX7 C7  H2   sing N N 254 
NX7 C8  H3   sing N N 255 
NX7 C8  H4   sing N N 256 
NX7 C10 H5   sing N N 257 
NX7 C10 H6   sing N N 258 
NX7 C1  H7   sing N N 259 
NX7 C2  H8   sing N N 260 
NX7 C3  H9   sing N N 261 
NX7 C9  H10  sing N N 262 
NX7 C9  H11  sing N N 263 
PHE N   CA   sing N N 264 
PHE N   H    sing N N 265 
PHE N   H2   sing N N 266 
PHE CA  C    sing N N 267 
PHE CA  CB   sing N N 268 
PHE CA  HA   sing N N 269 
PHE C   O    doub N N 270 
PHE C   OXT  sing N N 271 
PHE CB  CG   sing N N 272 
PHE CB  HB2  sing N N 273 
PHE CB  HB3  sing N N 274 
PHE CG  CD1  doub Y N 275 
PHE CG  CD2  sing Y N 276 
PHE CD1 CE1  sing Y N 277 
PHE CD1 HD1  sing N N 278 
PHE CD2 CE2  doub Y N 279 
PHE CD2 HD2  sing N N 280 
PHE CE1 CZ   doub Y N 281 
PHE CE1 HE1  sing N N 282 
PHE CE2 CZ   sing Y N 283 
PHE CE2 HE2  sing N N 284 
PHE CZ  HZ   sing N N 285 
PHE OXT HXT  sing N N 286 
PRO N   CA   sing N N 287 
PRO N   CD   sing N N 288 
PRO N   H    sing N N 289 
PRO CA  C    sing N N 290 
PRO CA  CB   sing N N 291 
PRO CA  HA   sing N N 292 
PRO C   O    doub N N 293 
PRO C   OXT  sing N N 294 
PRO CB  CG   sing N N 295 
PRO CB  HB2  sing N N 296 
PRO CB  HB3  sing N N 297 
PRO CG  CD   sing N N 298 
PRO CG  HG2  sing N N 299 
PRO CG  HG3  sing N N 300 
PRO CD  HD2  sing N N 301 
PRO CD  HD3  sing N N 302 
PRO OXT HXT  sing N N 303 
SER N   CA   sing N N 304 
SER N   H    sing N N 305 
SER N   H2   sing N N 306 
SER CA  C    sing N N 307 
SER CA  CB   sing N N 308 
SER CA  HA   sing N N 309 
SER C   O    doub N N 310 
SER C   OXT  sing N N 311 
SER CB  OG   sing N N 312 
SER CB  HB2  sing N N 313 
SER CB  HB3  sing N N 314 
SER OG  HG   sing N N 315 
SER OXT HXT  sing N N 316 
THR N   CA   sing N N 317 
THR N   H    sing N N 318 
THR N   H2   sing N N 319 
THR CA  C    sing N N 320 
THR CA  CB   sing N N 321 
THR CA  HA   sing N N 322 
THR C   O    doub N N 323 
THR C   OXT  sing N N 324 
THR CB  OG1  sing N N 325 
THR CB  CG2  sing N N 326 
THR CB  HB   sing N N 327 
THR OG1 HG1  sing N N 328 
THR CG2 HG21 sing N N 329 
THR CG2 HG22 sing N N 330 
THR CG2 HG23 sing N N 331 
THR OXT HXT  sing N N 332 
TRP N   CA   sing N N 333 
TRP N   H    sing N N 334 
TRP N   H2   sing N N 335 
TRP CA  C    sing N N 336 
TRP CA  CB   sing N N 337 
TRP CA  HA   sing N N 338 
TRP C   O    doub N N 339 
TRP C   OXT  sing N N 340 
TRP CB  CG   sing N N 341 
TRP CB  HB2  sing N N 342 
TRP CB  HB3  sing N N 343 
TRP CG  CD1  doub Y N 344 
TRP CG  CD2  sing Y N 345 
TRP CD1 NE1  sing Y N 346 
TRP CD1 HD1  sing N N 347 
TRP CD2 CE2  doub Y N 348 
TRP CD2 CE3  sing Y N 349 
TRP NE1 CE2  sing Y N 350 
TRP NE1 HE1  sing N N 351 
TRP CE2 CZ2  sing Y N 352 
TRP CE3 CZ3  doub Y N 353 
TRP CE3 HE3  sing N N 354 
TRP CZ2 CH2  doub Y N 355 
TRP CZ2 HZ2  sing N N 356 
TRP CZ3 CH2  sing Y N 357 
TRP CZ3 HZ3  sing N N 358 
TRP CH2 HH2  sing N N 359 
TRP OXT HXT  sing N N 360 
TYR N   CA   sing N N 361 
TYR N   H    sing N N 362 
TYR N   H2   sing N N 363 
TYR CA  C    sing N N 364 
TYR CA  CB   sing N N 365 
TYR CA  HA   sing N N 366 
TYR C   O    doub N N 367 
TYR C   OXT  sing N N 368 
TYR CB  CG   sing N N 369 
TYR CB  HB2  sing N N 370 
TYR CB  HB3  sing N N 371 
TYR CG  CD1  doub Y N 372 
TYR CG  CD2  sing Y N 373 
TYR CD1 CE1  sing Y N 374 
TYR CD1 HD1  sing N N 375 
TYR CD2 CE2  doub Y N 376 
TYR CD2 HD2  sing N N 377 
TYR CE1 CZ   doub Y N 378 
TYR CE1 HE1  sing N N 379 
TYR CE2 CZ   sing Y N 380 
TYR CE2 HE2  sing N N 381 
TYR CZ  OH   sing N N 382 
TYR OH  HH   sing N N 383 
TYR OXT HXT  sing N N 384 
VAL N   CA   sing N N 385 
VAL N   H    sing N N 386 
VAL N   H2   sing N N 387 
VAL CA  C    sing N N 388 
VAL CA  CB   sing N N 389 
VAL CA  HA   sing N N 390 
VAL C   O    doub N N 391 
VAL C   OXT  sing N N 392 
VAL CB  CG1  sing N N 393 
VAL CB  CG2  sing N N 394 
VAL CB  HB   sing N N 395 
VAL CG1 HG11 sing N N 396 
VAL CG1 HG12 sing N N 397 
VAL CG1 HG13 sing N N 398 
VAL CG2 HG21 sing N N 399 
VAL CG2 HG22 sing N N 400 
VAL CG2 HG23 sing N N 401 
VAL OXT HXT  sing N N 402 
# 
_pdbx_deposit_group.group_id            G_1002080 
_pdbx_deposit_group.group_description   
;Human Brachyury screened against the DSI-poised Fragment Library by X-ray Crystallography at the XChem facility of Diamond Light Source beamline I04-1
;
_pdbx_deposit_group.group_title         'PanDDA analysis group deposition' 
_pdbx_deposit_group.group_type          'changed state' 
# 
_pdbx_entity_instance_feature.ordinal        1 
_pdbx_entity_instance_feature.comp_id        NX7 
_pdbx_entity_instance_feature.asym_id        ? 
_pdbx_entity_instance_feature.seq_num        ? 
_pdbx_entity_instance_feature.auth_comp_id   NX7 
_pdbx_entity_instance_feature.auth_asym_id   ? 
_pdbx_entity_instance_feature.auth_seq_num   ? 
_pdbx_entity_instance_feature.feature_type   'SUBJECT OF INVESTIGATION' 
_pdbx_entity_instance_feature.details        ? 
# 
_atom_sites.entry_id                    5QRN 
_atom_sites.fract_transf_matrix[1][1]   0.01501169 
_atom_sites.fract_transf_matrix[1][2]   -0.00730288 
_atom_sites.fract_transf_matrix[1][3]   0.00086116 
_atom_sites.fract_transf_matrix[2][1]   0.00486891 
_atom_sites.fract_transf_matrix[2][2]   0.01133821 
_atom_sites.fract_transf_matrix[2][3]   0.01127668 
_atom_sites.fract_transf_matrix[3][1]   -0.00298214 
_atom_sites.fract_transf_matrix[3][2]   -0.00534454 
_atom_sites.fract_transf_matrix[3][3]   0.00666129 
_atom_sites.fract_transf_vector[1]      0.344618 
_atom_sites.fract_transf_vector[2]      -0.021621 
_atom_sites.fract_transf_vector[3]      0.060523 
# 
loop_
_atom_type.symbol 
C  
CD 
F  
N  
O  
S  
# 
loop_
_atom_site.group_PDB 
_atom_site.id 
_atom_site.type_symbol 
_atom_site.label_atom_id 
_atom_site.label_alt_id 
_atom_site.label_comp_id 
_atom_site.label_asym_id 
_atom_site.label_entity_id 
_atom_site.label_seq_id 
_atom_site.pdbx_PDB_ins_code 
_atom_site.Cartn_x 
_atom_site.Cartn_y 
_atom_site.Cartn_z 
_atom_site.occupancy 
_atom_site.B_iso_or_equiv 
_atom_site.pdbx_formal_charge 
_atom_site.auth_seq_id 
_atom_site.auth_comp_id 
_atom_site.auth_asym_id 
_atom_site.auth_atom_id 
_atom_site.pdbx_PDB_model_num 
ATOM   1    N  N   . GLU A 1 2   ? 10.666  -22.034 -2.468  1.00 81.50  ? 41  GLU A N   1 
ATOM   2    C  CA  . GLU A 1 2   ? 10.702  -20.584 -2.834  1.00 78.66  ? 41  GLU A CA  1 
ATOM   3    C  C   . GLU A 1 2   ? 9.297   -20.011 -2.475  1.00 77.33  ? 41  GLU A C   1 
ATOM   4    O  O   . GLU A 1 2   ? 8.272   -20.447 -3.060  1.00 75.59  ? 41  GLU A O   1 
ATOM   5    C  CB  . GLU A 1 2   ? 11.252  -20.461 -4.285  1.00 73.21  ? 41  GLU A CB  1 
ATOM   6    C  CG  . GLU A 1 2   ? 12.476  -19.530 -4.500  1.00 66.34  ? 41  GLU A CG  1 
ATOM   7    C  CD  . GLU A 1 2   ? 13.813  -20.050 -5.061  1.00 64.07  ? 41  GLU A CD  1 
ATOM   8    O  OE1 . GLU A 1 2   ? 14.231  -19.647 -6.164  1.00 49.69  ? 41  GLU A OE1 1 
ATOM   9    O  OE2 . GLU A 1 2   ? 14.494  -20.783 -4.366  1.00 63.94  ? 41  GLU A OE2 1 
ATOM   10   N  N   . LEU A 1 3   ? 9.244   -19.167 -1.434  1.00 64.36  ? 42  LEU A N   1 
ATOM   11   C  CA  . LEU A 1 3   ? 8.115   -18.287 -0.989  1.00 58.76  ? 42  LEU A CA  1 
ATOM   12   C  C   . LEU A 1 3   ? 7.573   -17.424 -2.145  1.00 53.26  ? 42  LEU A C   1 
ATOM   13   O  O   . LEU A 1 3   ? 8.362   -16.713 -2.743  1.00 51.95  ? 42  LEU A O   1 
ATOM   14   C  CB  . LEU A 1 3   ? 8.709   -17.412 0.117   1.00 56.11  ? 42  LEU A CB  1 
ATOM   15   C  CG  . LEU A 1 3   ? 7.850   -16.299 0.707   1.00 57.87  ? 42  LEU A CG  1 
ATOM   16   C  CD1 . LEU A 1 3   ? 6.383   -16.686 0.791   1.00 62.29  ? 42  LEU A CD1 1 
ATOM   17   C  CD2 . LEU A 1 3   ? 8.379   -15.921 2.089   1.00 60.11  ? 42  LEU A CD2 1 
ATOM   18   N  N   . ARG A 1 4   ? 6.277   -17.478 -2.450  1.00 45.89  ? 43  ARG A N   1 
ATOM   19   C  CA  . ARG A 1 4   ? 5.689   -16.767 -3.611  1.00 39.09  ? 43  ARG A CA  1 
ATOM   20   C  C   . ARG A 1 4   ? 4.692   -15.720 -3.095  1.00 42.13  ? 43  ARG A C   1 
ATOM   21   O  O   . ARG A 1 4   ? 3.887   -16.064 -2.213  1.00 39.56  ? 43  ARG A O   1 
ATOM   22   C  CB  . ARG A 1 4   ? 4.995   -17.747 -4.555  1.00 40.24  ? 43  ARG A CB  1 
ATOM   23   N  N   . VAL A 1 5   ? 4.756   -14.499 -3.623  1.00 41.55  ? 44  VAL A N   1 
ATOM   24   C  CA  . VAL A 1 5   ? 3.827   -13.377 -3.279  1.00 42.72  ? 44  VAL A CA  1 
ATOM   25   C  C   . VAL A 1 5   ? 3.170   -12.927 -4.575  1.00 43.61  ? 44  VAL A C   1 
ATOM   26   O  O   . VAL A 1 5   ? 3.926   -12.615 -5.512  1.00 44.30  ? 44  VAL A O   1 
ATOM   27   C  CB  . VAL A 1 5   ? 4.567   -12.210 -2.602  1.00 43.36  ? 44  VAL A CB  1 
ATOM   28   C  CG1 . VAL A 1 5   ? 3.627   -11.046 -2.318  1.00 40.61  ? 44  VAL A CG1 1 
ATOM   29   C  CG2 . VAL A 1 5   ? 5.278   -12.654 -1.336  1.00 45.14  ? 44  VAL A CG2 1 
ATOM   30   N  N   . GLY A 1 6   ? 1.839   -12.872 -4.609  1.00 41.11  ? 45  GLY A N   1 
ATOM   31   C  CA  . GLY A 1 6   ? 1.042   -12.418 -5.759  1.00 43.15  ? 45  GLY A CA  1 
ATOM   32   C  C   . GLY A 1 6   ? 0.019   -11.366 -5.354  1.00 40.50  ? 45  GLY A C   1 
ATOM   33   O  O   . GLY A 1 6   ? -0.463  -11.385 -4.212  1.00 39.93  ? 45  GLY A O   1 
ATOM   34   N  N   . LEU A 1 7   ? -0.287  -10.450 -6.265  1.00 39.26  ? 46  LEU A N   1 
ATOM   35   C  CA  . LEU A 1 7   ? -1.363  -9.467  -6.053  1.00 34.51  ? 46  LEU A CA  1 
ATOM   36   C  C   . LEU A 1 7   ? -2.705  -10.096 -6.439  1.00 39.29  ? 46  LEU A C   1 
ATOM   37   O  O   . LEU A 1 7   ? -2.774  -10.607 -7.556  1.00 36.89  ? 46  LEU A O   1 
ATOM   38   C  CB  . LEU A 1 7   ? -1.047  -8.256  -6.939  1.00 36.41  ? 46  LEU A CB  1 
ATOM   39   C  CG  . LEU A 1 7   ? -2.077  -7.142  -6.856  1.00 33.26  ? 46  LEU A CG  1 
ATOM   40   C  CD1 . LEU A 1 7   ? -2.131  -6.608  -5.452  1.00 33.75  ? 46  LEU A CD1 1 
ATOM   41   C  CD2 . LEU A 1 7   ? -1.790  -6.040  -7.862  1.00 31.34  ? 46  LEU A CD2 1 
ATOM   42   N  N   . GLU A 1 8   ? -3.717  -10.059 -5.560  1.00 35.11  ? 47  GLU A N   1 
ATOM   43   C  CA  . GLU A 1 8   ? -5.103  -10.510 -5.859  1.00 37.93  ? 47  GLU A CA  1 
ATOM   44   C  C   . GLU A 1 8   ? -5.780  -9.308  -6.523  1.00 42.64  ? 47  GLU A C   1 
ATOM   45   O  O   . GLU A 1 8   ? -5.392  -8.166  -6.186  1.00 36.10  ? 47  GLU A O   1 
ATOM   46   C  CB  . GLU A 1 8   ? -5.810  -11.042 -4.592  1.00 45.63  ? 47  GLU A CB  1 
ATOM   47   C  CG  . GLU A 1 8   ? -7.302  -11.407 -4.755  1.00 52.58  ? 47  GLU A CG  1 
ATOM   48   C  CD  . GLU A 1 8   ? -7.663  -12.761 -5.385  1.00 53.50  ? 47  GLU A CD  1 
ATOM   49   O  OE1 . GLU A 1 8   ? -6.739  -13.430 -5.844  1.00 56.14  ? 47  GLU A OE1 1 
ATOM   50   O  OE2 . GLU A 1 8   ? -8.888  -13.148 -5.438  1.00 65.60  ? 47  GLU A OE2 1 
ATOM   51   N  N   . GLU A 1 9   ? -6.662  -9.569  -7.487  1.00 39.14  ? 48  GLU A N   1 
ATOM   52   C  CA  . GLU A 1 9   ? -7.415  -8.552  -8.274  1.00 40.14  ? 48  GLU A CA  1 
ATOM   53   C  C   . GLU A 1 9   ? -6.452  -7.599  -8.989  1.00 39.33  ? 48  GLU A C   1 
ATOM   54   O  O   . GLU A 1 9   ? -6.764  -6.403  -9.045  1.00 40.73  ? 48  GLU A O   1 
ATOM   55   C  CB  . GLU A 1 9   ? -8.332  -7.692  -7.398  1.00 46.01  ? 48  GLU A CB  1 
ATOM   56   C  CG  . GLU A 1 9   ? -9.137  -8.455  -6.355  1.00 51.63  ? 48  GLU A CG  1 
ATOM   57   C  CD  . GLU A 1 9   ? -10.260 -7.650  -5.712  1.00 55.72  ? 48  GLU A CD  1 
ATOM   58   O  OE1 . GLU A 1 9   ? -10.853 -6.797  -6.406  1.00 63.71  ? 48  GLU A OE1 1 
ATOM   59   O  OE2 . GLU A 1 9   ? -10.527 -7.854  -4.510  1.00 56.59  ? 48  GLU A OE2 1 
ATOM   60   N  N   . SER A 1 10  ? -5.382  -8.097  -9.609  1.00 36.20  ? 49  SER A N   1 
ATOM   61   C  CA  . SER A 1 10  ? -4.471  -7.248  -10.432 1.00 37.80  ? 49  SER A CA  1 
ATOM   62   C  C   . SER A 1 10  ? -5.217  -6.610  -11.620 1.00 33.23  ? 49  SER A C   1 
ATOM   63   O  O   . SER A 1 10  ? -4.916  -5.447  -11.920 1.00 39.00  ? 49  SER A O   1 
ATOM   64   C  CB  . SER A 1 10  ? -3.250  -8.031  -10.892 1.00 42.60  ? 49  SER A CB  1 
ATOM   65   O  OG  . SER A 1 10  ? -3.663  -9.090  -11.736 1.00 48.15  ? 49  SER A OG  1 
ATOM   66   N  N   . GLU A 1 11  ? -6.102  -7.350  -12.303 1.00 37.44  ? 50  GLU A N   1 
ATOM   67   C  CA  . GLU A 1 11  ? -7.111  -6.882  -13.309 1.00 43.63  ? 50  GLU A CA  1 
ATOM   68   C  C   . GLU A 1 11  ? -7.535  -5.442  -12.998 1.00 39.96  ? 50  GLU A C   1 
ATOM   69   O  O   . GLU A 1 11  ? -7.340  -4.528  -13.853 1.00 42.89  ? 50  GLU A O   1 
ATOM   70   C  CB  . GLU A 1 11  ? -8.364  -7.773  -13.238 1.00 46.78  ? 50  GLU A CB  1 
ATOM   71   C  CG  . GLU A 1 11  ? -9.676  -7.056  -13.553 1.00 56.37  ? 50  GLU A CG  1 
ATOM   72   C  CD  . GLU A 1 11  ? -9.782  -6.728  -15.031 1.00 59.67  ? 50  GLU A CD  1 
ATOM   73   O  OE1 . GLU A 1 11  ? -10.550 -5.832  -15.408 1.00 53.43  ? 50  GLU A OE1 1 
ATOM   74   O  OE2 . GLU A 1 11  ? -9.069  -7.385  -15.805 1.00 71.65  ? 50  GLU A OE2 1 
ATOM   75   N  N   . LEU A 1 12  ? -8.077  -5.270  -11.797 1.00 37.13  ? 51  LEU A N   1 
ATOM   76   C  CA  . LEU A 1 12  ? -8.763  -4.025  -11.375 1.00 40.75  ? 51  LEU A CA  1 
ATOM   77   C  C   . LEU A 1 12  ? -7.725  -2.953  -11.034 1.00 35.41  ? 51  LEU A C   1 
ATOM   78   O  O   . LEU A 1 12  ? -7.914  -1.802  -11.416 1.00 34.60  ? 51  LEU A O   1 
ATOM   79   C  CB  . LEU A 1 12  ? -9.633  -4.292  -10.146 1.00 41.92  ? 51  LEU A CB  1 
ATOM   80   C  CG  . LEU A 1 12  ? -10.417 -3.058  -9.680  1.00 44.76  ? 51  LEU A CG  1 
ATOM   81   C  CD1 . LEU A 1 12  ? -11.192 -2.440  -10.840 1.00 45.76  ? 51  LEU A CD1 1 
ATOM   82   C  CD2 . LEU A 1 12  ? -11.328 -3.385  -8.527  1.00 44.68  ? 51  LEU A CD2 1 
ATOM   83   N  N   . TRP A 1 13  ? -6.712  -3.304  -10.242 1.00 29.98  ? 52  TRP A N   1 
ATOM   84   C  CA  . TRP A 1 13  ? -5.603  -2.363  -9.959  1.00 29.62  ? 52  TRP A CA  1 
ATOM   85   C  C   . TRP A 1 13  ? -5.071  -1.798  -11.278 1.00 32.36  ? 52  TRP A C   1 
ATOM   86   O  O   . TRP A 1 13  ? -4.821  -0.576  -11.320 1.00 34.39  ? 52  TRP A O   1 
ATOM   87   C  CB  . TRP A 1 13  ? -4.485  -3.039  -9.174  1.00 25.50  ? 52  TRP A CB  1 
ATOM   88   C  CG  . TRP A 1 13  ? -4.731  -3.161  -7.712  1.00 25.97  ? 52  TRP A CG  1 
ATOM   89   C  CD1 . TRP A 1 13  ? -5.044  -4.292  -7.025  1.00 24.84  ? 52  TRP A CD1 1 
ATOM   90   C  CD2 . TRP A 1 13  ? -4.619  -2.119  -6.732  1.00 26.54  ? 52  TRP A CD2 1 
ATOM   91   N  NE1 . TRP A 1 13  ? -5.162  -4.043  -5.694  1.00 25.96  ? 52  TRP A NE1 1 
ATOM   92   C  CE2 . TRP A 1 13  ? -4.908  -2.706  -5.482  1.00 24.96  ? 52  TRP A CE2 1 
ATOM   93   C  CE3 . TRP A 1 13  ? -4.377  -0.737  -6.806  1.00 24.49  ? 52  TRP A CE3 1 
ATOM   94   C  CZ2 . TRP A 1 13  ? -4.894  -1.967  -4.314  1.00 23.93  ? 52  TRP A CZ2 1 
ATOM   95   C  CZ3 . TRP A 1 13  ? -4.342  -0.017  -5.640  1.00 25.05  ? 52  TRP A CZ3 1 
ATOM   96   C  CH2 . TRP A 1 13  ? -4.612  -0.627  -4.409  1.00 25.35  ? 52  TRP A CH2 1 
ATOM   97   N  N   . LEU A 1 14  ? -4.913  -2.620  -12.327 1.00 33.58  ? 53  LEU A N   1 
ATOM   98   C  CA  . LEU A 1 14  ? -4.316  -2.120  -13.606 1.00 37.00  ? 53  LEU A CA  1 
ATOM   99   C  C   . LEU A 1 14  ? -5.198  -1.051  -14.269 1.00 36.77  ? 53  LEU A C   1 
ATOM   100  O  O   . LEU A 1 14  ? -4.631  -0.102  -14.868 1.00 38.06  ? 53  LEU A O   1 
ATOM   101  C  CB  . LEU A 1 14  ? -4.069  -3.293  -14.557 1.00 41.44  ? 53  LEU A CB  1 
ATOM   102  C  CG  . LEU A 1 14  ? -2.665  -3.910  -14.516 1.00 47.19  ? 53  LEU A CG  1 
ATOM   103  C  CD1 . LEU A 1 14  ? -1.934  -3.639  -13.208 1.00 54.88  ? 53  LEU A CD1 1 
ATOM   104  C  CD2 . LEU A 1 14  ? -2.731  -5.405  -14.805 1.00 48.27  ? 53  LEU A CD2 1 
ATOM   105  N  N   . ARG A 1 15  ? -6.521  -1.174  -14.174 1.00 36.82  ? 54  ARG A N   1 
ATOM   106  C  CA  . ARG A 1 15  ? -7.439  -0.123  -14.685 1.00 42.32  ? 54  ARG A CA  1 
ATOM   107  C  C   . ARG A 1 15  ? -7.144  1.201   -13.970 1.00 35.82  ? 54  ARG A C   1 
ATOM   108  O  O   . ARG A 1 15  ? -7.123  2.242   -14.657 1.00 37.75  ? 54  ARG A O   1 
ATOM   109  C  CB  . ARG A 1 15  ? -8.893  -0.545  -14.497 1.00 50.03  ? 54  ARG A CB  1 
ATOM   110  C  CG  . ARG A 1 15  ? -9.159  -1.981  -14.932 1.00 60.43  ? 54  ARG A CG  1 
ATOM   111  C  CD  . ARG A 1 15  ? -9.984  -2.102  -16.187 1.00 64.98  ? 54  ARG A CD  1 
ATOM   112  N  NE  . ARG A 1 15  ? -11.316 -1.546  -16.002 1.00 67.77  ? 54  ARG A NE  1 
ATOM   113  C  CZ  . ARG A 1 15  ? -12.361 -2.196  -15.499 1.00 71.16  ? 54  ARG A CZ  1 
ATOM   114  N  NH1 . ARG A 1 15  ? -12.266 -3.454  -15.089 1.00 72.63  ? 54  ARG A NH1 1 
ATOM   115  N  NH2 . ARG A 1 15  ? -13.511 -1.561  -15.404 1.00 66.57  ? 54  ARG A NH2 1 
ATOM   116  N  N   . PHE A 1 16  ? -6.924  1.174   -12.661 1.00 28.10  ? 55  PHE A N   1 
ATOM   117  C  CA  . PHE A 1 16  ? -6.623  2.378   -11.847 1.00 28.56  ? 55  PHE A CA  1 
ATOM   118  C  C   . PHE A 1 16  ? -5.279  2.924   -12.248 1.00 34.49  ? 55  PHE A C   1 
ATOM   119  O  O   . PHE A 1 16  ? -5.155  4.124   -12.525 1.00 33.49  ? 55  PHE A O   1 
ATOM   120  C  CB  . PHE A 1 16  ? -6.635  2.148   -10.339 1.00 30.00  ? 55  PHE A CB  1 
ATOM   121  C  CG  . PHE A 1 16  ? -8.026  2.076   -9.767  1.00 30.78  ? 55  PHE A CG  1 
ATOM   122  C  CD1 . PHE A 1 16  ? -8.690  3.230   -9.394  1.00 30.43  ? 55  PHE A CD1 1 
ATOM   123  C  CD2 . PHE A 1 16  ? -8.679  0.870   -9.628  1.00 28.92  ? 55  PHE A CD2 1 
ATOM   124  C  CE1 . PHE A 1 16  ? -9.984  3.149   -8.894  1.00 29.23  ? 55  PHE A CE1 1 
ATOM   125  C  CE2 . PHE A 1 16  ? -9.941  0.783   -9.066  1.00 29.62  ? 55  PHE A CE2 1 
ATOM   126  C  CZ  . PHE A 1 16  ? -10.603 1.924   -8.742  1.00 28.77  ? 55  PHE A CZ  1 
ATOM   127  N  N   . LYS A 1 17  ? -4.283  2.027   -12.299 1.00 29.55  ? 56  LYS A N   1 
ATOM   128  C  CA  . LYS A 1 17  ? -2.924  2.440   -12.709 1.00 31.16  ? 56  LYS A CA  1 
ATOM   129  C  C   . LYS A 1 17  ? -2.965  3.090   -14.084 1.00 30.84  ? 56  LYS A C   1 
ATOM   130  O  O   . LYS A 1 17  ? -2.252  4.115   -14.212 1.00 33.04  ? 56  LYS A O   1 
ATOM   131  C  CB  . LYS A 1 17  ? -1.917  1.287   -12.622 1.00 33.75  ? 56  LYS A CB  1 
ATOM   132  C  CG  . LYS A 1 17  ? -0.517  1.755   -12.976 1.00 35.60  ? 56  LYS A CG  1 
ATOM   133  C  CD  . LYS A 1 17  ? 0.601   0.940   -12.465 1.00 42.52  ? 56  LYS A CD  1 
ATOM   134  C  CE  . LYS A 1 17  ? 1.907   1.559   -12.884 1.00 35.18  ? 56  LYS A CE  1 
ATOM   135  N  NZ  . LYS A 1 17  ? 3.004   0.745   -12.324 1.00 39.01  ? 56  LYS A NZ  1 
ATOM   136  N  N   . GLU A 1 18  ? -3.698  2.562   -15.082 1.00 35.09  ? 57  GLU A N   1 
ATOM   137  C  CA  . GLU A 1 18  ? -3.607  3.145   -16.459 1.00 35.15  ? 57  GLU A CA  1 
ATOM   138  C  C   . GLU A 1 18  ? -4.109  4.600   -16.414 1.00 34.67  ? 57  GLU A C   1 
ATOM   139  O  O   . GLU A 1 18  ? -3.669  5.370   -17.279 1.00 39.80  ? 57  GLU A O   1 
ATOM   140  C  CB  . GLU A 1 18  ? -4.257  2.329   -17.581 1.00 44.84  ? 57  GLU A CB  1 
ATOM   141  C  CG  . GLU A 1 18  ? -5.557  1.638   -17.269 1.00 55.95  ? 57  GLU A CG  1 
ATOM   142  C  CD  . GLU A 1 18  ? -5.888  0.486   -18.223 1.00 68.02  ? 57  GLU A CD  1 
ATOM   143  O  OE1 . GLU A 1 18  ? -4.933  -0.078  -18.830 1.00 66.54  ? 57  GLU A OE1 1 
ATOM   144  O  OE2 . GLU A 1 18  ? -7.104  0.143   -18.368 1.00 54.15  ? 57  GLU A OE2 1 
ATOM   145  N  N   . LEU A 1 19  ? -4.907  5.001   -15.413 1.00 35.10  ? 58  LEU A N   1 
ATOM   146  C  CA  . LEU A 1 19  ? -5.437  6.409   -15.295 1.00 38.82  ? 58  LEU A CA  1 
ATOM   147  C  C   . LEU A 1 19  ? -4.567  7.276   -14.394 1.00 36.53  ? 58  LEU A C   1 
ATOM   148  O  O   . LEU A 1 19  ? -4.894  8.476   -14.222 1.00 36.47  ? 58  LEU A O   1 
ATOM   149  C  CB  . LEU A 1 19  ? -6.858  6.382   -14.724 1.00 38.05  ? 58  LEU A CB  1 
ATOM   150  C  CG  . LEU A 1 19  ? -7.853  5.503   -15.471 1.00 40.69  ? 58  LEU A CG  1 
ATOM   151  C  CD1 . LEU A 1 19  ? -9.172  5.421   -14.692 1.00 44.02  ? 58  LEU A CD1 1 
ATOM   152  C  CD2 . LEU A 1 19  ? -8.083  6.012   -16.887 1.00 41.43  ? 58  LEU A CD2 1 
ATOM   153  N  N   . THR A 1 20  ? -3.543  6.692   -13.759 1.00 32.24  ? 59  THR A N   1 
ATOM   154  C  CA  . THR A 1 20  ? -2.844  7.248   -12.573 1.00 28.69  ? 59  THR A CA  1 
ATOM   155  C  C   . THR A 1 20  ? -3.736  7.181   -11.329 1.00 28.42  ? 59  THR A C   1 
ATOM   156  O  O   . THR A 1 20  ? -4.676  8.033   -11.148 1.00 28.83  ? 59  THR A O   1 
ATOM   157  C  CB  . THR A 1 20  ? -2.309  8.673   -12.763 1.00 32.55  ? 59  THR A CB  1 
ATOM   158  O  OG1 . THR A 1 20  ? -1.612  8.757   -13.997 1.00 33.36  ? 59  THR A OG1 1 
ATOM   159  C  CG2 . THR A 1 20  ? -1.392  9.133   -11.660 1.00 34.79  ? 59  THR A CG2 1 
ATOM   160  N  N   . ASN A 1 21  ? -3.441  6.265   -10.414 1.00 29.05  ? 60  ASN A N   1 
ATOM   161  C  CA  . ASN A 1 21  ? -4.314  6.043   -9.239  1.00 27.77  ? 60  ASN A CA  1 
ATOM   162  C  C   . ASN A 1 21  ? -4.093  7.184   -8.224  1.00 30.98  ? 60  ASN A C   1 
ATOM   163  O  O   . ASN A 1 21  ? -3.034  7.781   -8.165  1.00 27.38  ? 60  ASN A O   1 
ATOM   164  C  CB  . ASN A 1 21  ? -4.071  4.646   -8.665  1.00 28.17  ? 60  ASN A CB  1 
ATOM   165  C  CG  . ASN A 1 21  ? -5.182  4.109   -7.791  1.00 32.81  ? 60  ASN A CG  1 
ATOM   166  O  OD1 . ASN A 1 21  ? -6.204  4.794   -7.521  1.00 30.60  ? 60  ASN A OD1 1 
ATOM   167  N  ND2 . ASN A 1 21  ? -4.993  2.862   -7.369  1.00 27.57  ? 60  ASN A ND2 1 
ATOM   168  N  N   . GLU A 1 22  ? -5.102  7.472   -7.412  1.00 26.41  ? 61  GLU A N   1 
ATOM   169  C  CA  . GLU A 1 22  ? -5.065  8.476   -6.340  1.00 27.58  ? 61  GLU A CA  1 
ATOM   170  C  C   . GLU A 1 22  ? -5.664  7.817   -5.114  1.00 27.00  ? 61  GLU A C   1 
ATOM   171  O  O   . GLU A 1 22  ? -6.683  7.072   -5.297  1.00 32.17  ? 61  GLU A O   1 
ATOM   172  C  CB  . GLU A 1 22  ? -5.911  9.696   -6.756  1.00 29.99  ? 61  GLU A CB  1 
ATOM   173  C  CG  . GLU A 1 22  ? -5.630  10.252  -8.134  1.00 28.85  ? 61  GLU A CG  1 
ATOM   174  C  CD  . GLU A 1 22  ? -6.455  11.491  -8.507  1.00 28.43  ? 61  GLU A CD  1 
ATOM   175  O  OE1 . GLU A 1 22  ? -6.516  11.794  -9.692  1.00 27.91  ? 61  GLU A OE1 1 
ATOM   176  O  OE2 . GLU A 1 22  ? -6.911  12.160  -7.595  1.00 35.31  ? 61  GLU A OE2 1 
ATOM   177  N  N   . MET A 1 23  ? -5.126  8.089   -3.940  1.00 26.79  ? 62  MET A N   1 
ATOM   178  C  CA  . MET A 1 23  ? -5.669  7.669   -2.642  1.00 28.91  ? 62  MET A CA  1 
ATOM   179  C  C   . MET A 1 23  ? -5.875  8.886   -1.769  1.00 30.89  ? 62  MET A C   1 
ATOM   180  O  O   . MET A 1 23  ? -4.974  9.693   -1.652  1.00 28.07  ? 62  MET A O   1 
ATOM   181  C  CB  . MET A 1 23  ? -4.771  6.687   -1.873  1.00 28.41  ? 62  MET A CB  1 
ATOM   182  C  CG  . MET A 1 23  ? -4.666  5.403   -2.597  1.00 30.39  ? 62  MET A CG  1 
ATOM   183  S  SD  . MET A 1 23  ? -6.112  4.290   -2.466  1.00 29.66  ? 62  MET A SD  1 
ATOM   184  C  CE  . MET A 1 23  ? -5.451  2.977   -3.481  1.00 28.96  ? 62  MET A CE  1 
ATOM   185  N  N   . ILE A 1 24  ? -7.066  8.999   -1.168  1.00 31.23  ? 63  ILE A N   1 
ATOM   186  C  CA  . ILE A 1 24  ? -7.322  10.144  -0.261  1.00 31.33  ? 63  ILE A CA  1 
ATOM   187  C  C   . ILE A 1 24  ? -6.603  9.979   1.063   1.00 31.42  ? 63  ILE A C   1 
ATOM   188  O  O   . ILE A 1 24  ? -6.650  8.882   1.659   1.00 34.32  ? 63  ILE A O   1 
ATOM   189  C  CB  . ILE A 1 24  ? -8.825  10.295  0.016   1.00 37.01  ? 63  ILE A CB  1 
ATOM   190  C  CG1 . ILE A 1 24  ? -9.615  10.392  -1.277  1.00 41.20  ? 63  ILE A CG1 1 
ATOM   191  C  CG2 . ILE A 1 24  ? -9.012  11.498  0.931   1.00 39.35  ? 63  ILE A CG2 1 
ATOM   192  C  CD1 . ILE A 1 24  ? -9.468  11.699  -1.958  1.00 39.91  ? 63  ILE A CD1 1 
ATOM   193  N  N   . VAL A 1 25  ? -5.999  11.064  1.532   1.00 33.39  ? 64  VAL A N   1 
ATOM   194  C  CA  . VAL A 1 25  ? -5.443  11.160  2.906   1.00 37.10  ? 64  VAL A CA  1 
ATOM   195  C  C   . VAL A 1 25  ? -6.240  12.234  3.652   1.00 37.90  ? 64  VAL A C   1 
ATOM   196  O  O   . VAL A 1 25  ? -6.676  13.181  3.005   1.00 41.03  ? 64  VAL A O   1 
ATOM   197  C  CB  . VAL A 1 25  ? -3.947  11.449  2.816   1.00 36.80  ? 64  VAL A CB  1 
ATOM   198  C  CG1 . VAL A 1 25  ? -3.276  10.301  2.088   1.00 36.91  ? 64  VAL A CG1 1 
ATOM   199  C  CG2 . VAL A 1 25  ? -3.665  12.756  2.099   1.00 39.39  ? 64  VAL A CG2 1 
ATOM   200  N  N   . THR A 1 26  ? -6.529  12.013  4.925   1.00 41.49  ? 65  THR A N   1 
ATOM   201  C  CA  . THR A 1 26  ? -7.351  12.943  5.755   1.00 43.81  ? 65  THR A CA  1 
ATOM   202  C  C   . THR A 1 26  ? -6.599  13.111  7.063   1.00 51.91  ? 65  THR A C   1 
ATOM   203  O  O   . THR A 1 26  ? -5.675  12.299  7.292   1.00 45.27  ? 65  THR A O   1 
ATOM   204  C  CB  . THR A 1 26  ? -8.761  12.410  6.049   1.00 38.11  ? 65  THR A CB  1 
ATOM   205  O  OG1 . THR A 1 26  ? -8.619  11.260  6.880   1.00 43.21  ? 65  THR A OG1 1 
ATOM   206  C  CG2 . THR A 1 26  ? -9.567  12.084  4.814   1.00 39.67  ? 65  THR A CG2 1 
ATOM   207  N  N   . LYS A 1 27  ? -6.983  14.065  7.913   1.00 47.79  ? 66  LYS A N   1 
ATOM   208  C  CA  . LYS A 1 27  ? -6.242  14.276  9.187   1.00 52.74  ? 66  LYS A CA  1 
ATOM   209  C  C   . LYS A 1 27  ? -6.451  13.050  10.084  1.00 45.49  ? 66  LYS A C   1 
ATOM   210  O  O   . LYS A 1 27  ? -5.502  12.689  10.813  1.00 47.54  ? 66  LYS A O   1 
ATOM   211  C  CB  . LYS A 1 27  ? -6.663  15.574  9.888   1.00 60.32  ? 66  LYS A CB  1 
ATOM   212  C  CG  . LYS A 1 27  ? -6.186  15.704  11.329  1.00 64.30  ? 66  LYS A CG  1 
ATOM   213  C  CD  . LYS A 1 27  ? -6.218  17.124  11.870  1.00 77.62  ? 66  LYS A CD  1 
ATOM   214  C  CE  . LYS A 1 27  ? -6.161  17.162  13.384  1.00 81.00  ? 66  LYS A CE  1 
ATOM   215  N  NZ  . LYS A 1 27  ? -7.407  16.624  13.984  1.00 87.01  ? 66  LYS A NZ  1 
ATOM   216  N  N   . ASN A 1 28  ? -7.641  12.440  10.033  1.00 48.43  ? 67  ASN A N   1 
ATOM   217  C  CA  . ASN A 1 28  ? -8.039  11.302  10.906  1.00 54.36  ? 67  ASN A CA  1 
ATOM   218  C  C   . ASN A 1 28  ? -7.656  9.966   10.244  1.00 53.01  ? 67  ASN A C   1 
ATOM   219  O  O   . ASN A 1 28  ? -7.478  8.951   10.969  1.00 45.16  ? 67  ASN A O   1 
ATOM   220  C  CB  . ASN A 1 28  ? -9.529  11.369  11.256  1.00 61.72  ? 67  ASN A CB  1 
ATOM   221  C  CG  . ASN A 1 28  ? -9.801  12.027  12.594  1.00 69.96  ? 67  ASN A CG  1 
ATOM   222  O  OD1 . ASN A 1 28  ? -9.095  12.951  13.009  1.00 65.38  ? 67  ASN A OD1 1 
ATOM   223  N  ND2 . ASN A 1 28  ? -10.827 11.548  13.282  1.00 74.20  ? 67  ASN A ND2 1 
ATOM   224  N  N   . GLY A 1 29  ? -7.507  9.956   8.918   1.00 50.86  ? 68  GLY A N   1 
ATOM   225  C  CA  . GLY A 1 29  ? -7.050  8.756   8.195   1.00 43.00  ? 68  GLY A CA  1 
ATOM   226  C  C   . GLY A 1 29  ? -8.182  8.123   7.441   1.00 43.95  ? 68  GLY A C   1 
ATOM   227  O  O   . GLY A 1 29  ? -9.313  8.052   8.004   1.00 46.37  ? 68  GLY A O   1 
ATOM   228  N  N   . ARG A 1 30  ? -7.904  7.726   6.202   1.00 34.54  ? 69  ARG A N   1 
ATOM   229  C  CA  . ARG A 1 30  ? -8.864  7.181   5.219   1.00 37.19  ? 69  ARG A CA  1 
ATOM   230  C  C   . ARG A 1 30  ? -8.386  5.810   4.772   1.00 37.47  ? 69  ARG A C   1 
ATOM   231  O  O   . ARG A 1 30  ? -7.172  5.662   4.452   1.00 33.22  ? 69  ARG A O   1 
ATOM   232  C  CB  . ARG A 1 30  ? -9.029  8.116   4.017   1.00 36.12  ? 69  ARG A CB  1 
ATOM   233  C  CG  . ARG A 1 30  ? -10.006 7.630   2.963   1.00 36.90  ? 69  ARG A CG  1 
ATOM   234  C  CD  . ARG A 1 30  ? -11.463 7.696   3.445   1.00 39.51  ? 69  ARG A CD  1 
ATOM   235  N  NE  . ARG A 1 30  ? -11.815 9.054   3.846   1.00 45.96  ? 69  ARG A NE  1 
ATOM   236  C  CZ  . ARG A 1 30  ? -12.295 9.990   3.018   1.00 49.60  ? 69  ARG A CZ  1 
ATOM   237  N  NH1 . ARG A 1 30  ? -12.591 11.190  3.490   1.00 55.89  ? 69  ARG A NH1 1 
ATOM   238  N  NH2 . ARG A 1 30  ? -12.503 9.722   1.737   1.00 45.55  ? 69  ARG A NH2 1 
ATOM   239  N  N   . ARG A 1 31  ? -9.296  4.842   4.782   1.00 34.16  ? 70  ARG A N   1 
ATOM   240  C  CA  . ARG A 1 31  ? -9.055  3.479   4.259   1.00 36.87  ? 70  ARG A CA  1 
ATOM   241  C  C   . ARG A 1 31  ? -8.916  3.549   2.735   1.00 33.03  ? 70  ARG A C   1 
ATOM   242  O  O   . ARG A 1 31  ? -9.422  4.486   2.099   1.00 33.59  ? 70  ARG A O   1 
ATOM   243  C  CB  . ARG A 1 31  ? -10.130 2.503   4.743   1.00 39.59  ? 70  ARG A CB  1 
ATOM   244  C  CG  . ARG A 1 31  ? -9.844  1.970   6.139   1.00 48.27  ? 70  ARG A CG  1 
ATOM   245  C  CD  . ARG A 1 31  ? -11.039 1.991   7.062   1.00 62.52  ? 70  ARG A CD  1 
ATOM   246  N  NE  . ARG A 1 31  ? -11.853 0.787   7.013   1.00 69.19  ? 70  ARG A NE  1 
ATOM   247  C  CZ  . ARG A 1 31  ? -13.062 0.674   7.576   1.00 79.98  ? 70  ARG A CZ  1 
ATOM   248  N  NH1 . ARG A 1 31  ? -13.606 1.705   8.217   1.00 80.94  ? 70  ARG A NH1 1 
ATOM   249  N  NH2 . ARG A 1 31  ? -13.721 -0.473  7.489   1.00 75.67  ? 70  ARG A NH2 1 
ATOM   250  N  N   . MET A 1 32  ? -8.171  2.591   2.192   1.00 33.37  ? 71  MET A N   1 
ATOM   251  C  CA  . MET A 1 32  ? -7.797  2.461   0.770   1.00 28.87  ? 71  MET A CA  1 
ATOM   252  C  C   . MET A 1 32  ? -8.905  1.742   -0.007  1.00 28.34  ? 71  MET A C   1 
ATOM   253  O  O   . MET A 1 32  ? -9.502  0.770   0.521   1.00 32.29  ? 71  MET A O   1 
ATOM   254  C  CB  . MET A 1 32  ? -6.501  1.624   0.628   1.00 27.78  ? 71  MET A CB  1 
ATOM   255  C  CG  . MET A 1 32  ? -5.273  2.348   1.143   1.00 31.73  ? 71  MET A CG  1 
ATOM   256  S  SD  . MET A 1 32  ? -3.798  1.283   1.032   1.00 28.86  ? 71  MET A SD  1 
ATOM   257  C  CE  . MET A 1 32  ? -3.572  1.140   -0.730  1.00 31.26  ? 71  MET A CE  1 
ATOM   258  N  N   . PHE A 1 33  ? -9.127  2.186   -1.233  1.00 27.49  ? 72  PHE A N   1 
ATOM   259  C  CA  . PHE A 1 33  ? -9.846  1.443   -2.289  1.00 30.49  ? 72  PHE A CA  1 
ATOM   260  C  C   . PHE A 1 33  ? -9.112  1.652   -3.595  1.00 32.23  ? 72  PHE A C   1 
ATOM   261  O  O   . PHE A 1 33  ? -8.909  2.804   -4.005  1.00 35.88  ? 72  PHE A O   1 
ATOM   262  C  CB  . PHE A 1 33  ? -11.293 1.938   -2.508  1.00 30.11  ? 72  PHE A CB  1 
ATOM   263  C  CG  . PHE A 1 33  ? -12.038 0.994   -3.423  1.00 32.07  ? 72  PHE A CG  1 
ATOM   264  C  CD1 . PHE A 1 33  ? -12.470 -0.238  -2.937  1.00 34.22  ? 72  PHE A CD1 1 
ATOM   265  C  CD2 . PHE A 1 33  ? -12.101 1.216   -4.791  1.00 33.65  ? 72  PHE A CD2 1 
ATOM   266  C  CE1 . PHE A 1 33  ? -13.035 -1.177  -3.791  1.00 36.59  ? 72  PHE A CE1 1 
ATOM   267  C  CE2 . PHE A 1 33  ? -12.681 0.286   -5.646  1.00 35.95  ? 72  PHE A CE2 1 
ATOM   268  C  CZ  . PHE A 1 33  ? -13.167 -0.902  -5.133  1.00 36.56  ? 72  PHE A CZ  1 
ATOM   269  N  N   . PRO A 1 34  ? -8.752  0.592   -4.327  1.00 31.72  ? 73  PRO A N   1 
ATOM   270  C  CA  . PRO A 1 34  ? -8.856  -0.786  -3.848  1.00 32.48  ? 73  PRO A CA  1 
ATOM   271  C  C   . PRO A 1 34  ? -8.004  -1.064  -2.598  1.00 26.36  ? 73  PRO A C   1 
ATOM   272  O  O   . PRO A 1 34  ? -7.116  -0.329  -2.254  1.00 29.72  ? 73  PRO A O   1 
ATOM   273  C  CB  . PRO A 1 34  ? -8.407  -1.621  -5.053  1.00 36.90  ? 73  PRO A CB  1 
ATOM   274  C  CG  . PRO A 1 34  ? -8.538  -0.698  -6.240  1.00 35.28  ? 73  PRO A CG  1 
ATOM   275  C  CD  . PRO A 1 34  ? -8.262  0.677   -5.702  1.00 31.87  ? 73  PRO A CD  1 
ATOM   276  N  N   . VAL A 1 35  ? -8.356  -2.135  -1.917  1.00 31.95  ? 74  VAL A N   1 
ATOM   277  C  CA  . VAL A 1 35  ? -7.624  -2.708  -0.775  1.00 30.49  ? 74  VAL A CA  1 
ATOM   278  C  C   . VAL A 1 35  ? -6.510  -3.580  -1.373  1.00 26.87  ? 74  VAL A C   1 
ATOM   279  O  O   . VAL A 1 35  ? -6.755  -4.344  -2.319  1.00 28.74  ? 74  VAL A O   1 
ATOM   280  C  CB  . VAL A 1 35  ? -8.584  -3.530  0.091   1.00 34.24  ? 74  VAL A CB  1 
ATOM   281  C  CG1 . VAL A 1 35  ? -7.847  -4.333  1.127   1.00 34.91  ? 74  VAL A CG1 1 
ATOM   282  C  CG2 . VAL A 1 35  ? -9.672  -2.651  0.707   1.00 36.32  ? 74  VAL A CG2 1 
ATOM   283  N  N   . LEU A 1 36  ? -5.336  -3.461  -0.809  1.00 29.09  ? 75  LEU A N   1 
ATOM   284  C  CA  . LEU A 1 36  ? -4.218  -4.362  -1.156  1.00 29.57  ? 75  LEU A CA  1 
ATOM   285  C  C   . LEU A 1 36  ? -4.535  -5.742  -0.571  1.00 28.85  ? 75  LEU A C   1 
ATOM   286  O  O   . LEU A 1 36  ? -4.608  -5.887  0.682   1.00 27.03  ? 75  LEU A O   1 
ATOM   287  C  CB  . LEU A 1 36  ? -2.911  -3.812  -0.620  1.00 31.09  ? 75  LEU A CB  1 
ATOM   288  C  CG  . LEU A 1 36  ? -1.685  -4.686  -0.901  1.00 32.76  ? 75  LEU A CG  1 
ATOM   289  C  CD1 . LEU A 1 36  ? -1.324  -4.639  -2.368  1.00 35.89  ? 75  LEU A CD1 1 
ATOM   290  C  CD2 . LEU A 1 36  ? -0.505  -4.253  -0.059  1.00 37.25  ? 75  LEU A CD2 1 
ATOM   291  N  N   . LYS A 1 37  ? -4.653  -6.734  -1.436  1.00 30.72  ? 76  LYS A N   1 
ATOM   292  C  CA  . LYS A 1 37  ? -4.871  -8.157  -1.021  1.00 32.55  ? 76  LYS A CA  1 
ATOM   293  C  C   . LYS A 1 37  ? -3.812  -9.019  -1.710  1.00 33.29  ? 76  LYS A C   1 
ATOM   294  O  O   . LYS A 1 37  ? -3.638  -8.858  -2.954  1.00 33.24  ? 76  LYS A O   1 
ATOM   295  C  CB  . LYS A 1 37  ? -6.269  -8.631  -1.416  1.00 35.77  ? 76  LYS A CB  1 
ATOM   296  C  CG  . LYS A 1 37  ? -7.382  -7.695  -0.966  1.00 37.53  ? 76  LYS A CG  1 
ATOM   297  C  CD  . LYS A 1 37  ? -8.745  -8.076  -1.435  1.00 42.50  ? 76  LYS A CD  1 
ATOM   298  C  CE  . LYS A 1 37  ? -9.786  -7.113  -0.898  1.00 47.79  ? 76  LYS A CE  1 
ATOM   299  N  NZ  . LYS A 1 37  ? -11.132 -7.734  -0.893  1.00 56.90  ? 76  LYS A NZ  1 
ATOM   300  N  N   . VAL A 1 38  ? -3.119  -9.855  -0.936  1.00 35.09  ? 77  VAL A N   1 
ATOM   301  C  CA  . VAL A 1 38  ? -1.892  -10.548 -1.410  1.00 35.16  ? 77  VAL A CA  1 
ATOM   302  C  C   . VAL A 1 38  ? -2.106  -12.052 -1.284  1.00 37.96  ? 77  VAL A C   1 
ATOM   303  O  O   . VAL A 1 38  ? -2.566  -12.489 -0.250  1.00 32.77  ? 77  VAL A O   1 
ATOM   304  C  CB  . VAL A 1 38  ? -0.650  -10.073 -0.645  1.00 39.55  ? 77  VAL A CB  1 
ATOM   305  C  CG1 . VAL A 1 38  ? -0.540  -8.551  -0.656  1.00 41.18  ? 77  VAL A CG1 1 
ATOM   306  C  CG2 . VAL A 1 38  ? -0.646  -10.560 0.779   1.00 46.25  ? 77  VAL A CG2 1 
ATOM   307  N  N   . ASN A 1 39  ? -1.752  -12.792 -2.324  1.00 38.12  ? 78  ASN A N   1 
ATOM   308  C  CA  . ASN A 1 39  ? -1.728  -14.268 -2.306  1.00 39.94  ? 78  ASN A CA  1 
ATOM   309  C  C   . ASN A 1 39  ? -0.325  -14.687 -1.900  1.00 37.50  ? 78  ASN A C   1 
ATOM   310  O  O   . ASN A 1 39  ? 0.661   -14.146 -2.449  1.00 34.63  ? 78  ASN A O   1 
ATOM   311  C  CB  . ASN A 1 39  ? -2.190  -14.836 -3.643  1.00 44.25  ? 78  ASN A CB  1 
ATOM   312  C  CG  . ASN A 1 39  ? -3.600  -14.402 -3.944  1.00 46.72  ? 78  ASN A CG  1 
ATOM   313  O  OD1 . ASN A 1 39  ? -4.498  -14.618 -3.133  1.00 48.08  ? 78  ASN A OD1 1 
ATOM   314  N  ND2 . ASN A 1 39  ? -3.779  -13.741 -5.075  1.00 51.00  ? 78  ASN A ND2 1 
ATOM   315  N  N   . VAL A 1 40  ? -0.230  -15.542 -0.891  1.00 37.96  ? 79  VAL A N   1 
ATOM   316  C  CA  . VAL A 1 40  ? 1.093   -16.011 -0.410  1.00 37.53  ? 79  VAL A CA  1 
ATOM   317  C  C   . VAL A 1 40  ? 1.062   -17.531 -0.391  1.00 39.58  ? 79  VAL A C   1 
ATOM   318  O  O   . VAL A 1 40  ? 0.096   -18.087 0.151   1.00 41.85  ? 79  VAL A O   1 
ATOM   319  C  CB  . VAL A 1 40  ? 1.420   -15.450 0.979   1.00 39.66  ? 79  VAL A CB  1 
ATOM   320  C  CG1 . VAL A 1 40  ? 2.657   -16.099 1.529   1.00 41.95  ? 79  VAL A CG1 1 
ATOM   321  C  CG2 . VAL A 1 40  ? 1.571   -13.920 0.950   1.00 39.88  ? 79  VAL A CG2 1 
ATOM   322  N  N   . SER A 1 41  ? 2.097   -18.144 -0.954  1.00 43.74  ? 80  SER A N   1 
ATOM   323  C  CA  . SER A 1 41  ? 2.343   -19.604 -0.864  1.00 43.19  ? 80  SER A CA  1 
ATOM   324  C  C   . SER A 1 41  ? 3.796   -19.849 -0.477  1.00 39.93  ? 80  SER A C   1 
ATOM   325  O  O   . SER A 1 41  ? 4.653   -18.932 -0.600  1.00 43.50  ? 80  SER A O   1 
ATOM   326  C  CB  . SER A 1 41  ? 1.979   -20.297 -2.151  1.00 47.07  ? 80  SER A CB  1 
ATOM   327  O  OG  . SER A 1 41  ? 2.737   -19.816 -3.249  1.00 44.81  ? 80  SER A OG  1 
ATOM   328  N  N   . GLY A 1 42  ? 4.083   -21.067 -0.021  1.00 43.77  ? 81  GLY A N   1 
ATOM   329  C  CA  . GLY A 1 42  ? 5.459   -21.496 0.248   1.00 37.19  ? 81  GLY A CA  1 
ATOM   330  C  C   . GLY A 1 42  ? 5.929   -21.089 1.622   1.00 37.80  ? 81  GLY A C   1 
ATOM   331  O  O   . GLY A 1 42  ? 7.113   -21.263 1.883   1.00 41.13  ? 81  GLY A O   1 
ATOM   332  N  N   . LEU A 1 43  ? 5.054   -20.577 2.501   1.00 40.44  ? 82  LEU A N   1 
ATOM   333  C  CA  . LEU A 1 43  ? 5.416   -20.389 3.929   1.00 36.99  ? 82  LEU A CA  1 
ATOM   334  C  C   . LEU A 1 43  ? 5.456   -21.778 4.592   1.00 39.93  ? 82  LEU A C   1 
ATOM   335  O  O   . LEU A 1 43  ? 4.797   -22.685 4.067   1.00 38.28  ? 82  LEU A O   1 
ATOM   336  C  CB  . LEU A 1 43  ? 4.382   -19.509 4.641   1.00 39.83  ? 82  LEU A CB  1 
ATOM   337  C  CG  . LEU A 1 43  ? 4.363   -18.036 4.222   1.00 39.59  ? 82  LEU A CG  1 
ATOM   338  C  CD1 . LEU A 1 43  ? 3.449   -17.235 5.126   1.00 43.97  ? 82  LEU A CD1 1 
ATOM   339  C  CD2 . LEU A 1 43  ? 5.757   -17.433 4.244   1.00 40.88  ? 82  LEU A CD2 1 
ATOM   340  N  N   . ASP A 1 44  ? 6.164   -21.909 5.715   1.00 43.01  ? 83  ASP A N   1 
ATOM   341  C  CA  . ASP A 1 44  ? 6.067   -23.097 6.612   1.00 43.24  ? 83  ASP A CA  1 
ATOM   342  C  C   . ASP A 1 44  ? 4.746   -22.965 7.368   1.00 45.68  ? 83  ASP A C   1 
ATOM   343  O  O   . ASP A 1 44  ? 4.543   -21.989 8.095   1.00 43.20  ? 83  ASP A O   1 
ATOM   344  C  CB  . ASP A 1 44  ? 7.295   -23.208 7.514   1.00 50.05  ? 83  ASP A CB  1 
ATOM   345  C  CG  . ASP A 1 44  ? 7.287   -24.399 8.462   1.00 48.80  ? 83  ASP A CG  1 
ATOM   346  O  OD1 . ASP A 1 44  ? 6.195   -24.882 8.812   1.00 52.00  ? 83  ASP A OD1 1 
ATOM   347  O  OD2 . ASP A 1 44  ? 8.374   -24.782 8.882   1.00 51.44  ? 83  ASP A OD2 1 
ATOM   348  N  N   . PRO A 1 45  ? 3.771   -23.871 7.142   1.00 44.97  ? 84  PRO A N   1 
ATOM   349  C  CA  . PRO A 1 45  ? 2.450   -23.745 7.748   1.00 43.92  ? 84  PRO A CA  1 
ATOM   350  C  C   . PRO A 1 45  ? 2.533   -23.581 9.266   1.00 44.58  ? 84  PRO A C   1 
ATOM   351  O  O   . PRO A 1 45  ? 1.657   -22.950 9.816   1.00 44.67  ? 84  PRO A O   1 
ATOM   352  C  CB  . PRO A 1 45  ? 1.734   -25.053 7.368   1.00 45.13  ? 84  PRO A CB  1 
ATOM   353  C  CG  . PRO A 1 45  ? 2.428   -25.523 6.107   1.00 46.87  ? 84  PRO A CG  1 
ATOM   354  C  CD  . PRO A 1 45  ? 3.854   -25.028 6.226   1.00 48.39  ? 84  PRO A CD  1 
ATOM   355  N  N   . ASN A 1 46  ? 3.609   -24.102 9.873   1.00 48.91  ? 85  ASN A N   1 
ATOM   356  C  CA  . ASN A 1 46  ? 3.789   -24.242 11.341  1.00 44.95  ? 85  ASN A CA  1 
ATOM   357  C  C   . ASN A 1 46  ? 4.660   -23.127 11.906  1.00 42.75  ? 85  ASN A C   1 
ATOM   358  O  O   . ASN A 1 46  ? 4.738   -23.024 13.154  1.00 44.14  ? 85  ASN A O   1 
ATOM   359  C  CB  . ASN A 1 46  ? 4.352   -25.627 11.657  1.00 49.24  ? 85  ASN A CB  1 
ATOM   360  C  CG  . ASN A 1 46  ? 3.309   -26.666 11.329  1.00 50.55  ? 85  ASN A CG  1 
ATOM   361  O  OD1 . ASN A 1 46  ? 2.267   -26.695 11.977  1.00 51.90  ? 85  ASN A OD1 1 
ATOM   362  N  ND2 . ASN A 1 46  ? 3.542   -27.460 10.297  1.00 56.04  ? 85  ASN A ND2 1 
ATOM   363  N  N   . ALA A 1 47  ? 5.320   -22.353 11.038  1.00 41.43  ? 86  ALA A N   1 
ATOM   364  C  CA  . ALA A 1 47  ? 6.155   -21.199 11.414  1.00 40.31  ? 86  ALA A CA  1 
ATOM   365  C  C   . ALA A 1 47  ? 5.263   -19.987 11.686  1.00 36.50  ? 86  ALA A C   1 
ATOM   366  O  O   . ALA A 1 47  ? 4.088   -19.950 11.246  1.00 39.21  ? 86  ALA A O   1 
ATOM   367  C  CB  . ALA A 1 47  ? 7.209   -20.916 10.361  1.00 40.85  ? 86  ALA A CB  1 
ATOM   368  N  N   . MET A 1 48  ? 5.805   -19.039 12.445  1.00 41.43  ? 87  MET A N   1 
ATOM   369  C  CA  . MET A 1 48  ? 5.088   -17.818 12.880  1.00 36.33  ? 87  MET A CA  1 
ATOM   370  C  C   . MET A 1 48  ? 5.575   -16.641 12.019  1.00 33.78  ? 87  MET A C   1 
ATOM   371  O  O   . MET A 1 48  ? 6.752   -16.587 11.748  1.00 35.61  ? 87  MET A O   1 
ATOM   372  C  CB  . MET A 1 48  ? 5.381   -17.571 14.358  1.00 42.54  ? 87  MET A CB  1 
ATOM   373  C  CG  . MET A 1 48  ? 5.043   -18.783 15.232  1.00 52.34  ? 87  MET A CG  1 
ATOM   374  S  SD  . MET A 1 48  ? 3.585   -18.531 16.240  1.00 56.38  ? 87  MET A SD  1 
ATOM   375  C  CE  . MET A 1 48  ? 2.690   -17.386 15.187  1.00 38.12  ? 87  MET A CE  1 
ATOM   376  N  N   . TYR A 1 49  ? 4.665   -15.757 11.609  1.00 31.84  ? 88  TYR A N   1 
ATOM   377  C  CA  . TYR A 1 49  ? 4.981   -14.641 10.689  1.00 32.82  ? 88  TYR A CA  1 
ATOM   378  C  C   . TYR A 1 49  ? 4.109   -13.437 11.045  1.00 35.11  ? 88  TYR A C   1 
ATOM   379  O  O   . TYR A 1 49  ? 2.951   -13.635 11.454  1.00 31.67  ? 88  TYR A O   1 
ATOM   380  C  CB  . TYR A 1 49  ? 4.690   -15.000 9.233   1.00 29.76  ? 88  TYR A CB  1 
ATOM   381  C  CG  . TYR A 1 49  ? 5.416   -16.196 8.666   1.00 36.75  ? 88  TYR A CG  1 
ATOM   382  C  CD1 . TYR A 1 49  ? 6.615   -16.069 7.978   1.00 37.01  ? 88  TYR A CD1 1 
ATOM   383  C  CD2 . TYR A 1 49  ? 4.870   -17.463 8.760   1.00 35.33  ? 88  TYR A CD2 1 
ATOM   384  C  CE1 . TYR A 1 49  ? 7.264   -17.164 7.432   1.00 37.39  ? 88  TYR A CE1 1 
ATOM   385  C  CE2 . TYR A 1 49  ? 5.523   -18.577 8.248   1.00 40.15  ? 88  TYR A CE2 1 
ATOM   386  C  CZ  . TYR A 1 49  ? 6.736   -18.434 7.599   1.00 39.75  ? 88  TYR A CZ  1 
ATOM   387  O  OH  . TYR A 1 49  ? 7.355   -19.518 7.041   1.00 37.96  ? 88  TYR A OH  1 
ATOM   388  N  N   . SER A 1 50  ? 4.653   -12.236 10.844  1.00 30.44  ? 89  SER A N   1 
ATOM   389  C  CA  . SER A 1 50  ? 3.921   -10.954 10.874  1.00 28.74  ? 89  SER A CA  1 
ATOM   390  C  C   . SER A 1 50  ? 3.978   -10.340 9.483   1.00 32.88  ? 89  SER A C   1 
ATOM   391  O  O   . SER A 1 50  ? 5.023   -10.503 8.847   1.00 29.56  ? 89  SER A O   1 
ATOM   392  C  CB  . SER A 1 50  ? 4.480   -10.049 11.900  1.00 30.56  ? 89  SER A CB  1 
ATOM   393  O  OG  . SER A 1 50  ? 4.223   -10.607 13.176  1.00 33.66  ? 89  SER A OG  1 
ATOM   394  N  N   . PHE A 1 51  ? 2.847   -9.823  9.004   1.00 29.14  ? 90  PHE A N   1 
ATOM   395  C  CA  . PHE A 1 51  ? 2.744   -9.129  7.704   1.00 26.99  ? 90  PHE A CA  1 
ATOM   396  C  C   . PHE A 1 51  ? 2.761   -7.637  7.960   1.00 31.52  ? 90  PHE A C   1 
ATOM   397  O  O   . PHE A 1 51  ? 1.924   -7.074  8.765   1.00 27.33  ? 90  PHE A O   1 
ATOM   398  C  CB  . PHE A 1 51  ? 1.506   -9.537  6.940   1.00 29.75  ? 90  PHE A CB  1 
ATOM   399  C  CG  . PHE A 1 51  ? 1.717   -10.775 6.135   1.00 28.68  ? 90  PHE A CG  1 
ATOM   400  C  CD1 . PHE A 1 51  ? 1.579   -10.759 4.763   1.00 31.90  ? 90  PHE A CD1 1 
ATOM   401  C  CD2 . PHE A 1 51  ? 2.092   -11.951 6.759   1.00 28.07  ? 90  PHE A CD2 1 
ATOM   402  C  CE1 . PHE A 1 51  ? 1.728   -11.931 4.049   1.00 31.83  ? 90  PHE A CE1 1 
ATOM   403  C  CE2 . PHE A 1 51  ? 2.251   -13.113 6.042   1.00 33.37  ? 90  PHE A CE2 1 
ATOM   404  C  CZ  . PHE A 1 51  ? 2.080   -13.101 4.687   1.00 30.20  ? 90  PHE A CZ  1 
ATOM   405  N  N   . LEU A 1 52  ? 3.687   -6.965  7.273   1.00 27.82  ? 91  LEU A N   1 
ATOM   406  C  CA  . LEU A 1 52  ? 3.895   -5.520  7.450   1.00 25.77  ? 91  LEU A CA  1 
ATOM   407  C  C   . LEU A 1 52  ? 3.618   -4.846  6.107   1.00 26.77  ? 91  LEU A C   1 
ATOM   408  O  O   . LEU A 1 52  ? 3.927   -5.452  5.076   1.00 26.18  ? 91  LEU A O   1 
ATOM   409  C  CB  . LEU A 1 52  ? 5.337   -5.262  7.860   1.00 29.71  ? 91  LEU A CB  1 
ATOM   410  C  CG  . LEU A 1 52  ? 5.691   -5.333  9.342   1.00 35.67  ? 91  LEU A CG  1 
ATOM   411  C  CD1 . LEU A 1 52  ? 5.111   -6.544  10.011  1.00 39.26  ? 91  LEU A CD1 1 
ATOM   412  C  CD2 . LEU A 1 52  ? 7.209   -5.271  9.488   1.00 33.43  ? 91  LEU A CD2 1 
ATOM   413  N  N   . LEU A 1 53  ? 3.136   -3.612  6.133   1.00 24.74  ? 92  LEU A N   1 
ATOM   414  C  CA  . LEU A 1 53  ? 2.829   -2.845  4.911   1.00 24.81  ? 92  LEU A CA  1 
ATOM   415  C  C   . LEU A 1 53  ? 3.504   -1.487  5.080   1.00 24.89  ? 92  LEU A C   1 
ATOM   416  O  O   . LEU A 1 53  ? 3.372   -0.841  6.122   1.00 25.22  ? 92  LEU A O   1 
ATOM   417  C  CB  . LEU A 1 53  ? 1.308   -2.732  4.701   1.00 26.14  ? 92  LEU A CB  1 
ATOM   418  C  CG  . LEU A 1 53  ? 0.866   -1.690  3.680   1.00 26.61  ? 92  LEU A CG  1 
ATOM   419  C  CD1 . LEU A 1 53  ? 1.241   -2.075  2.278   1.00 25.32  ? 92  LEU A CD1 1 
ATOM   420  C  CD2 . LEU A 1 53  ? -0.656  -1.474  3.751   1.00 25.59  ? 92  LEU A CD2 1 
ATOM   421  N  N   . ASP A 1 54  ? 4.239   -1.029  4.064   1.00 25.97  ? 93  ASP A N   1 
ATOM   422  C  CA  . ASP A 1 54  ? 4.769   0.356   4.073   1.00 23.58  ? 93  ASP A CA  1 
ATOM   423  C  C   . ASP A 1 54  ? 4.627   0.889   2.643   1.00 20.40  ? 93  ASP A C   1 
ATOM   424  O  O   . ASP A 1 54  ? 4.095   0.223   1.750   1.00 21.62  ? 93  ASP A O   1 
ATOM   425  C  CB  . ASP A 1 54  ? 6.174   0.483   4.684   1.00 26.09  ? 93  ASP A CB  1 
ATOM   426  C  CG  . ASP A 1 54  ? 7.247   -0.297  3.948   1.00 24.25  ? 93  ASP A CG  1 
ATOM   427  O  OD1 . ASP A 1 54  ? 6.991   -0.728  2.810   1.00 27.38  ? 93  ASP A OD1 1 
ATOM   428  O  OD2 . ASP A 1 54  ? 8.342   -0.439  4.555   1.00 29.23  ? 93  ASP A OD2 1 
ATOM   429  N  N   . PHE A 1 55  ? 4.963   2.148   2.468   1.00 23.89  ? 94  PHE A N   1 
ATOM   430  C  CA  . PHE A 1 55  ? 4.746   2.903   1.216   1.00 23.48  ? 94  PHE A CA  1 
ATOM   431  C  C   . PHE A 1 55  ? 6.047   3.586   0.856   1.00 24.47  ? 94  PHE A C   1 
ATOM   432  O  O   . PHE A 1 55  ? 6.474   4.460   1.572   1.00 27.29  ? 94  PHE A O   1 
ATOM   433  C  CB  . PHE A 1 55  ? 3.601   3.905   1.355   1.00 23.07  ? 94  PHE A CB  1 
ATOM   434  C  CG  . PHE A 1 55  ? 2.289   3.259   1.721   1.00 22.80  ? 94  PHE A CG  1 
ATOM   435  C  CD1 . PHE A 1 55  ? 1.428   2.790   0.741   1.00 26.08  ? 94  PHE A CD1 1 
ATOM   436  C  CD2 . PHE A 1 55  ? 1.998   2.980   3.043   1.00 28.11  ? 94  PHE A CD2 1 
ATOM   437  C  CE1 . PHE A 1 55  ? 0.249   2.141   1.076   1.00 25.84  ? 94  PHE A CE1 1 
ATOM   438  C  CE2 . PHE A 1 55  ? 0.811   2.353   3.372   1.00 26.02  ? 94  PHE A CE2 1 
ATOM   439  C  CZ  . PHE A 1 55  ? -0.039  1.905   2.392   1.00 27.00  ? 94  PHE A CZ  1 
ATOM   440  N  N   . VAL A 1 56  ? 6.633   3.152   -0.253  1.00 27.28  ? 95  VAL A N   1 
ATOM   441  C  CA  . VAL A 1 56  ? 7.903   3.748   -0.751  1.00 26.18  ? 95  VAL A CA  1 
ATOM   442  C  C   . VAL A 1 56  ? 7.521   4.961   -1.566  1.00 21.91  ? 95  VAL A C   1 
ATOM   443  O  O   . VAL A 1 56  ? 6.750   4.783   -2.509  1.00 23.79  ? 95  VAL A O   1 
ATOM   444  C  CB  . VAL A 1 56  ? 8.638   2.750   -1.660  1.00 27.60  ? 95  VAL A CB  1 
ATOM   445  C  CG1 . VAL A 1 56  ? 9.923   3.377   -2.210  1.00 25.20  ? 95  VAL A CG1 1 
ATOM   446  C  CG2 . VAL A 1 56  ? 8.923   1.441   -0.916  1.00 29.90  ? 95  VAL A CG2 1 
ATOM   447  N  N   . ALA A 1 57  ? 8.203   6.079   -1.369  1.00 25.36  ? 96  ALA A N   1 
ATOM   448  C  CA  . ALA A 1 57  ? 8.102   7.266   -2.234  1.00 25.82  ? 96  ALA A CA  1 
ATOM   449  C  C   . ALA A 1 57  ? 8.777   6.937   -3.533  1.00 25.81  ? 96  ALA A C   1 
ATOM   450  O  O   . ALA A 1 57  ? 10.022  6.665   -3.508  1.00 24.89  ? 96  ALA A O   1 
ATOM   451  C  CB  . ALA A 1 57  ? 8.718   8.479   -1.541  1.00 26.60  ? 96  ALA A CB  1 
ATOM   452  N  N   . ALA A 1 58  ? 7.987   6.819   -4.597  1.00 25.29  ? 97  ALA A N   1 
ATOM   453  C  CA  . ALA A 1 58  ? 8.397   6.278   -5.909  1.00 25.13  ? 97  ALA A CA  1 
ATOM   454  C  C   . ALA A 1 58  ? 9.391   7.216   -6.603  1.00 28.18  ? 97  ALA A C   1 
ATOM   455  O  O   . ALA A 1 58  ? 10.203  6.744   -7.472  1.00 27.68  ? 97  ALA A O   1 
ATOM   456  C  CB  . ALA A 1 58  ? 7.220   6.074   -6.781  1.00 27.01  ? 97  ALA A CB  1 
ATOM   457  N  N   . ASP A 1 59  ? 9.294   8.485   -6.278  1.00 28.61  ? 98  ASP A N   1 
ATOM   458  C  CA  . ASP A 1 59  ? 10.228  9.529   -6.757  1.00 27.67  ? 98  ASP A CA  1 
ATOM   459  C  C   . ASP A 1 59  ? 10.310  10.559  -5.644  1.00 30.95  ? 98  ASP A C   1 
ATOM   460  O  O   . ASP A 1 59  ? 9.525   10.474  -4.663  1.00 32.15  ? 98  ASP A O   1 
ATOM   461  C  CB  . ASP A 1 59  ? 9.805   10.012  -8.146  1.00 26.61  ? 98  ASP A CB  1 
ATOM   462  C  CG  . ASP A 1 59  ? 8.424   10.683  -8.066  1.00 29.79  ? 98  ASP A CG  1 
ATOM   463  O  OD1 . ASP A 1 59  ? 8.321   11.688  -7.349  1.00 33.35  ? 98  ASP A OD1 1 
ATOM   464  O  OD2 . ASP A 1 59  ? 7.508   10.123  -8.612  1.00 31.63  ? 98  ASP A OD2 1 
ATOM   465  N  N   . ASN A 1 60  ? 11.184  11.540  -5.825  1.00 30.39  ? 99  ASN A N   1 
ATOM   466  C  CA  . ASN A 1 60  ? 11.443  12.558  -4.799  1.00 34.17  ? 99  ASN A CA  1 
ATOM   467  C  C   . ASN A 1 60  ? 10.659  13.841  -5.083  1.00 34.32  ? 99  ASN A C   1 
ATOM   468  O  O   . ASN A 1 60  ? 11.015  14.867  -4.480  1.00 37.48  ? 99  ASN A O   1 
ATOM   469  C  CB  . ASN A 1 60  ? 12.933  12.874  -4.776  1.00 36.55  ? 99  ASN A CB  1 
ATOM   470  C  CG  . ASN A 1 60  ? 13.736  11.722  -4.227  1.00 37.93  ? 99  ASN A CG  1 
ATOM   471  O  OD1 . ASN A 1 60  ? 14.890  11.557  -4.603  1.00 45.79  ? 99  ASN A OD1 1 
ATOM   472  N  ND2 . ASN A 1 60  ? 13.144  10.951  -3.344  1.00 34.18  ? 99  ASN A ND2 1 
ATOM   473  N  N   . HIS A 1 61  ? 9.654   13.816  -5.947  1.00 34.68  ? 100 HIS A N   1 
ATOM   474  C  CA  . HIS A 1 61  ? 8.993   15.067  -6.393  1.00 31.30  ? 100 HIS A CA  1 
ATOM   475  C  C   . HIS A 1 61  ? 7.556   15.211  -5.859  1.00 37.52  ? 100 HIS A C   1 
ATOM   476  O  O   . HIS A 1 61  ? 6.883   14.211  -5.476  1.00 32.16  ? 100 HIS A O   1 
ATOM   477  C  CB  . HIS A 1 61  ? 8.985   15.167  -7.914  1.00 33.76  ? 100 HIS A CB  1 
ATOM   478  C  CG  . HIS A 1 61  ? 10.330  15.167  -8.562  1.00 39.03  ? 100 HIS A CG  1 
ATOM   479  N  ND1 . HIS A 1 61  ? 10.852  16.321  -9.165  1.00 39.15  ? 100 HIS A ND1 1 
ATOM   480  C  CD2 . HIS A 1 61  ? 11.235  14.174  -8.760  1.00 36.88  ? 100 HIS A CD2 1 
ATOM   481  C  CE1 . HIS A 1 61  ? 12.029  16.026  -9.698  1.00 45.77  ? 100 HIS A CE1 1 
ATOM   482  N  NE2 . HIS A 1 61  ? 12.296  14.710  -9.453  1.00 34.52  ? 100 HIS A NE2 1 
ATOM   483  N  N   . ARG A 1 62  ? 7.106   16.463  -5.885  1.00 41.32  ? 101 ARG A N   1 
ATOM   484  C  CA  . ARG A 1 62  ? 5.707   16.876  -5.640  1.00 38.54  ? 101 ARG A CA  1 
ATOM   485  C  C   . ARG A 1 62  ? 5.032   16.903  -7.012  1.00 36.54  ? 101 ARG A C   1 
ATOM   486  O  O   . ARG A 1 62  ? 5.624   17.442  -7.984  1.00 44.39  ? 101 ARG A O   1 
ATOM   487  C  CB  . ARG A 1 62  ? 5.755   18.223  -4.908  1.00 49.34  ? 101 ARG A CB  1 
ATOM   488  C  CG  . ARG A 1 62  ? 4.532   19.123  -5.064  1.00 59.35  ? 101 ARG A CG  1 
ATOM   489  C  CD  . ARG A 1 62  ? 4.554   20.304  -4.099  1.00 64.15  ? 101 ARG A CD  1 
ATOM   490  N  NE  . ARG A 1 62  ? 4.717   19.808  -2.739  1.00 74.81  ? 101 ARG A NE  1 
ATOM   491  C  CZ  . ARG A 1 62  ? 3.751   19.270  -1.993  1.00 86.39  ? 101 ARG A CZ  1 
ATOM   492  N  NH1 . ARG A 1 62  ? 2.509   19.189  -2.450  1.00 85.79  ? 101 ARG A NH1 1 
ATOM   493  N  NH2 . ARG A 1 62  ? 4.031   18.827  -0.778  1.00 90.17  ? 101 ARG A NH2 1 
ATOM   494  N  N   . TRP A 1 63  ? 3.843   16.313  -7.097  1.00 34.68  ? 102 TRP A N   1 
ATOM   495  C  CA  . TRP A 1 63  ? 3.054   16.187  -8.334  1.00 30.68  ? 102 TRP A CA  1 
ATOM   496  C  C   . TRP A 1 63  ? 1.857   17.148  -8.262  1.00 34.76  ? 102 TRP A C   1 
ATOM   497  O  O   . TRP A 1 63  ? 1.376   17.399  -7.169  1.00 37.30  ? 102 TRP A O   1 
ATOM   498  C  CB  . TRP A 1 63  ? 2.582   14.744  -8.489  1.00 31.55  ? 102 TRP A CB  1 
ATOM   499  C  CG  . TRP A 1 63  ? 3.711   13.813  -8.809  1.00 29.68  ? 102 TRP A CG  1 
ATOM   500  C  CD1 . TRP A 1 63  ? 4.651   13.322  -7.946  1.00 31.81  ? 102 TRP A CD1 1 
ATOM   501  C  CD2 . TRP A 1 63  ? 4.007   13.262  -10.098 1.00 29.53  ? 102 TRP A CD2 1 
ATOM   502  N  NE1 . TRP A 1 63  ? 5.485   12.472  -8.612  1.00 30.77  ? 102 TRP A NE1 1 
ATOM   503  C  CE2 . TRP A 1 63  ? 5.150   12.438  -9.932  1.00 29.66  ? 102 TRP A CE2 1 
ATOM   504  C  CE3 . TRP A 1 63  ? 3.447   13.387  -11.373 1.00 31.26  ? 102 TRP A CE3 1 
ATOM   505  C  CZ2 . TRP A 1 63  ? 5.722   11.753  -10.991 1.00 31.21  ? 102 TRP A CZ2 1 
ATOM   506  C  CZ3 . TRP A 1 63  ? 3.982   12.665  -12.413 1.00 33.11  ? 102 TRP A CZ3 1 
ATOM   507  C  CH2 . TRP A 1 63  ? 5.112   11.852  -12.220 1.00 31.33  ? 102 TRP A CH2 1 
ATOM   508  N  N   . LYS A 1 64  ? 1.413   17.638  -9.404  1.00 34.55  ? 103 LYS A N   1 
ATOM   509  C  CA  . LYS A 1 64  ? 0.293   18.610  -9.491  1.00 41.85  ? 103 LYS A CA  1 
ATOM   510  C  C   . LYS A 1 64  ? -0.539  18.243  -10.721 1.00 39.56  ? 103 LYS A C   1 
ATOM   511  O  O   . LYS A 1 64  ? 0.031   17.786  -11.702 1.00 35.49  ? 103 LYS A O   1 
ATOM   512  C  CB  . LYS A 1 64  ? 0.860   20.035  -9.485  1.00 50.46  ? 103 LYS A CB  1 
ATOM   513  C  CG  . LYS A 1 64  ? 2.297   20.167  -9.982  1.00 64.93  ? 103 LYS A CG  1 
ATOM   514  C  CD  . LYS A 1 64  ? 2.668   21.548  -10.521 1.00 73.98  ? 103 LYS A CD  1 
ATOM   515  C  CE  . LYS A 1 64  ? 3.999   21.564  -11.249 1.00 78.46  ? 103 LYS A CE  1 
ATOM   516  N  NZ  . LYS A 1 64  ? 4.021   22.559  -12.349 1.00 79.40  ? 103 LYS A NZ  1 
ATOM   517  N  N   . TYR A 1 65  ? -1.865  18.358  -10.647 1.00 40.84  ? 104 TYR A N   1 
ATOM   518  C  CA  . TYR A 1 65  ? -2.784  17.951  -11.738 1.00 40.50  ? 104 TYR A CA  1 
ATOM   519  C  C   . TYR A 1 65  ? -3.003  19.219  -12.570 1.00 42.83  ? 104 TYR A C   1 
ATOM   520  O  O   . TYR A 1 65  ? -3.670  20.115  -12.082 1.00 45.16  ? 104 TYR A O   1 
ATOM   521  C  CB  . TYR A 1 65  ? -4.070  17.325  -11.182 1.00 38.43  ? 104 TYR A CB  1 
ATOM   522  C  CG  . TYR A 1 65  ? -4.937  16.599  -12.183 1.00 38.38  ? 104 TYR A CG  1 
ATOM   523  C  CD1 . TYR A 1 65  ? -4.530  15.424  -12.772 1.00 36.27  ? 104 TYR A CD1 1 
ATOM   524  C  CD2 . TYR A 1 65  ? -6.195  17.082  -12.543 1.00 40.35  ? 104 TYR A CD2 1 
ATOM   525  C  CE1 . TYR A 1 65  ? -5.324  14.734  -13.667 1.00 42.33  ? 104 TYR A CE1 1 
ATOM   526  C  CE2 . TYR A 1 65  ? -6.992  16.409  -13.457 1.00 37.59  ? 104 TYR A CE2 1 
ATOM   527  C  CZ  . TYR A 1 65  ? -6.573  15.223  -14.008 1.00 39.45  ? 104 TYR A CZ  1 
ATOM   528  O  OH  . TYR A 1 65  ? -7.341  14.553  -14.918 1.00 43.28  ? 104 TYR A OH  1 
ATOM   529  N  N   . VAL A 1 66  ? -2.323  19.311  -13.706 1.00 48.54  ? 105 VAL A N   1 
ATOM   530  C  CA  . VAL A 1 66  ? -2.244  20.546  -14.539 1.00 53.27  ? 105 VAL A CA  1 
ATOM   531  C  C   . VAL A 1 66  ? -2.928  20.208  -15.854 1.00 47.79  ? 105 VAL A C   1 
ATOM   532  O  O   . VAL A 1 66  ? -2.434  19.300  -16.596 1.00 47.36  ? 105 VAL A O   1 
ATOM   533  C  CB  . VAL A 1 66  ? -0.792  21.031  -14.743 1.00 53.35  ? 105 VAL A CB  1 
ATOM   534  C  CG1 . VAL A 1 66  ? -0.694  22.136  -15.788 1.00 55.18  ? 105 VAL A CG1 1 
ATOM   535  C  CG2 . VAL A 1 66  ? -0.168  21.502  -13.436 1.00 53.47  ? 105 VAL A CG2 1 
ATOM   536  N  N   . ASN A 1 67  ? -4.049  20.884  -16.110 1.00 54.57  ? 106 ASN A N   1 
ATOM   537  C  CA  . ASN A 1 67  ? -4.798  20.773  -17.381 1.00 55.86  ? 106 ASN A CA  1 
ATOM   538  C  C   . ASN A 1 67  ? -5.032  19.299  -17.680 1.00 53.32  ? 106 ASN A C   1 
ATOM   539  O  O   . ASN A 1 67  ? -4.584  18.859  -18.745 1.00 47.61  ? 106 ASN A O   1 
ATOM   540  C  CB  . ASN A 1 67  ? -4.044  21.450  -18.529 1.00 66.00  ? 106 ASN A CB  1 
ATOM   541  C  CG  . ASN A 1 67  ? -3.887  22.937  -18.299 1.00 67.50  ? 106 ASN A CG  1 
ATOM   542  O  OD1 . ASN A 1 67  ? -4.829  23.594  -17.864 1.00 67.81  ? 106 ASN A OD1 1 
ATOM   543  N  ND2 . ASN A 1 67  ? -2.701  23.466  -18.561 1.00 61.55  ? 106 ASN A ND2 1 
ATOM   544  N  N   . GLY A 1 68  ? -5.651  18.581  -16.733 1.00 51.37  ? 107 GLY A N   1 
ATOM   545  C  CA  . GLY A 1 68  ? -6.114  17.189  -16.902 1.00 49.14  ? 107 GLY A CA  1 
ATOM   546  C  C   . GLY A 1 68  ? -4.978  16.181  -16.881 1.00 43.47  ? 107 GLY A C   1 
ATOM   547  O  O   . GLY A 1 68  ? -5.181  15.054  -17.337 1.00 42.14  ? 107 GLY A O   1 
ATOM   548  N  N   . GLU A 1 69  ? -3.804  16.555  -16.394 1.00 45.13  ? 108 GLU A N   1 
ATOM   549  C  CA  . GLU A 1 69  ? -2.645  15.628  -16.459 1.00 48.95  ? 108 GLU A CA  1 
ATOM   550  C  C   . GLU A 1 69  ? -1.794  15.835  -15.206 1.00 41.68  ? 108 GLU A C   1 
ATOM   551  O  O   . GLU A 1 69  ? -1.595  16.955  -14.808 1.00 41.89  ? 108 GLU A O   1 
ATOM   552  C  CB  . GLU A 1 69  ? -1.942  15.791  -17.814 1.00 55.51  ? 108 GLU A CB  1 
ATOM   553  C  CG  . GLU A 1 69  ? -0.671  16.638  -17.815 1.00 70.22  ? 108 GLU A CG  1 
ATOM   554  C  CD  . GLU A 1 69  ? 0.125   16.618  -19.123 1.00 79.86  ? 108 GLU A CD  1 
ATOM   555  O  OE1 . GLU A 1 69  ? 0.218   15.539  -19.761 1.00 77.20  ? 108 GLU A OE1 1 
ATOM   556  O  OE2 . GLU A 1 69  ? 0.671   17.682  -19.500 1.00 88.01  ? 108 GLU A OE2 1 
ATOM   557  N  N   . TRP A 1 70  ? -1.334  14.750  -14.583 1.00 39.96  ? 109 TRP A N   1 
ATOM   558  C  CA  . TRP A 1 70  ? -0.360  14.809  -13.467 1.00 32.79  ? 109 TRP A CA  1 
ATOM   559  C  C   . TRP A 1 70  ? 1.043   15.124  -14.014 1.00 35.90  ? 109 TRP A C   1 
ATOM   560  O  O   . TRP A 1 70  ? 1.468   14.438  -14.967 1.00 40.16  ? 109 TRP A O   1 
ATOM   561  C  CB  . TRP A 1 70  ? -0.353  13.463  -12.716 1.00 34.81  ? 109 TRP A CB  1 
ATOM   562  C  CG  . TRP A 1 70  ? -1.546  13.276  -11.848 1.00 32.21  ? 109 TRP A CG  1 
ATOM   563  C  CD1 . TRP A 1 70  ? -2.620  12.455  -12.077 1.00 34.22  ? 109 TRP A CD1 1 
ATOM   564  C  CD2 . TRP A 1 70  ? -1.780  13.915  -10.587 1.00 27.90  ? 109 TRP A CD2 1 
ATOM   565  N  NE1 . TRP A 1 70  ? -3.530  12.588  -11.068 1.00 34.75  ? 109 TRP A NE1 1 
ATOM   566  C  CE2 . TRP A 1 70  ? -3.039  13.458  -10.133 1.00 33.23  ? 109 TRP A CE2 1 
ATOM   567  C  CE3 . TRP A 1 70  ? -1.079  14.810  -9.776  1.00 29.23  ? 109 TRP A CE3 1 
ATOM   568  C  CZ2 . TRP A 1 70  ? -3.578  13.862  -8.922  1.00 34.64  ? 109 TRP A CZ2 1 
ATOM   569  C  CZ3 . TRP A 1 70  ? -1.629  15.234  -8.589  1.00 35.59  ? 109 TRP A CZ3 1 
ATOM   570  C  CH2 . TRP A 1 70  ? -2.871  14.755  -8.158  1.00 33.57  ? 109 TRP A CH2 1 
ATOM   571  N  N   . VAL A 1 71  ? 1.747   16.060  -13.387 1.00 34.57  ? 110 VAL A N   1 
ATOM   572  C  CA  . VAL A 1 71  ? 3.113   16.525  -13.814 1.00 35.50  ? 110 VAL A CA  1 
ATOM   573  C  C   . VAL A 1 71  ? 3.956   16.753  -12.578 1.00 35.06  ? 110 VAL A C   1 
ATOM   574  O  O   . VAL A 1 71  ? 3.498   17.256  -11.559 1.00 34.66  ? 110 VAL A O   1 
ATOM   575  C  CB  . VAL A 1 71  ? 3.063   17.792  -14.695 1.00 41.06  ? 110 VAL A CB  1 
ATOM   576  C  CG1 . VAL A 1 71  ? 2.248   17.553  -15.943 1.00 43.69  ? 110 VAL A CG1 1 
ATOM   577  C  CG2 . VAL A 1 71  ? 2.570   18.988  -13.930 1.00 46.65  ? 110 VAL A CG2 1 
ATOM   578  N  N   . PRO A 1 72  ? 5.215   16.278  -12.585 1.00 35.97  ? 111 PRO A N   1 
ATOM   579  C  CA  . PRO A 1 72  ? 6.065   16.457  -11.429 1.00 37.37  ? 111 PRO A CA  1 
ATOM   580  C  C   . PRO A 1 72  ? 6.650   17.860  -11.334 1.00 39.60  ? 111 PRO A C   1 
ATOM   581  O  O   . PRO A 1 72  ? 6.871   18.454  -12.363 1.00 48.07  ? 111 PRO A O   1 
ATOM   582  C  CB  . PRO A 1 72  ? 7.184   15.440  -11.642 1.00 36.18  ? 111 PRO A CB  1 
ATOM   583  C  CG  . PRO A 1 72  ? 7.222   15.155  -13.117 1.00 34.57  ? 111 PRO A CG  1 
ATOM   584  C  CD  . PRO A 1 72  ? 5.862   15.545  -13.676 1.00 40.17  ? 111 PRO A CD  1 
ATOM   585  N  N   . GLY A 1 73  ? 6.867   18.312  -10.102 1.00 42.20  ? 112 GLY A N   1 
ATOM   586  C  CA  . GLY A 1 73  ? 7.602   19.545  -9.795  1.00 43.75  ? 112 GLY A CA  1 
ATOM   587  C  C   . GLY A 1 73  ? 9.051   19.440  -10.257 1.00 46.86  ? 112 GLY A C   1 
ATOM   588  O  O   . GLY A 1 73  ? 9.511   18.343  -10.691 1.00 49.42  ? 112 GLY A O   1 
ATOM   589  N  N   . GLY A 1 74  ? 9.767   20.559  -10.187 1.00 46.59  ? 113 GLY A N   1 
ATOM   590  C  CA  . GLY A 1 74  ? 11.181  20.616  -10.582 1.00 48.98  ? 113 GLY A CA  1 
ATOM   591  C  C   . GLY A 1 74  ? 12.101  20.602  -9.378  1.00 51.08  ? 113 GLY A C   1 
ATOM   592  O  O   . GLY A 1 74  ? 13.318  20.654  -9.606  1.00 65.53  ? 113 GLY A O   1 
ATOM   593  N  N   . LYS A 1 75  ? 11.567  20.554  -8.149  1.00 50.79  ? 114 LYS A N   1 
ATOM   594  C  CA  . LYS A 1 75  ? 12.382  20.743  -6.918  1.00 56.30  ? 114 LYS A CA  1 
ATOM   595  C  C   . LYS A 1 75  ? 12.377  19.496  -6.036  1.00 49.74  ? 114 LYS A C   1 
ATOM   596  O  O   . LYS A 1 75  ? 11.909  19.539  -4.904  1.00 50.99  ? 114 LYS A O   1 
ATOM   597  C  CB  . LYS A 1 75  ? 11.890  21.943  -6.108  1.00 62.97  ? 114 LYS A CB  1 
ATOM   598  C  CG  . LYS A 1 75  ? 12.986  22.601  -5.281  1.00 72.19  ? 114 LYS A CG  1 
ATOM   599  C  CD  . LYS A 1 75  ? 14.240  22.908  -6.104  1.00 73.55  ? 114 LYS A CD  1 
ATOM   600  C  CE  . LYS A 1 75  ? 15.098  24.011  -5.519  1.00 80.75  ? 114 LYS A CE  1 
ATOM   601  N  NZ  . LYS A 1 75  ? 15.487  23.703  -4.123  1.00 88.32  ? 114 LYS A NZ  1 
ATOM   602  N  N   . PRO A 1 76  ? 13.027  18.393  -6.460  1.00 53.82  ? 115 PRO A N   1 
ATOM   603  C  CA  . PRO A 1 76  ? 13.029  17.170  -5.662  1.00 52.69  ? 115 PRO A CA  1 
ATOM   604  C  C   . PRO A 1 76  ? 13.570  17.446  -4.249  1.00 55.99  ? 115 PRO A C   1 
ATOM   605  O  O   . PRO A 1 76  ? 14.486  18.238  -4.097  1.00 54.33  ? 115 PRO A O   1 
ATOM   606  C  CB  . PRO A 1 76  ? 13.918  16.173  -6.430  1.00 55.41  ? 115 PRO A CB  1 
ATOM   607  C  CG  . PRO A 1 76  ? 14.682  17.027  -7.437  1.00 59.11  ? 115 PRO A CG  1 
ATOM   608  C  CD  . PRO A 1 76  ? 13.821  18.259  -7.689  1.00 58.72  ? 115 PRO A CD  1 
ATOM   609  N  N   . GLU A 1 77  ? 12.956  16.815  -3.248  1.00 51.05  ? 116 GLU A N   1 
ATOM   610  C  CA  . GLU A 1 77  ? 13.496  16.730  -1.868  1.00 54.69  ? 116 GLU A CA  1 
ATOM   611  C  C   . GLU A 1 77  ? 13.492  15.258  -1.479  1.00 56.90  ? 116 GLU A C   1 
ATOM   612  O  O   . GLU A 1 77  ? 12.598  14.525  -1.878  1.00 60.63  ? 116 GLU A O   1 
ATOM   613  C  CB  . GLU A 1 77  ? 12.651  17.541  -0.888  1.00 59.05  ? 116 GLU A CB  1 
ATOM   614  C  CG  . GLU A 1 77  ? 12.350  18.959  -1.343  1.00 64.12  ? 116 GLU A CG  1 
ATOM   615  C  CD  . GLU A 1 77  ? 11.295  19.638  -0.481  1.00 66.52  ? 116 GLU A CD  1 
ATOM   616  O  OE1 . GLU A 1 77  ? 11.204  19.283  0.708   1.00 72.73  ? 116 GLU A OE1 1 
ATOM   617  O  OE2 . GLU A 1 77  ? 10.534  20.484  -1.003  1.00 65.96  ? 116 GLU A OE2 1 
ATOM   618  N  N   . PRO A 1 78  ? 14.448  14.778  -0.662  1.00 53.30  ? 117 PRO A N   1 
ATOM   619  C  CA  . PRO A 1 78  ? 14.509  13.361  -0.327  1.00 58.01  ? 117 PRO A CA  1 
ATOM   620  C  C   . PRO A 1 78  ? 13.280  13.051  0.535   1.00 58.06  ? 117 PRO A C   1 
ATOM   621  O  O   . PRO A 1 78  ? 12.821  13.917  1.265   1.00 48.02  ? 117 PRO A O   1 
ATOM   622  C  CB  . PRO A 1 78  ? 15.824  13.153  0.435   1.00 56.64  ? 117 PRO A CB  1 
ATOM   623  C  CG  . PRO A 1 78  ? 16.447  14.545  0.556   1.00 59.17  ? 117 PRO A CG  1 
ATOM   624  C  CD  . PRO A 1 78  ? 15.419  15.567  0.104   1.00 57.52  ? 117 PRO A CD  1 
ATOM   625  N  N   . GLN A 1 79  ? 12.768  11.837  0.361   1.00 55.00  ? 118 GLN A N   1 
ATOM   626  C  CA  . GLN A 1 79  ? 11.555  11.399  1.076   1.00 65.15  ? 118 GLN A CA  1 
ATOM   627  C  C   . GLN A 1 79  ? 11.921  10.312  2.081   1.00 69.70  ? 118 GLN A C   1 
ATOM   628  O  O   . GLN A 1 79  ? 12.274  9.199   1.662   1.00 67.51  ? 118 GLN A O   1 
ATOM   629  C  CB  . GLN A 1 79  ? 10.568  10.874  0.043   1.00 59.18  ? 118 GLN A CB  1 
ATOM   630  C  CG  . GLN A 1 79  ? 10.343  11.823  -1.120  1.00 63.07  ? 118 GLN A CG  1 
ATOM   631  C  CD  . GLN A 1 79  ? 9.517   13.025  -0.736  1.00 64.01  ? 118 GLN A CD  1 
ATOM   632  O  OE1 . GLN A 1 79  ? 8.577   12.942  0.050   1.00 63.06  ? 118 GLN A OE1 1 
ATOM   633  N  NE2 . GLN A 1 79  ? 9.893   14.169  -1.270  1.00 64.49  ? 118 GLN A NE2 1 
ATOM   634  N  N   . ALA A 1 80  ? 11.755  10.629  3.358   1.00 78.17  ? 119 ALA A N   1 
ATOM   635  C  CA  . ALA A 1 80  ? 12.051  9.690   4.460   1.00 84.47  ? 119 ALA A CA  1 
ATOM   636  C  C   . ALA A 1 80  ? 11.060  8.542   4.354   1.00 79.41  ? 119 ALA A C   1 
ATOM   637  O  O   . ALA A 1 80  ? 9.890   8.791   4.057   1.00 77.37  ? 119 ALA A O   1 
ATOM   638  C  CB  . ALA A 1 80  ? 11.911  10.387  5.790   1.00 87.52  ? 119 ALA A CB  1 
ATOM   639  N  N   . PRO A 1 81  ? 11.422  7.314   4.746   1.00 71.78  ? 120 PRO A N   1 
ATOM   640  C  CA  . PRO A 1 81  ? 10.521  6.194   4.608   1.00 66.23  ? 120 PRO A CA  1 
ATOM   641  C  C   . PRO A 1 81  ? 9.224   6.371   5.405   1.00 52.18  ? 120 PRO A C   1 
ATOM   642  O  O   . PRO A 1 81  ? 9.195   7.022   6.435   1.00 50.66  ? 120 PRO A O   1 
ATOM   643  C  CB  . PRO A 1 81  ? 11.304  5.073   5.303   1.00 30.00  ? 120 PRO A CB  1 
ATOM   644  C  CG  . PRO A 1 81  ? 12.239  5.806   6.224   1.00 30.00  ? 120 PRO A CG  1 
ATOM   645  C  CD  . PRO A 1 81  ? 12.684  6.963   5.363   1.00 30.00  ? 120 PRO A CD  1 
ATOM   646  N  N   . SER A 1 82  ? 8.158   5.749   4.915   1.00 45.73  ? 121 SER A N   1 
ATOM   647  C  CA  . SER A 1 82  ? 6.886   5.801   5.672   1.00 42.55  ? 121 SER A CA  1 
ATOM   648  C  C   . SER A 1 82  ? 6.993   4.872   6.863   1.00 36.14  ? 121 SER A C   1 
ATOM   649  O  O   . SER A 1 82  ? 7.778   3.945   6.862   1.00 37.90  ? 121 SER A O   1 
ATOM   650  C  CB  . SER A 1 82  ? 5.675   5.435   4.858   1.00 30.00  ? 121 SER A CB  1 
ATOM   651  O  OG  . SER A 1 82  ? 5.332   4.061   4.989   1.00 30.00  ? 121 SER A OG  1 
ATOM   652  N  N   . CYS A 1 83  ? 6.082   5.056   7.798   1.00 35.29  ? 122 CYS A N   1 
ATOM   653  C  CA  . CYS A 1 83  ? 5.980   4.140   8.948   1.00 35.75  ? 122 CYS A CA  1 
ATOM   654  C  C   . CYS A 1 83  ? 5.372   2.809   8.484   1.00 30.62  ? 122 CYS A C   1 
ATOM   655  O  O   . CYS A 1 83  ? 4.783   2.704   7.421   1.00 30.91  ? 122 CYS A O   1 
ATOM   656  C  CB  . CYS A 1 83  ? 5.198   4.755   10.097  1.00 41.11  ? 122 CYS A CB  1 
ATOM   657  S  SG  . CYS A 1 83  ? 6.168   5.974   11.012  1.00 47.99  ? 122 CYS A SG  1 
ATOM   658  N  N   . VAL A 1 84  ? 5.530   1.801   9.311   1.00 28.74  ? 123 VAL A N   1 
ATOM   659  C  CA  . VAL A 1 84  ? 5.043   0.457   8.932   1.00 28.62  ? 123 VAL A CA  1 
ATOM   660  C  C   . VAL A 1 84  ? 3.707   0.165   9.617   1.00 28.73  ? 123 VAL A C   1 
ATOM   661  O  O   . VAL A 1 84  ? 3.532   0.569   10.744  1.00 31.47  ? 123 VAL A O   1 
ATOM   662  C  CB  . VAL A 1 84  ? 6.116   -0.578  9.292   1.00 35.03  ? 123 VAL A CB  1 
ATOM   663  C  CG1 . VAL A 1 84  ? 6.390   -0.613  10.774  1.00 38.61  ? 123 VAL A CG1 1 
ATOM   664  C  CG2 . VAL A 1 84  ? 5.783   -1.953  8.779   1.00 40.95  ? 123 VAL A CG2 1 
ATOM   665  N  N   . TYR A 1 85  ? 2.790   -0.419  8.856   1.00 28.80  ? 124 TYR A N   1 
ATOM   666  C  CA  . TYR A 1 85  ? 1.480   -0.911  9.351   1.00 26.44  ? 124 TYR A CA  1 
ATOM   667  C  C   . TYR A 1 85  ? 1.590   -2.414  9.572   1.00 27.32  ? 124 TYR A C   1 
ATOM   668  O  O   . TYR A 1 85  ? 1.928   -3.141  8.589   1.00 28.30  ? 124 TYR A O   1 
ATOM   669  C  CB  . TYR A 1 85  ? 0.370   -0.611  8.344   1.00 26.72  ? 124 TYR A CB  1 
ATOM   670  C  CG  . TYR A 1 85  ? -0.985  -1.189  8.693   1.00 28.26  ? 124 TYR A CG  1 
ATOM   671  C  CD1 . TYR A 1 85  ? -1.803  -0.592  9.647   1.00 32.41  ? 124 TYR A CD1 1 
ATOM   672  C  CD2 . TYR A 1 85  ? -1.446  -2.334  8.078   1.00 26.09  ? 124 TYR A CD2 1 
ATOM   673  C  CE1 . TYR A 1 85  ? -3.008  -1.159  10.007  1.00 28.58  ? 124 TYR A CE1 1 
ATOM   674  C  CE2 . TYR A 1 85  ? -2.690  -2.880  8.365   1.00 28.28  ? 124 TYR A CE2 1 
ATOM   675  C  CZ  . TYR A 1 85  ? -3.455  -2.301  9.367   1.00 30.85  ? 124 TYR A CZ  1 
ATOM   676  O  OH  . TYR A 1 85  ? -4.677  -2.805  9.675   1.00 29.36  ? 124 TYR A OH  1 
ATOM   677  N  N   . ILE A 1 86  ? 1.237   -2.883  10.776  1.00 26.74  ? 125 ILE A N   1 
ATOM   678  C  CA  . ILE A 1 86  ? 1.213   -4.336  11.100  1.00 28.34  ? 125 ILE A CA  1 
ATOM   679  C  C   . ILE A 1 86  ? -0.186  -4.880  10.786  1.00 29.66  ? 125 ILE A C   1 
ATOM   680  O  O   . ILE A 1 86  ? -1.213  -4.367  11.331  1.00 27.40  ? 125 ILE A O   1 
ATOM   681  C  CB  . ILE A 1 86  ? 1.636   -4.572  12.557  1.00 33.53  ? 125 ILE A CB  1 
ATOM   682  C  CG1 . ILE A 1 86  ? 2.961   -3.871  12.880  1.00 37.85  ? 125 ILE A CG1 1 
ATOM   683  C  CG2 . ILE A 1 86  ? 1.702   -6.064  12.840  1.00 31.31  ? 125 ILE A CG2 1 
ATOM   684  C  CD1 . ILE A 1 86  ? 3.176   -3.642  14.359  1.00 42.82  ? 125 ILE A CD1 1 
ATOM   685  N  N   . HIS A 1 87  ? -0.279  -5.851  9.888   1.00 26.86  ? 126 HIS A N   1 
ATOM   686  C  CA  . HIS A 1 87  ? -1.562  -6.536  9.629   1.00 29.24  ? 126 HIS A CA  1 
ATOM   687  C  C   . HIS A 1 87  ? -2.114  -6.980  10.978  1.00 28.35  ? 126 HIS A C   1 
ATOM   688  O  O   . HIS A 1 87  ? -1.428  -7.601  11.780  1.00 26.73  ? 126 HIS A O   1 
ATOM   689  C  CB  . HIS A 1 87  ? -1.427  -7.711  8.666   1.00 25.45  ? 126 HIS A CB  1 
ATOM   690  C  CG  . HIS A 1 87  ? -2.754  -8.142  8.162   1.00 30.04  ? 126 HIS A CG  1 
ATOM   691  N  ND1 . HIS A 1 87  ? -3.631  -8.858  8.983   1.00 29.28  ? 126 HIS A ND1 1 
ATOM   692  C  CD2 . HIS A 1 87  ? -3.449  -7.859  7.036   1.00 31.28  ? 126 HIS A CD2 1 
ATOM   693  C  CE1 . HIS A 1 87  ? -4.748  -9.098  8.316   1.00 31.05  ? 126 HIS A CE1 1 
ATOM   694  N  NE2 . HIS A 1 87  ? -4.681  -8.474  7.133   1.00 32.05  ? 126 HIS A NE2 1 
ATOM   695  N  N   . PRO A 1 88  ? -3.385  -6.671  11.293  1.00 26.58  ? 127 PRO A N   1 
ATOM   696  C  CA  . PRO A 1 88  ? -3.873  -7.015  12.641  1.00 30.63  ? 127 PRO A CA  1 
ATOM   697  C  C   . PRO A 1 88  ? -3.994  -8.525  12.932  1.00 32.26  ? 127 PRO A C   1 
ATOM   698  O  O   . PRO A 1 88  ? -3.998  -8.914  14.131  1.00 33.33  ? 127 PRO A O   1 
ATOM   699  C  CB  . PRO A 1 88  ? -5.198  -6.243  12.665  1.00 28.46  ? 127 PRO A CB  1 
ATOM   700  C  CG  . PRO A 1 88  ? -5.684  -6.325  11.240  1.00 29.55  ? 127 PRO A CG  1 
ATOM   701  C  CD  . PRO A 1 88  ? -4.407  -6.047  10.440  1.00 28.60  ? 127 PRO A CD  1 
ATOM   702  N  N   . ASP A 1 89  ? -3.959  -9.402  11.925  1.00 30.69  ? 128 ASP A N   1 
ATOM   703  C  CA  . ASP A 1 89  ? -3.874  -10.870 12.184  1.00 31.95  ? 128 ASP A CA  1 
ATOM   704  C  C   . ASP A 1 89  ? -2.484  -11.283 12.718  1.00 31.69  ? 128 ASP A C   1 
ATOM   705  O  O   . ASP A 1 89  ? -2.335  -12.421 13.176  1.00 30.08  ? 128 ASP A O   1 
ATOM   706  C  CB  . ASP A 1 89  ? -4.244  -11.748 10.983  1.00 32.71  ? 128 ASP A CB  1 
ATOM   707  C  CG  . ASP A 1 89  ? -5.622  -11.569 10.371  1.00 34.76  ? 128 ASP A CG  1 
ATOM   708  O  OD1 . ASP A 1 89  ? -6.373  -10.753 10.867  1.00 36.92  ? 128 ASP A OD1 1 
ATOM   709  O  OD2 . ASP A 1 89  ? -5.875  -12.185 9.328   1.00 34.71  ? 128 ASP A OD2 1 
ATOM   710  N  N   . SER A 1 90  ? -1.486  -10.386 12.661  0.68 31.05  ? 129 SER A N   1 
ATOM   711  C  CA  . SER A 1 90  ? -0.092  -10.660 13.102  0.68 29.89  ? 129 SER A CA  1 
ATOM   712  C  C   . SER A 1 90  ? -0.022  -10.737 14.624  0.68 31.82  ? 129 SER A C   1 
ATOM   713  O  O   . SER A 1 90  ? -0.704  -9.976  15.302  0.68 31.98  ? 129 SER A O   1 
ATOM   714  C  CB  . SER A 1 90  ? 0.854   -9.603  12.605  0.68 28.96  ? 129 SER A CB  1 
ATOM   715  O  OG  . SER A 1 90  ? 0.751   -9.468  11.201  0.68 25.64  ? 129 SER A OG  1 
ATOM   716  N  N   . PRO A 1 91  ? 0.808   -11.611 15.235  0.68 32.94  ? 130 PRO A N   1 
ATOM   717  C  CA  . PRO A 1 91  ? 1.579   -12.641 14.542  0.68 33.34  ? 130 PRO A CA  1 
ATOM   718  C  C   . PRO A 1 91  ? 0.744   -13.905 14.331  0.68 34.07  ? 130 PRO A C   1 
ATOM   719  O  O   . PRO A 1 91  ? -0.154  -14.135 15.136  0.68 34.69  ? 130 PRO A O   1 
ATOM   720  C  CB  . PRO A 1 91  ? 2.708   -12.926 15.533  0.68 35.05  ? 130 PRO A CB  1 
ATOM   721  C  CG  . PRO A 1 91  ? 2.054   -12.740 16.880  0.68 35.69  ? 130 PRO A CG  1 
ATOM   722  C  CD  . PRO A 1 91  ? 1.049   -11.627 16.684  0.68 36.08  ? 130 PRO A CD  1 
ATOM   723  N  N   . ASN A 1 92  ? 1.019   -14.701 13.298  0.68 34.20  ? 131 ASN A N   1 
ATOM   724  C  CA  . ASN A 1 92  ? 0.142   -15.857 12.986  0.68 35.21  ? 131 ASN A CA  1 
ATOM   725  C  C   . ASN A 1 92  ? 0.903   -16.947 12.221  0.68 36.82  ? 131 ASN A C   1 
ATOM   726  O  O   . ASN A 1 92  ? 2.022   -16.687 11.767  0.68 33.99  ? 131 ASN A O   1 
ATOM   727  C  CB  . ASN A 1 92  ? -1.156  -15.399 12.312  0.68 35.15  ? 131 ASN A CB  1 
ATOM   728  C  CG  . ASN A 1 92  ? -2.357  -16.109 12.902  0.68 36.28  ? 131 ASN A CG  1 
ATOM   729  O  OD1 . ASN A 1 92  ? -2.247  -17.267 13.291  0.68 35.12  ? 131 ASN A OD1 1 
ATOM   730  N  ND2 . ASN A 1 92  ? -3.491  -15.431 12.989  0.68 33.46  ? 131 ASN A ND2 1 
ATOM   731  N  N   . PHE A 1 93  ? 0.342   -18.160 12.180  1.00 37.17  ? 132 PHE A N   1 
ATOM   732  C  CA  . PHE A 1 93  ? 0.991   -19.321 11.534  1.00 38.23  ? 132 PHE A CA  1 
ATOM   733  C  C   . PHE A 1 93  ? 0.940   -19.115 10.019  1.00 32.34  ? 132 PHE A C   1 
ATOM   734  O  O   . PHE A 1 93  ? -0.008  -18.471 9.507   1.00 38.88  ? 132 PHE A O   1 
ATOM   735  C  CB  . PHE A 1 93  ? 0.305   -20.624 11.957  1.00 43.25  ? 132 PHE A CB  1 
ATOM   736  C  CG  . PHE A 1 93  ? 0.465   -20.915 13.428  1.00 41.06  ? 132 PHE A CG  1 
ATOM   737  C  CD1 . PHE A 1 93  ? 1.682   -21.348 13.933  1.00 45.80  ? 132 PHE A CD1 1 
ATOM   738  C  CD2 . PHE A 1 93  ? -0.577  -20.698 14.315  1.00 45.05  ? 132 PHE A CD2 1 
ATOM   739  C  CE1 . PHE A 1 93  ? 1.860   -21.574 15.287  1.00 46.84  ? 132 PHE A CE1 1 
ATOM   740  C  CE2 . PHE A 1 93  ? -0.402  -20.941 15.673  1.00 41.86  ? 132 PHE A CE2 1 
ATOM   741  C  CZ  . PHE A 1 93  ? 0.812   -21.374 16.157  1.00 44.88  ? 132 PHE A CZ  1 
ATOM   742  N  N   . GLY A 1 94  ? 1.925   -19.661 9.320   1.00 37.94  ? 133 GLY A N   1 
ATOM   743  C  CA  . GLY A 1 94  ? 1.893   -19.710 7.852   1.00 34.96  ? 133 GLY A CA  1 
ATOM   744  C  C   . GLY A 1 94  ? 0.561   -20.218 7.328   1.00 37.41  ? 133 GLY A C   1 
ATOM   745  O  O   . GLY A 1 94  ? 0.077   -19.690 6.337   1.00 35.80  ? 133 GLY A O   1 
ATOM   746  N  N   . ALA A 1 95  ? -0.025  -21.256 7.941   1.00 38.33  ? 134 ALA A N   1 
ATOM   747  C  CA  . ALA A 1 95  ? -1.305  -21.844 7.484   1.00 38.39  ? 134 ALA A CA  1 
ATOM   748  C  C   . ALA A 1 95  ? -2.384  -20.764 7.379   1.00 34.18  ? 134 ALA A C   1 
ATOM   749  O  O   . ALA A 1 95  ? -3.244  -20.807 6.481   1.00 38.37  ? 134 ALA A O   1 
ATOM   750  C  CB  . ALA A 1 95  ? -1.738  -22.893 8.473   1.00 39.81  ? 134 ALA A CB  1 
ATOM   751  N  N   . HIS A 1 96  ? -2.387  -19.878 8.363   1.00 35.29  ? 135 HIS A N   1 
ATOM   752  C  CA  . HIS A 1 96  ? -3.370  -18.788 8.511   1.00 36.27  ? 135 HIS A CA  1 
ATOM   753  C  C   . HIS A 1 96  ? -3.249  -17.844 7.318   1.00 36.92  ? 135 HIS A C   1 
ATOM   754  O  O   . HIS A 1 96  ? -4.245  -17.456 6.681   1.00 35.83  ? 135 HIS A O   1 
ATOM   755  C  CB  . HIS A 1 96  ? -3.106  -18.037 9.818   1.00 38.40  ? 135 HIS A CB  1 
ATOM   756  C  CG  . HIS A 1 96  ? -4.032  -16.885 9.943   1.00 38.51  ? 135 HIS A CG  1 
ATOM   757  N  ND1 . HIS A 1 96  ? -5.306  -17.029 10.473  1.00 40.69  ? 135 HIS A ND1 1 
ATOM   758  C  CD2 . HIS A 1 96  ? -3.897  -15.594 9.569   1.00 34.95  ? 135 HIS A CD2 1 
ATOM   759  C  CE1 . HIS A 1 96  ? -5.923  -15.864 10.437  1.00 45.62  ? 135 HIS A CE1 1 
ATOM   760  N  NE2 . HIS A 1 96  ? -5.081  -14.963 9.855   1.00 39.67  ? 135 HIS A NE2 1 
ATOM   761  N  N   . TRP A 1 97  ? -2.035  -17.459 7.038   1.00 35.59  ? 136 TRP A N   1 
ATOM   762  C  CA  . TRP A 1 97  ? -1.779  -16.475 5.964   1.00 31.68  ? 136 TRP A CA  1 
ATOM   763  C  C   . TRP A 1 97  ? -2.056  -17.064 4.584   1.00 37.58  ? 136 TRP A C   1 
ATOM   764  O  O   . TRP A 1 97  ? -2.409  -16.287 3.695   1.00 40.25  ? 136 TRP A O   1 
ATOM   765  C  CB  . TRP A 1 97  ? -0.333  -16.043 6.066   1.00 32.45  ? 136 TRP A CB  1 
ATOM   766  C  CG  . TRP A 1 97  ? -0.005  -15.351 7.333   1.00 30.16  ? 136 TRP A CG  1 
ATOM   767  C  CD1 . TRP A 1 97  ? 0.889   -15.764 8.261   1.00 29.50  ? 136 TRP A CD1 1 
ATOM   768  C  CD2 . TRP A 1 97  ? -0.505  -14.087 7.787   1.00 28.16  ? 136 TRP A CD2 1 
ATOM   769  N  NE1 . TRP A 1 97  ? 1.010   -14.831 9.240   1.00 28.98  ? 136 TRP A NE1 1 
ATOM   770  C  CE2 . TRP A 1 97  ? 0.127   -13.826 9.014   1.00 27.19  ? 136 TRP A CE2 1 
ATOM   771  C  CE3 . TRP A 1 97  ? -1.431  -13.161 7.288   1.00 29.67  ? 136 TRP A CE3 1 
ATOM   772  C  CZ2 . TRP A 1 97  ? -0.060  -12.645 9.724   1.00 25.71  ? 136 TRP A CZ2 1 
ATOM   773  C  CZ3 . TRP A 1 97  ? -1.671  -12.026 8.025   1.00 27.42  ? 136 TRP A CZ3 1 
ATOM   774  C  CH2 . TRP A 1 97  ? -0.992  -11.768 9.213   1.00 26.29  ? 136 TRP A CH2 1 
ATOM   775  N  N   . MET A 1 98  ? -1.857  -18.380 4.412   1.00 37.87  ? 137 MET A N   1 
ATOM   776  C  CA  . MET A 1 98  ? -2.003  -19.071 3.100   1.00 39.64  ? 137 MET A CA  1 
ATOM   777  C  C   . MET A 1 98  ? -3.451  -19.510 2.850   1.00 40.47  ? 137 MET A C   1 
ATOM   778  O  O   . MET A 1 98  ? -3.760  -19.738 1.677   1.00 39.78  ? 137 MET A O   1 
ATOM   779  C  CB  . MET A 1 98  ? -1.054  -20.268 3.027   1.00 40.77  ? 137 MET A CB  1 
ATOM   780  C  CG  . MET A 1 98  ? 0.409   -19.847 2.998   1.00 43.85  ? 137 MET A CG  1 
ATOM   781  S  SD  . MET A 1 98  ? 1.520   -21.240 2.600   1.00 42.76  ? 137 MET A SD  1 
ATOM   782  C  CE  . MET A 1 98  ? 1.594   -22.088 4.179   1.00 47.03  ? 137 MET A CE  1 
ATOM   783  N  N   . LYS A 1 99  ? -4.348  -19.500 3.849   1.00 43.87  ? 138 LYS A N   1 
ATOM   784  C  CA  . LYS A 1 99  ? -5.737  -20.041 3.691   1.00 46.84  ? 138 LYS A CA  1 
ATOM   785  C  C   . LYS A 1 99  ? -6.647  -19.051 2.948   1.00 48.92  ? 138 LYS A C   1 
ATOM   786  O  O   . LYS A 1 99  ? -7.672  -19.495 2.380   1.00 46.80  ? 138 LYS A O   1 
ATOM   787  C  CB  . LYS A 1 99  ? -6.322  -20.528 5.030   1.00 48.29  ? 138 LYS A CB  1 
ATOM   788  C  CG  . LYS A 1 99  ? -6.612  -19.488 6.110   1.00 51.01  ? 138 LYS A CG  1 
ATOM   789  C  CD  . LYS A 1 99  ? -7.001  -20.085 7.485   1.00 60.21  ? 138 LYS A CD  1 
ATOM   790  C  CE  . LYS A 1 99  ? -7.496  -19.075 8.516   1.00 61.70  ? 138 LYS A CE  1 
ATOM   791  N  NZ  . LYS A 1 99  ? -7.077  -19.403 9.912   1.00 60.67  ? 138 LYS A NZ  1 
ATOM   792  N  N   . ALA A 1 100 ? -6.307  -17.761 2.878   1.00 46.22  ? 139 ALA A N   1 
ATOM   793  C  CA  . ALA A 1 100 ? -7.068  -16.769 2.089   1.00 39.77  ? 139 ALA A CA  1 
ATOM   794  C  C   . ALA A 1 100 ? -6.162  -15.589 1.761   1.00 37.28  ? 139 ALA A C   1 
ATOM   795  O  O   . ALA A 1 100 ? -5.168  -15.417 2.449   1.00 37.21  ? 139 ALA A O   1 
ATOM   796  C  CB  . ALA A 1 100 ? -8.289  -16.328 2.864   1.00 43.02  ? 139 ALA A CB  1 
ATOM   797  N  N   . PRO A 1 101 ? -6.505  -14.725 0.775   1.00 37.79  ? 140 PRO A N   1 
ATOM   798  C  CA  . PRO A 1 101 ? -5.701  -13.551 0.469   1.00 36.48  ? 140 PRO A CA  1 
ATOM   799  C  C   . PRO A 1 101 ? -5.522  -12.717 1.744   1.00 33.73  ? 140 PRO A C   1 
ATOM   800  O  O   . PRO A 1 101 ? -6.450  -12.585 2.522   1.00 34.65  ? 140 PRO A O   1 
ATOM   801  C  CB  . PRO A 1 101 ? -6.515  -12.769 -0.566  1.00 39.65  ? 140 PRO A CB  1 
ATOM   802  C  CG  . PRO A 1 101 ? -7.419  -13.802 -1.207  1.00 41.71  ? 140 PRO A CG  1 
ATOM   803  C  CD  . PRO A 1 101 ? -7.669  -14.839 -0.125  1.00 42.77  ? 140 PRO A CD  1 
ATOM   804  N  N   . VAL A 1 102 ? -4.321  -12.212 1.965   1.00 32.84  ? 141 VAL A N   1 
ATOM   805  C  CA  . VAL A 1 102 ? -4.039  -11.311 3.116   1.00 31.57  ? 141 VAL A CA  1 
ATOM   806  C  C   . VAL A 1 102 ? -4.502  -9.900  2.735   1.00 31.66  ? 141 VAL A C   1 
ATOM   807  O  O   . VAL A 1 102 ? -3.960  -9.296  1.776   1.00 31.21  ? 141 VAL A O   1 
ATOM   808  C  CB  . VAL A 1 102 ? -2.562  -11.366 3.519   1.00 30.50  ? 141 VAL A CB  1 
ATOM   809  C  CG1 . VAL A 1 102 ? -2.285  -10.456 4.694   1.00 31.10  ? 141 VAL A CG1 1 
ATOM   810  C  CG2 . VAL A 1 102 ? -2.105  -12.800 3.772   1.00 34.49  ? 141 VAL A CG2 1 
ATOM   811  N  N   . SER A 1 103 ? -5.523  -9.389  3.409   1.00 31.93  ? 142 SER A N   1 
ATOM   812  C  CA  . SER A 1 103 ? -6.230  -8.173  2.954   1.00 31.99  ? 142 SER A CA  1 
ATOM   813  C  C   . SER A 1 103 ? -5.904  -7.025  3.923   1.00 29.88  ? 142 SER A C   1 
ATOM   814  O  O   . SER A 1 103 ? -6.193  -7.133  5.096   1.00 31.48  ? 142 SER A O   1 
ATOM   815  C  CB  . SER A 1 103 ? -7.695  -8.493  2.847   1.00 33.62  ? 142 SER A CB  1 
ATOM   816  O  OG  . SER A 1 103 ? -8.455  -7.330  2.689   1.00 36.04  ? 142 SER A OG  1 
ATOM   817  N  N   . PHE A 1 104 ? -5.327  -5.923  3.440   1.00 28.03  ? 143 PHE A N   1 
ATOM   818  C  CA  . PHE A 1 104 ? -4.952  -4.778  4.317   1.00 26.24  ? 143 PHE A CA  1 
ATOM   819  C  C   . PHE A 1 104 ? -6.112  -3.768  4.363   1.00 30.33  ? 143 PHE A C   1 
ATOM   820  O  O   . PHE A 1 104 ? -5.934  -2.571  4.094   1.00 28.35  ? 143 PHE A O   1 
ATOM   821  C  CB  . PHE A 1 104 ? -3.604  -4.212  3.817   1.00 28.22  ? 143 PHE A CB  1 
ATOM   822  C  CG  . PHE A 1 104 ? -2.431  -5.143  4.062   1.00 26.91  ? 143 PHE A CG  1 
ATOM   823  C  CD1 . PHE A 1 104 ? -1.651  -5.048  5.203   1.00 25.97  ? 143 PHE A CD1 1 
ATOM   824  C  CD2 . PHE A 1 104 ? -2.106  -6.121  3.132   1.00 28.97  ? 143 PHE A CD2 1 
ATOM   825  C  CE1 . PHE A 1 104 ? -0.550  -5.865  5.394   1.00 29.12  ? 143 PHE A CE1 1 
ATOM   826  C  CE2 . PHE A 1 104 ? -0.990  -6.929  3.318   1.00 31.95  ? 143 PHE A CE2 1 
ATOM   827  C  CZ  . PHE A 1 104 ? -0.226  -6.805  4.453   1.00 28.34  ? 143 PHE A CZ  1 
ATOM   828  N  N   . SER A 1 105 ? -7.312  -4.224  4.722   1.00 31.26  ? 144 SER A N   1 
ATOM   829  C  CA  . SER A 1 105 ? -8.556  -3.417  4.584   1.00 31.00  ? 144 SER A CA  1 
ATOM   830  C  C   . SER A 1 105 ? -8.630  -2.310  5.635   1.00 28.92  ? 144 SER A C   1 
ATOM   831  O  O   . SER A 1 105 ? -9.437  -1.334  5.430   1.00 33.77  ? 144 SER A O   1 
ATOM   832  C  CB  . SER A 1 105 ? -9.754  -4.311  4.635   1.00 31.91  ? 144 SER A CB  1 
ATOM   833  O  OG  . SER A 1 105 ? -9.814  -4.928  5.889   1.00 35.99  ? 144 SER A OG  1 
ATOM   834  N  N   . LYS A 1 106 ? -7.877  -2.431  6.719   1.00 29.41  ? 145 LYS A N   1 
ATOM   835  C  CA  . LYS A 1 106 ? -7.977  -1.547  7.914   1.00 29.86  ? 145 LYS A CA  1 
ATOM   836  C  C   . LYS A 1 106 ? -6.853  -0.509  7.998   1.00 33.42  ? 145 LYS A C   1 
ATOM   837  O  O   . LYS A 1 106 ? -6.905  0.374   8.878   1.00 31.18  ? 145 LYS A O   1 
ATOM   838  C  CB  . LYS A 1 106 ? -8.031  -2.405  9.180   1.00 32.24  ? 145 LYS A CB  1 
ATOM   839  C  CG  . LYS A 1 106 ? -9.184  -3.388  9.227   1.00 30.96  ? 145 LYS A CG  1 
ATOM   840  C  CD  . LYS A 1 106 ? -10.542 -2.743  9.060   1.00 34.20  ? 145 LYS A CD  1 
ATOM   841  C  CE  . LYS A 1 106 ? -11.626 -3.665  9.591   1.00 33.69  ? 145 LYS A CE  1 
ATOM   842  N  NZ  . LYS A 1 106 ? -12.944 -3.030  9.414   1.00 39.06  ? 145 LYS A NZ  1 
ATOM   843  N  N   . VAL A 1 107 ? -5.903  -0.515  7.058   1.00 30.69  ? 146 VAL A N   1 
ATOM   844  C  CA  . VAL A 1 107 ? -4.886  0.563   7.077   1.00 31.64  ? 146 VAL A CA  1 
ATOM   845  C  C   . VAL A 1 107 ? -5.582  1.869   6.698   1.00 26.21  ? 146 VAL A C   1 
ATOM   846  O  O   . VAL A 1 107 ? -6.385  1.879   5.748   1.00 30.04  ? 146 VAL A O   1 
ATOM   847  C  CB  . VAL A 1 107 ? -3.657  0.257   6.192   1.00 29.44  ? 146 VAL A CB  1 
ATOM   848  C  CG1 . VAL A 1 107 ? -3.990  0.205   4.703   1.00 31.44  ? 146 VAL A CG1 1 
ATOM   849  C  CG2 . VAL A 1 107 ? -2.564  1.253   6.493   1.00 31.37  ? 146 VAL A CG2 1 
ATOM   850  N  N   . LYS A 1 108 ? -5.246  2.915   7.437   1.00 31.19  ? 147 LYS A N   1 
ATOM   851  C  CA  . LYS A 1 108 ? -5.709  4.299   7.200   1.00 33.63  ? 147 LYS A CA  1 
ATOM   852  C  C   . LYS A 1 108 ? -4.526  5.191   6.841   1.00 29.86  ? 147 LYS A C   1 
ATOM   853  O  O   . LYS A 1 108 ? -3.534  5.187   7.545   1.00 33.53  ? 147 LYS A O   1 
ATOM   854  C  CB  . LYS A 1 108 ? -6.411  4.802   8.461   1.00 37.97  ? 147 LYS A CB  1 
ATOM   855  C  CG  . LYS A 1 108 ? -7.736  4.098   8.700   1.00 40.49  ? 147 LYS A CG  1 
ATOM   856  C  CD  . LYS A 1 108 ? -8.237  4.172   10.114  1.00 48.38  ? 147 LYS A CD  1 
ATOM   857  C  CE  . LYS A 1 108 ? -9.137  5.355   10.352  1.00 49.10  ? 147 LYS A CE  1 
ATOM   858  N  NZ  . LYS A 1 108 ? -9.966  5.127   11.559  1.00 47.90  ? 147 LYS A NZ  1 
ATOM   859  N  N   . LEU A 1 109 ? -4.684  5.933   5.764   1.00 31.96  ? 148 LEU A N   1 
ATOM   860  C  CA  . LEU A 1 109 ? -3.670  6.864   5.208   1.00 33.12  ? 148 LEU A CA  1 
ATOM   861  C  C   . LEU A 1 109 ? -4.021  8.265   5.699   1.00 34.48  ? 148 LEU A C   1 
ATOM   862  O  O   . LEU A 1 109 ? -5.164  8.704   5.412   1.00 34.24  ? 148 LEU A O   1 
ATOM   863  C  CB  . LEU A 1 109 ? -3.723  6.757   3.685   1.00 30.24  ? 148 LEU A CB  1 
ATOM   864  C  CG  . LEU A 1 109 ? -3.470  5.347   3.118   1.00 29.50  ? 148 LEU A CG  1 
ATOM   865  C  CD1 . LEU A 1 109 ? -3.375  5.376   1.598   1.00 29.29  ? 148 LEU A CD1 1 
ATOM   866  C  CD2 . LEU A 1 109 ? -2.242  4.742   3.783   1.00 31.56  ? 148 LEU A CD2 1 
ATOM   867  N  N   . THR A 1 110 ? -3.071  8.948   6.324   1.00 34.96  ? 149 THR A N   1 
ATOM   868  C  CA  . THR A 1 110 ? -3.278  10.330  6.835   1.00 39.73  ? 149 THR A CA  1 
ATOM   869  C  C   . THR A 1 110 ? -2.242  11.283  6.235   1.00 39.41  ? 149 THR A C   1 
ATOM   870  O  O   . THR A 1 110 ? -1.205  10.797  5.704   1.00 36.58  ? 149 THR A O   1 
ATOM   871  C  CB  . THR A 1 110 ? -3.293  10.352  8.372   1.00 39.47  ? 149 THR A CB  1 
ATOM   872  O  OG1 . THR A 1 110 ? -3.546  11.681  8.841   1.00 42.60  ? 149 THR A OG1 1 
ATOM   873  C  CG2 . THR A 1 110 ? -2.014  9.854   9.008   1.00 34.93  ? 149 THR A CG2 1 
ATOM   874  N  N   . ASN A 1 111 ? -2.490  12.594  6.391   1.00 38.56  ? 150 ASN A N   1 
ATOM   875  C  CA  . ASN A 1 111 ? -1.508  13.684  6.115   1.00 43.85  ? 150 ASN A CA  1 
ATOM   876  C  C   . ASN A 1 111 ? -0.955  14.280  7.420   1.00 47.85  ? 150 ASN A C   1 
ATOM   877  O  O   . ASN A 1 111 ? -0.124  15.195  7.305   1.00 47.49  ? 150 ASN A O   1 
ATOM   878  C  CB  . ASN A 1 111 ? -2.099  14.762  5.196   1.00 45.30  ? 150 ASN A CB  1 
ATOM   879  C  CG  . ASN A 1 111 ? -3.462  15.253  5.645   1.00 44.56  ? 150 ASN A CG  1 
ATOM   880  O  OD1 . ASN A 1 111 ? -4.189  15.841  4.863   1.00 51.92  ? 150 ASN A OD1 1 
ATOM   881  N  ND2 . ASN A 1 111 ? -3.839  14.980  6.878   1.00 44.60  ? 150 ASN A ND2 1 
ATOM   882  N  N   . LYS A 1 112 ? -1.335  13.779  8.607   1.00 48.50  ? 151 LYS A N   1 
ATOM   883  C  CA  . LYS A 1 112 ? -0.927  14.377  9.922   1.00 58.53  ? 151 LYS A CA  1 
ATOM   884  C  C   . LYS A 1 112 ? -0.382  13.289  10.857  1.00 63.47  ? 151 LYS A C   1 
ATOM   885  O  O   . LYS A 1 112 ? -0.977  12.193  10.885  1.00 62.19  ? 151 LYS A O   1 
ATOM   886  C  CB  . LYS A 1 112 ? -2.105  15.110  10.586  1.00 65.09  ? 151 LYS A CB  1 
ATOM   887  C  CG  . LYS A 1 112 ? -2.808  16.165  9.727   1.00 70.31  ? 151 LYS A CG  1 
ATOM   888  C  CD  . LYS A 1 112 ? -2.248  17.579  9.840   1.00 74.51  ? 151 LYS A CD  1 
ATOM   889  C  CE  . LYS A 1 112 ? -2.940  18.566  8.919   1.00 75.27  ? 151 LYS A CE  1 
ATOM   890  N  NZ  . LYS A 1 112 ? -2.233  19.868  8.883   1.00 77.25  ? 151 LYS A NZ  1 
ATOM   891  N  N   . LEU A 1 113 ? 0.704   13.582  11.592  1.00 69.38  ? 152 LEU A N   1 
ATOM   892  C  CA  . LEU A 1 113 ? 1.303   12.675  12.618  1.00 73.91  ? 152 LEU A CA  1 
ATOM   893  C  C   . LEU A 1 113 ? 0.254   12.426  13.712  1.00 77.71  ? 152 LEU A C   1 
ATOM   894  O  O   . LEU A 1 113 ? -0.262  13.407  14.272  1.00 77.02  ? 152 LEU A O   1 
ATOM   895  C  CB  . LEU A 1 113 ? 2.620   13.231  13.189  1.00 75.69  ? 152 LEU A CB  1 
ATOM   896  C  CG  . LEU A 1 113 ? 2.807   14.752  13.333  1.00 78.52  ? 152 LEU A CG  1 
ATOM   897  C  CD1 . LEU A 1 113 ? 3.310   15.394  12.042  1.00 78.13  ? 152 LEU A CD1 1 
ATOM   898  C  CD2 . LEU A 1 113 ? 1.565   15.476  13.853  1.00 78.69  ? 152 LEU A CD2 1 
ATOM   899  N  N   . ASN A 1 114 ? -0.089  11.163  13.966  1.00 84.49  ? 153 ASN A N   1 
ATOM   900  C  CA  . ASN A 1 114 ? -1.335  10.799  14.693  1.00 94.72  ? 153 ASN A CA  1 
ATOM   901  C  C   . ASN A 1 114 ? -1.071  9.667   15.690  1.00 95.65  ? 153 ASN A C   1 
ATOM   902  O  O   . ASN A 1 114 ? -0.094  8.914   15.493  1.00 98.45  ? 153 ASN A O   1 
ATOM   903  C  CB  . ASN A 1 114 ? -2.458  10.426  13.718  1.00 100.62 ? 153 ASN A CB  1 
ATOM   904  C  CG  . ASN A 1 114 ? -3.058  11.619  12.997  1.00 106.24 ? 153 ASN A CG  1 
ATOM   905  O  OD1 . ASN A 1 114 ? -3.114  12.730  13.529  1.00 111.04 ? 153 ASN A OD1 1 
ATOM   906  N  ND2 . ASN A 1 114 ? -3.518  11.398  11.777  1.00 104.36 ? 153 ASN A ND2 1 
ATOM   907  N  N   . GLY A 1 115 ? -1.951  9.565   16.696  1.00 99.41  ? 154 GLY A N   1 
ATOM   908  C  CA  . GLY A 1 115 ? -1.888  8.635   17.842  1.00 99.69  ? 154 GLY A CA  1 
ATOM   909  C  C   . GLY A 1 115 ? -1.297  7.283   17.486  1.00 92.20  ? 154 GLY A C   1 
ATOM   910  O  O   . GLY A 1 115 ? -0.141  7.033   17.862  1.00 90.25  ? 154 GLY A O   1 
ATOM   911  N  N   . GLY A 1 116 ? -2.065  6.433   16.800  1.00 86.68  ? 155 GLY A N   1 
ATOM   912  C  CA  . GLY A 1 116 ? -1.656  5.049   16.494  1.00 82.71  ? 155 GLY A CA  1 
ATOM   913  C  C   . GLY A 1 116 ? -2.410  4.469   15.314  1.00 74.16  ? 155 GLY A C   1 
ATOM   914  O  O   . GLY A 1 116 ? -3.544  4.898   15.054  1.00 75.53  ? 155 GLY A O   1 
ATOM   915  N  N   . GLY A 1 117 ? -1.804  3.494   14.646  1.00 67.68  ? 156 GLY A N   1 
ATOM   916  C  CA  . GLY A 1 117 ? -2.373  2.801   13.475  1.00 65.09  ? 156 GLY A CA  1 
ATOM   917  C  C   . GLY A 1 117 ? -2.062  3.547   12.191  1.00 56.95  ? 156 GLY A C   1 
ATOM   918  O  O   . GLY A 1 117 ? -1.173  3.078   11.435  1.00 56.07  ? 156 GLY A O   1 
ATOM   919  N  N   . GLN A 1 118 ? -2.733  4.683   11.979  1.00 52.43  ? 157 GLN A N   1 
ATOM   920  C  CA  . GLN A 1 118 ? -2.724  5.455   10.703  1.00 46.15  ? 157 GLN A CA  1 
ATOM   921  C  C   . GLN A 1 118 ? -1.290  5.642   10.213  1.00 41.23  ? 157 GLN A C   1 
ATOM   922  O  O   . GLN A 1 118 ? -0.410  5.808   11.036  1.00 41.39  ? 157 GLN A O   1 
ATOM   923  C  CB  . GLN A 1 118 ? -3.304  6.865   10.844  1.00 44.55  ? 157 GLN A CB  1 
ATOM   924  C  CG  . GLN A 1 118 ? -4.754  6.905   11.285  1.00 52.01  ? 157 GLN A CG  1 
ATOM   925  C  CD  . GLN A 1 118 ? -4.911  7.475   12.672  1.00 55.82  ? 157 GLN A CD  1 
ATOM   926  O  OE1 . GLN A 1 118 ? -5.761  8.329   12.915  1.00 63.43  ? 157 GLN A OE1 1 
ATOM   927  N  NE2 . GLN A 1 118 ? -4.095  7.008   13.597  1.00 50.10  ? 157 GLN A NE2 1 
ATOM   928  N  N   . ILE A 1 119 ? -1.091  5.599   8.900   1.00 34.32  ? 158 ILE A N   1 
ATOM   929  C  CA  . ILE A 1 119 ? 0.233   5.830   8.269   1.00 35.84  ? 158 ILE A CA  1 
ATOM   930  C  C   . ILE A 1 119 ? 0.226   7.215   7.633   1.00 31.28  ? 158 ILE A C   1 
ATOM   931  O  O   . ILE A 1 119 ? -0.602  7.453   6.745   1.00 32.69  ? 158 ILE A O   1 
ATOM   932  C  CB  . ILE A 1 119 ? 0.510   4.749   7.212   1.00 33.07  ? 158 ILE A CB  1 
ATOM   933  C  CG1 . ILE A 1 119 ? 0.440   3.341   7.812   1.00 32.21  ? 158 ILE A CG1 1 
ATOM   934  C  CG2 . ILE A 1 119 ? 1.808   5.054   6.500   1.00 36.15  ? 158 ILE A CG2 1 
ATOM   935  C  CD1 . ILE A 1 119 ? 1.312   3.132   9.039   1.00 34.38  ? 158 ILE A CD1 1 
ATOM   936  N  N   . MET A 1 120 ? 1.188   8.056   8.013   1.00 34.06  ? 159 MET A N   1 
ATOM   937  C  CA  . MET A 1 120 ? 1.281   9.433   7.476   1.00 37.90  ? 159 MET A CA  1 
ATOM   938  C  C   . MET A 1 120 ? 1.998   9.396   6.132   1.00 34.77  ? 159 MET A C   1 
ATOM   939  O  O   . MET A 1 120 ? 3.099   8.833   6.058   1.00 35.83  ? 159 MET A O   1 
ATOM   940  C  CB  . MET A 1 120 ? 2.028   10.364  8.433   1.00 42.25  ? 159 MET A CB  1 
ATOM   941  C  CG  . MET A 1 120 ? 1.956   11.836  8.034   1.00 47.67  ? 159 MET A CG  1 
ATOM   942  S  SD  . MET A 1 120 ? 2.981   12.844  9.136   1.00 59.80  ? 159 MET A SD  1 
ATOM   943  C  CE  . MET A 1 120 ? 4.549   12.770  8.261   1.00 59.21  ? 159 MET A CE  1 
ATOM   944  N  N   . LEU A 1 121 ? 1.352   9.888   5.084   1.00 31.16  ? 160 LEU A N   1 
ATOM   945  C  CA  . LEU A 1 121 ? 2.002   10.092  3.770   1.00 29.72  ? 160 LEU A CA  1 
ATOM   946  C  C   . LEU A 1 121 ? 2.040   11.586  3.504   1.00 35.93  ? 160 LEU A C   1 
ATOM   947  O  O   . LEU A 1 121 ? 1.279   12.313  4.174   1.00 35.52  ? 160 LEU A O   1 
ATOM   948  C  CB  . LEU A 1 121 ? 1.216   9.372   2.684   1.00 31.31  ? 160 LEU A CB  1 
ATOM   949  C  CG  . LEU A 1 121 ? 0.968   7.893   2.910   1.00 29.13  ? 160 LEU A CG  1 
ATOM   950  C  CD1 . LEU A 1 121 ? 0.168   7.300   1.753   1.00 28.66  ? 160 LEU A CD1 1 
ATOM   951  C  CD2 . LEU A 1 121 ? 2.305   7.144   3.102   1.00 31.83  ? 160 LEU A CD2 1 
ATOM   952  N  N   . ASN A 1 122 ? 2.890   12.009  2.574   1.00 41.26  ? 161 ASN A N   1 
ATOM   953  C  CA  . ASN A 1 122 ? 2.947   13.406  2.078   1.00 40.33  ? 161 ASN A CA  1 
ATOM   954  C  C   . ASN A 1 122 ? 1.983   13.526  0.905   1.00 42.37  ? 161 ASN A C   1 
ATOM   955  O  O   . ASN A 1 122 ? 2.167   12.838  -0.149  1.00 34.08  ? 161 ASN A O   1 
ATOM   956  C  CB  . ASN A 1 122 ? 4.334   13.822  1.596   1.00 46.42  ? 161 ASN A CB  1 
ATOM   957  C  CG  . ASN A 1 122 ? 5.373   13.868  2.692   1.00 48.48  ? 161 ASN A CG  1 
ATOM   958  O  OD1 . ASN A 1 122 ? 5.087   14.318  3.801   1.00 51.56  ? 161 ASN A OD1 1 
ATOM   959  N  ND2 . ASN A 1 122 ? 6.580   13.422  2.376   1.00 55.73  ? 161 ASN A ND2 1 
ATOM   960  N  N   . SER A 1 123 ? 1.018   14.424  1.029   1.00 36.07  ? 162 SER A N   1 
ATOM   961  C  CA  . SER A 1 123 ? 0.077   14.692  -0.068  1.00 36.04  ? 162 SER A CA  1 
ATOM   962  C  C   . SER A 1 123 ? 0.853   15.084  -1.329  1.00 30.58  ? 162 SER A C   1 
ATOM   963  O  O   . SER A 1 123 ? 1.905   15.723  -1.191  1.00 35.47  ? 162 SER A O   1 
ATOM   964  C  CB  . SER A 1 123 ? -0.906  15.758  0.346   1.00 41.55  ? 162 SER A CB  1 
ATOM   965  O  OG  . SER A 1 123 ? -1.972  15.749  -0.572  1.00 48.95  ? 162 SER A OG  1 
ATOM   966  N  N   . LEU A 1 124 ? 0.338   14.722  -2.507  1.00 33.72  ? 163 LEU A N   1 
ATOM   967  C  CA  . LEU A 1 124 ? 0.885   14.995  -3.859  1.00 31.79  ? 163 LEU A CA  1 
ATOM   968  C  C   . LEU A 1 124 ? 2.260   14.324  -4.095  1.00 31.70  ? 163 LEU A C   1 
ATOM   969  O  O   . LEU A 1 124 ? 2.938   14.704  -5.046  1.00 34.03  ? 163 LEU A O   1 
ATOM   970  C  CB  . LEU A 1 124 ? 0.956   16.510  -4.067  1.00 36.25  ? 163 LEU A CB  1 
ATOM   971  C  CG  . LEU A 1 124 ? -0.411  17.211  -4.048  1.00 37.21  ? 163 LEU A CG  1 
ATOM   972  C  CD1 . LEU A 1 124 ? -0.308  18.640  -4.573  1.00 40.50  ? 163 LEU A CD1 1 
ATOM   973  C  CD2 . LEU A 1 124 ? -1.443  16.435  -4.868  1.00 36.14  ? 163 LEU A CD2 1 
ATOM   974  N  N   . HIS A 1 125 ? 2.626   13.338  -3.284  1.00 30.02  ? 164 HIS A N   1 
ATOM   975  C  CA  . HIS A 1 125 ? 3.733   12.405  -3.608  1.00 29.70  ? 164 HIS A CA  1 
ATOM   976  C  C   . HIS A 1 125 ? 3.154   11.086  -4.127  1.00 31.20  ? 164 HIS A C   1 
ATOM   977  O  O   . HIS A 1 125 ? 2.014   10.675  -3.728  1.00 26.95  ? 164 HIS A O   1 
ATOM   978  C  CB  . HIS A 1 125 ? 4.672   12.248  -2.422  1.00 32.41  ? 164 HIS A CB  1 
ATOM   979  C  CG  . HIS A 1 125 ? 5.421   13.514  -2.176  1.00 39.92  ? 164 HIS A CG  1 
ATOM   980  N  ND1 . HIS A 1 125 ? 4.777   14.698  -1.809  1.00 45.80  ? 164 HIS A ND1 1 
ATOM   981  C  CD2 . HIS A 1 125 ? 6.735   13.805  -2.295  1.00 41.00  ? 164 HIS A CD2 1 
ATOM   982  C  CE1 . HIS A 1 125 ? 5.685   15.663  -1.680  1.00 42.27  ? 164 HIS A CE1 1 
ATOM   983  N  NE2 . HIS A 1 125 ? 6.890   15.141  -1.973  1.00 45.82  ? 164 HIS A NE2 1 
ATOM   984  N  N   . LYS A 1 126 ? 3.956   10.430  -4.947  1.00 27.61  ? 165 LYS A N   1 
ATOM   985  C  CA  . LYS A 1 126 ? 3.626   9.141   -5.549  1.00 28.22  ? 165 LYS A CA  1 
ATOM   986  C  C   . LYS A 1 126 ? 4.262   8.050   -4.689  1.00 29.98  ? 165 LYS A C   1 
ATOM   987  O  O   . LYS A 1 126 ? 5.450   8.179   -4.349  1.00 26.61  ? 165 LYS A O   1 
ATOM   988  C  CB  . LYS A 1 126 ? 4.131   9.144   -6.973  1.00 27.87  ? 165 LYS A CB  1 
ATOM   989  C  CG  . LYS A 1 126 ? 3.732   7.945   -7.802  1.00 35.22  ? 165 LYS A CG  1 
ATOM   990  C  CD  . LYS A 1 126 ? 4.132   8.088   -9.235  1.00 37.33  ? 165 LYS A CD  1 
ATOM   991  C  CE  . LYS A 1 126 ? 3.172   8.940   -10.037 1.00 41.93  ? 165 LYS A CE  1 
ATOM   992  N  NZ  . LYS A 1 126 ? 3.350   8.735   -11.494 1.00 40.06  ? 165 LYS A NZ  1 
ATOM   993  N  N   . TYR A 1 127 ? 3.530   6.970   -4.467  1.00 26.47  ? 166 TYR A N   1 
ATOM   994  C  CA  . TYR A 1 127 ? 3.891   5.909   -3.504  1.00 23.16  ? 166 TYR A CA  1 
ATOM   995  C  C   . TYR A 1 127 ? 3.685   4.579   -4.206  1.00 24.43  ? 166 TYR A C   1 
ATOM   996  O  O   . TYR A 1 127 ? 2.747   4.382   -4.999  1.00 23.55  ? 166 TYR A O   1 
ATOM   997  C  CB  . TYR A 1 127 ? 3.083   5.991   -2.200  1.00 22.70  ? 166 TYR A CB  1 
ATOM   998  C  CG  . TYR A 1 127 ? 3.448   7.154   -1.328  1.00 24.58  ? 166 TYR A CG  1 
ATOM   999  C  CD1 . TYR A 1 127 ? 4.577   7.134   -0.543  1.00 27.30  ? 166 TYR A CD1 1 
ATOM   1000 C  CD2 . TYR A 1 127 ? 2.697   8.326   -1.364  1.00 28.68  ? 166 TYR A CD2 1 
ATOM   1001 C  CE1 . TYR A 1 127 ? 4.930   8.213   0.251   1.00 29.65  ? 166 TYR A CE1 1 
ATOM   1002 C  CE2 . TYR A 1 127 ? 3.068   9.427   -0.614  1.00 28.10  ? 166 TYR A CE2 1 
ATOM   1003 C  CZ  . TYR A 1 127 ? 4.179   9.370   0.195   1.00 31.36  ? 166 TYR A CZ  1 
ATOM   1004 O  OH  . TYR A 1 127 ? 4.526   10.471  0.928   1.00 36.20  ? 166 TYR A OH  1 
ATOM   1005 N  N   . GLU A 1 128 ? 4.547   3.640   -3.826  1.00 22.53  ? 167 GLU A N   1 
ATOM   1006 C  CA  . GLU A 1 128 ? 4.471   2.222   -4.214  1.00 22.82  ? 167 GLU A CA  1 
ATOM   1007 C  C   . GLU A 1 128 ? 4.359   1.361   -2.969  1.00 24.53  ? 167 GLU A C   1 
ATOM   1008 O  O   . GLU A 1 128 ? 5.285   1.274   -2.166  1.00 23.11  ? 167 GLU A O   1 
ATOM   1009 C  CB  . GLU A 1 128 ? 5.748   1.844   -4.973  1.00 21.58  ? 167 GLU A CB  1 
ATOM   1010 C  CG  . GLU A 1 128 ? 5.751   0.463   -5.538  1.00 22.28  ? 167 GLU A CG  1 
ATOM   1011 C  CD  . GLU A 1 128 ? 6.865   0.199   -6.560  1.00 20.24  ? 167 GLU A CD  1 
ATOM   1012 O  OE1 . GLU A 1 128 ? 7.959   -0.238  -6.044  1.00 25.49  ? 167 GLU A OE1 1 
ATOM   1013 O  OE2 . GLU A 1 128 ? 6.593   0.254   -7.738  1.00 19.65  ? 167 GLU A OE2 1 
ATOM   1014 N  N   . PRO A 1 129 ? 3.160   0.792   -2.737  1.00 22.35  ? 168 PRO A N   1 
ATOM   1015 C  CA  . PRO A 1 129 ? 2.979   -0.124  -1.639  1.00 23.01  ? 168 PRO A CA  1 
ATOM   1016 C  C   . PRO A 1 129 ? 3.992   -1.283  -1.684  1.00 21.92  ? 168 PRO A C   1 
ATOM   1017 O  O   . PRO A 1 129 ? 4.302   -1.750  -2.768  1.00 21.63  ? 168 PRO A O   1 
ATOM   1018 C  CB  . PRO A 1 129 ? 1.558   -0.648  -1.809  1.00 23.85  ? 168 PRO A CB  1 
ATOM   1019 C  CG  . PRO A 1 129 ? 0.866   0.502   -2.567  1.00 23.99  ? 168 PRO A CG  1 
ATOM   1020 C  CD  . PRO A 1 129 ? 1.934   1.035   -3.522  1.00 24.79  ? 168 PRO A CD  1 
ATOM   1021 N  N   . ARG A 1 130 ? 4.357   -1.719  -0.493  1.00 23.07  ? 169 ARG A N   1 
ATOM   1022 C  CA  . ARG A 1 130 ? 5.390   -2.738  -0.232  1.00 23.48  ? 169 ARG A CA  1 
ATOM   1023 C  C   . ARG A 1 130 ? 5.031   -3.522  1.029   1.00 25.00  ? 169 ARG A C   1 
ATOM   1024 O  O   . ARG A 1 130 ? 4.625   -2.912  2.048   1.00 23.79  ? 169 ARG A O   1 
ATOM   1025 C  CB  . ARG A 1 130 ? 6.759   -2.077  -0.147  1.00 25.18  ? 169 ARG A CB  1 
ATOM   1026 C  CG  . ARG A 1 130 ? 7.890   -3.082  0.053   1.00 26.31  ? 169 ARG A CG  1 
ATOM   1027 C  CD  . ARG A 1 130 ? 9.176   -2.289  -0.019  1.00 23.84  ? 169 ARG A CD  1 
ATOM   1028 N  NE  . ARG A 1 130 ? 9.348   -1.497  1.173   1.00 24.11  ? 169 ARG A NE  1 
ATOM   1029 C  CZ  . ARG A 1 130 ? 10.384  -0.771  1.497   1.00 24.52  ? 169 ARG A CZ  1 
ATOM   1030 N  NH1 . ARG A 1 130 ? 11.432  -0.693  0.686   1.00 23.25  ? 169 ARG A NH1 1 
ATOM   1031 N  NH2 . ARG A 1 130 ? 10.415  -0.140  2.643   1.00 23.71  ? 169 ARG A NH2 1 
ATOM   1032 N  N   . ILE A 1 131 ? 5.183   -4.837  0.976   1.00 24.22  ? 170 ILE A N   1 
ATOM   1033 C  CA  . ILE A 1 131 ? 4.979   -5.644  2.195   1.00 23.85  ? 170 ILE A CA  1 
ATOM   1034 C  C   . ILE A 1 131 ? 6.318   -6.248  2.622   1.00 28.89  ? 170 ILE A C   1 
ATOM   1035 O  O   . ILE A 1 131 ? 7.225   -6.405  1.769   1.00 24.72  ? 170 ILE A O   1 
ATOM   1036 C  CB  . ILE A 1 131 ? 3.883   -6.699  2.011   1.00 25.57  ? 170 ILE A CB  1 
ATOM   1037 C  CG1 . ILE A 1 131 ? 4.193   -7.684  0.900   1.00 27.35  ? 170 ILE A CG1 1 
ATOM   1038 C  CG2 . ILE A 1 131 ? 2.528   -6.027  1.799   1.00 27.29  ? 170 ILE A CG2 1 
ATOM   1039 C  CD1 . ILE A 1 131 ? 3.415   -8.973  0.976   1.00 33.77  ? 170 ILE A CD1 1 
ATOM   1040 N  N   . HIS A 1 132 ? 6.404   -6.525  3.906   1.00 27.25  ? 171 HIS A N   1 
ATOM   1041 C  CA  . HIS A 1 132 ? 7.463   -7.350  4.496   1.00 24.64  ? 171 HIS A CA  1 
ATOM   1042 C  C   . HIS A 1 132 ? 6.806   -8.535  5.188   1.00 28.00  ? 171 HIS A C   1 
ATOM   1043 O  O   . HIS A 1 132 ? 5.805   -8.322  5.948   1.00 27.60  ? 171 HIS A O   1 
ATOM   1044 C  CB  . HIS A 1 132 ? 8.292   -6.561  5.460   1.00 26.19  ? 171 HIS A CB  1 
ATOM   1045 C  CG  . HIS A 1 132 ? 8.667   -5.244  4.914   1.00 29.09  ? 171 HIS A CG  1 
ATOM   1046 N  ND1 . HIS A 1 132 ? 9.676   -5.112  3.949   1.00 27.06  ? 171 HIS A ND1 1 
ATOM   1047 C  CD2 . HIS A 1 132 ? 8.205   -4.009  5.176   1.00 26.97  ? 171 HIS A CD2 1 
ATOM   1048 C  CE1 . HIS A 1 132 ? 9.811   -3.834  3.660   1.00 26.39  ? 171 HIS A CE1 1 
ATOM   1049 N  NE2 . HIS A 1 132 ? 8.911   -3.132  4.389   1.00 28.98  ? 171 HIS A NE2 1 
ATOM   1050 N  N   . ILE A 1 133 ? 7.320   -9.723  4.896   1.00 28.73  ? 172 ILE A N   1 
ATOM   1051 C  CA  . ILE A 1 133 ? 6.857   -10.965 5.589   1.00 29.83  ? 172 ILE A CA  1 
ATOM   1052 C  C   . ILE A 1 133 ? 7.982   -11.331 6.534   1.00 31.59  ? 172 ILE A C   1 
ATOM   1053 O  O   . ILE A 1 133 ? 9.142   -11.599 6.041   1.00 29.66  ? 172 ILE A O   1 
ATOM   1054 C  CB  . ILE A 1 133 ? 6.467   -12.096 4.641   1.00 31.18  ? 172 ILE A CB  1 
ATOM   1055 C  CG1 . ILE A 1 133 ? 5.330   -11.720 3.699   1.00 28.12  ? 172 ILE A CG1 1 
ATOM   1056 C  CG2 . ILE A 1 133 ? 6.084   -13.333 5.449   1.00 30.44  ? 172 ILE A CG2 1 
ATOM   1057 C  CD1 . ILE A 1 133 ? 5.184   -12.634 2.517   1.00 30.31  ? 172 ILE A CD1 1 
ATOM   1058 N  N   . VAL A 1 134 ? 7.703   -11.224 7.839   1.00 33.72  ? 173 VAL A N   1 
ATOM   1059 C  CA  . VAL A 1 134 ? 8.740   -11.349 8.907   1.00 30.00  ? 173 VAL A CA  1 
ATOM   1060 C  C   . VAL A 1 134 ? 8.494   -12.670 9.647   1.00 34.23  ? 173 VAL A C   1 
ATOM   1061 O  O   . VAL A 1 134 ? 7.383   -12.846 10.187  1.00 32.18  ? 173 VAL A O   1 
ATOM   1062 C  CB  . VAL A 1 134 ? 8.762   -10.142 9.851   1.00 32.75  ? 173 VAL A CB  1 
ATOM   1063 C  CG1 . VAL A 1 134 ? 9.886   -10.248 10.858  1.00 32.87  ? 173 VAL A CG1 1 
ATOM   1064 C  CG2 . VAL A 1 134 ? 8.871   -8.808  9.096   1.00 35.65  ? 173 VAL A CG2 1 
ATOM   1065 N  N   . ARG A 1 135 ? 9.419   -13.617 9.515   1.00 35.67  ? 174 ARG A N   1 
ATOM   1066 C  CA  . ARG A 1 135 ? 9.377   -14.872 10.315  1.00 39.56  ? 174 ARG A CA  1 
ATOM   1067 C  C   . ARG A 1 135 ? 9.858   -14.510 11.715  1.00 38.23  ? 174 ARG A C   1 
ATOM   1068 O  O   . ARG A 1 135 ? 11.041  -14.118 11.864  1.00 44.64  ? 174 ARG A O   1 
ATOM   1069 C  CB  . ARG A 1 135 ? 10.191  -15.977 9.625   1.00 45.99  ? 174 ARG A CB  1 
ATOM   1070 C  CG  . ARG A 1 135 ? 9.965   -17.365 10.207  1.00 48.90  ? 174 ARG A CG  1 
ATOM   1071 C  CD  . ARG A 1 135 ? 10.654  -18.424 9.375   1.00 56.74  ? 174 ARG A CD  1 
ATOM   1072 N  NE  . ARG A 1 135 ? 10.663  -19.706 10.079  1.00 64.27  ? 174 ARG A NE  1 
ATOM   1073 C  CZ  . ARG A 1 135 ? 10.919  -20.892 9.521   1.00 64.48  ? 174 ARG A CZ  1 
ATOM   1074 N  NH1 . ARG A 1 135 ? 11.199  -20.986 8.231   1.00 68.21  ? 174 ARG A NH1 1 
ATOM   1075 N  NH2 . ARG A 1 135 ? 10.883  -21.987 10.258  1.00 62.68  ? 174 ARG A NH2 1 
ATOM   1076 N  N   . VAL A 1 136 ? 8.971   -14.706 12.707  1.00 42.01  ? 175 VAL A N   1 
ATOM   1077 C  CA  . VAL A 1 136 ? 9.079   -14.233 14.112  1.00 41.24  ? 175 VAL A CA  1 
ATOM   1078 C  C   . VAL A 1 136 ? 9.133   -15.466 15.041  1.00 53.08  ? 175 VAL A C   1 
ATOM   1079 O  O   . VAL A 1 136 ? 8.737   -16.571 14.611  1.00 50.79  ? 175 VAL A O   1 
ATOM   1080 C  CB  . VAL A 1 136 ? 7.869   -13.332 14.472  1.00 45.00  ? 175 VAL A CB  1 
ATOM   1081 C  CG1 . VAL A 1 136 ? 7.795   -12.044 13.651  1.00 44.20  ? 175 VAL A CG1 1 
ATOM   1082 C  CG2 . VAL A 1 136 ? 6.536   -14.056 14.356  1.00 46.05  ? 175 VAL A CG2 1 
ATOM   1083 N  N   . GLY A 1 137 ? 9.554   -15.292 16.294  1.00 65.18  ? 176 GLY A N   1 
ATOM   1084 C  CA  . GLY A 1 137 ? 9.413   -16.321 17.349  1.00 74.79  ? 176 GLY A CA  1 
ATOM   1085 C  C   . GLY A 1 137 ? 10.391  -17.478 17.191  1.00 82.06  ? 176 GLY A C   1 
ATOM   1086 O  O   . GLY A 1 137 ? 10.864  -17.992 18.233  1.00 86.74  ? 176 GLY A O   1 
ATOM   1087 N  N   . GLY A 1 138 ? 10.658  -17.893 15.945  1.00 78.10  ? 177 GLY A N   1 
ATOM   1088 C  CA  . GLY A 1 138 ? 11.660  -18.915 15.590  1.00 78.62  ? 177 GLY A CA  1 
ATOM   1089 C  C   . GLY A 1 138 ? 13.075  -18.484 15.967  1.00 79.64  ? 177 GLY A C   1 
ATOM   1090 O  O   . GLY A 1 138 ? 13.292  -17.396 16.502  1.00 68.90  ? 177 GLY A O   1 
ATOM   1091 N  N   . PRO A 1 139 ? 14.083  -19.345 15.708  1.00 86.00  ? 178 PRO A N   1 
ATOM   1092 C  CA  . PRO A 1 139 ? 15.470  -19.020 16.044  1.00 84.23  ? 178 PRO A CA  1 
ATOM   1093 C  C   . PRO A 1 139 ? 16.023  -17.956 15.083  1.00 82.91  ? 178 PRO A C   1 
ATOM   1094 O  O   . PRO A 1 139 ? 16.397  -16.878 15.549  1.00 73.90  ? 178 PRO A O   1 
ATOM   1095 C  CB  . PRO A 1 139 ? 16.209  -20.365 15.909  1.00 87.00  ? 178 PRO A CB  1 
ATOM   1096 C  CG  . PRO A 1 139 ? 15.332  -21.234 15.002  1.00 86.21  ? 178 PRO A CG  1 
ATOM   1097 C  CD  . PRO A 1 139 ? 13.927  -20.670 15.084  1.00 85.14  ? 178 PRO A CD  1 
ATOM   1098 N  N   . GLN A 1 140 ? 16.029  -18.293 13.783  1.00 82.99  ? 179 GLN A N   1 
ATOM   1099 C  CA  . GLN A 1 140 ? 16.510  -17.441 12.662  1.00 83.40  ? 179 GLN A CA  1 
ATOM   1100 C  C   . GLN A 1 140 ? 15.337  -16.558 12.211  1.00 70.14  ? 179 GLN A C   1 
ATOM   1101 O  O   . GLN A 1 140 ? 14.430  -17.049 11.511  1.00 59.00  ? 179 GLN A O   1 
ATOM   1102 C  CB  . GLN A 1 140 ? 17.162  -18.281 11.542  1.00 88.00  ? 179 GLN A CB  1 
ATOM   1103 C  CG  . GLN A 1 140 ? 16.208  -19.125 10.690  1.00 99.19  ? 179 GLN A CG  1 
ATOM   1104 C  CD  . GLN A 1 140 ? 16.896  -20.151 9.809   1.00 101.89 ? 179 GLN A CD  1 
ATOM   1105 O  OE1 . GLN A 1 140 ? 17.474  -19.829 8.768   1.00 91.58  ? 179 GLN A OE1 1 
ATOM   1106 N  NE2 . GLN A 1 140 ? 16.805  -21.418 10.192  1.00 99.90  ? 179 GLN A NE2 1 
ATOM   1107 N  N   . ARG A 1 141 ? 15.343  -15.302 12.656  1.00 54.85  ? 180 ARG A N   1 
ATOM   1108 C  CA  . ARG A 1 141 ? 14.567  -14.193 12.040  1.00 55.35  ? 180 ARG A CA  1 
ATOM   1109 C  C   . ARG A 1 141 ? 14.844  -14.209 10.518  1.00 49.07  ? 180 ARG A C   1 
ATOM   1110 O  O   . ARG A 1 141 ? 15.994  -14.532 10.146  1.00 44.27  ? 180 ARG A O   1 
ATOM   1111 C  CB  . ARG A 1 141 ? 14.962  -12.917 12.794  1.00 64.84  ? 180 ARG A CB  1 
ATOM   1112 C  CG  . ARG A 1 141 ? 14.623  -11.608 12.096  1.00 76.83  ? 180 ARG A CG  1 
ATOM   1113 C  CD  . ARG A 1 141 ? 14.094  -10.570 13.059  1.00 79.38  ? 180 ARG A CD  1 
ATOM   1114 N  NE  . ARG A 1 141 ? 12.700  -10.866 13.349  1.00 89.72  ? 180 ARG A NE  1 
ATOM   1115 C  CZ  . ARG A 1 141 ? 12.093  -10.664 14.514  1.00 93.83  ? 180 ARG A CZ  1 
ATOM   1116 N  NH1 . ARG A 1 141 ? 10.815  -10.972 14.646  1.00 91.91  ? 180 ARG A NH1 1 
ATOM   1117 N  NH2 . ARG A 1 141 ? 12.756  -10.171 15.545  1.00 101.12 ? 180 ARG A NH2 1 
ATOM   1118 N  N   . MET A 1 142 ? 13.821  -13.955 9.671   1.00 40.92  ? 181 MET A N   1 
ATOM   1119 C  CA  . MET A 1 142 ? 13.932  -13.785 8.195   1.00 37.02  ? 181 MET A CA  1 
ATOM   1120 C  C   . MET A 1 142 ? 12.895  -12.745 7.751   1.00 38.36  ? 181 MET A C   1 
ATOM   1121 O  O   . MET A 1 142 ? 11.789  -12.692 8.324   1.00 30.29  ? 181 MET A O   1 
ATOM   1122 C  CB  . MET A 1 142 ? 13.707  -15.080 7.406   1.00 37.07  ? 181 MET A CB  1 
ATOM   1123 C  CG  . MET A 1 142 ? 13.945  -14.960 5.882   1.00 44.17  ? 181 MET A CG  1 
ATOM   1124 S  SD  . MET A 1 142 ? 15.528  -14.179 5.357   1.00 40.87  ? 181 MET A SD  1 
ATOM   1125 C  CE  . MET A 1 142 ? 15.301  -14.068 3.582   1.00 49.84  ? 181 MET A CE  1 
ATOM   1126 N  N   . ILE A 1 143 ? 13.247  -11.948 6.750   1.00 33.02  ? 182 ILE A N   1 
ATOM   1127 C  CA  . ILE A 1 143 ? 12.320  -10.958 6.134   1.00 30.70  ? 182 ILE A CA  1 
ATOM   1128 C  C   . ILE A 1 143 ? 12.309  -11.260 4.637   1.00 30.56  ? 182 ILE A C   1 
ATOM   1129 O  O   . ILE A 1 143 ? 13.449  -11.392 4.025   1.00 30.30  ? 182 ILE A O   1 
ATOM   1130 C  CB  . ILE A 1 143 ? 12.724  -9.513  6.458   1.00 30.20  ? 182 ILE A CB  1 
ATOM   1131 C  CG1 . ILE A 1 143 ? 12.662  -9.246  7.955   1.00 31.40  ? 182 ILE A CG1 1 
ATOM   1132 C  CG2 . ILE A 1 143 ? 11.854  -8.519  5.646   1.00 30.86  ? 182 ILE A CG2 1 
ATOM   1133 C  CD1 . ILE A 1 143 ? 13.374  -8.031  8.402   1.00 37.65  ? 182 ILE A CD1 1 
ATOM   1134 N  N   . THR A 1 144 ? 11.128  -11.322 4.048   1.00 29.89  ? 183 THR A N   1 
ATOM   1135 C  CA  . THR A 1 144 ? 10.952  -11.280 2.578   1.00 32.83  ? 183 THR A CA  1 
ATOM   1136 C  C   . THR A 1 144 ? 10.115  -10.048 2.250   1.00 33.19  ? 183 THR A C   1 
ATOM   1137 O  O   . THR A 1 144 ? 9.073   -9.817  2.911   1.00 29.06  ? 183 THR A O   1 
ATOM   1138 C  CB  . THR A 1 144 ? 10.356  -12.560 2.004   1.00 36.65  ? 183 THR A CB  1 
ATOM   1139 O  OG1 . THR A 1 144 ? 8.967   -12.584 2.304   1.00 63.70  ? 183 THR A OG1 1 
ATOM   1140 C  CG2 . THR A 1 144 ? 10.995  -13.802 2.577   1.00 30.85  ? 183 THR A CG2 1 
ATOM   1141 N  N   . SER A 1 145 ? 10.584  -9.274  1.291   1.00 30.94  ? 184 SER A N   1 
ATOM   1142 C  CA  . SER A 1 145 ? 9.871   -8.034  0.922   1.00 27.96  ? 184 SER A CA  1 
ATOM   1143 C  C   . SER A 1 145 ? 9.348   -8.184  -0.482  1.00 28.52  ? 184 SER A C   1 
ATOM   1144 O  O   . SER A 1 145 ? 9.936   -8.879  -1.358  1.00 29.94  ? 184 SER A O   1 
ATOM   1145 C  CB  . SER A 1 145 ? 10.701  -6.849  1.086   1.00 28.60  ? 184 SER A CB  1 
ATOM   1146 O  OG  . SER A 1 145 ? 11.132  -6.730  2.422   1.00 30.07  ? 184 SER A OG  1 
ATOM   1147 N  N   . HIS A 1 146 ? 8.263   -7.488  -0.772  1.00 23.51  ? 185 HIS A N   1 
ATOM   1148 C  CA  . HIS A 1 146 ? 7.706   -7.465  -2.122  1.00 25.82  ? 185 HIS A CA  1 
ATOM   1149 C  C   . HIS A 1 146 ? 6.987   -6.139  -2.351  1.00 25.04  ? 185 HIS A C   1 
ATOM   1150 O  O   . HIS A 1 146 ? 6.133   -5.723  -1.517  1.00 29.28  ? 185 HIS A O   1 
ATOM   1151 C  CB  . HIS A 1 146 ? 6.755   -8.638  -2.307  1.00 29.46  ? 185 HIS A CB  1 
ATOM   1152 C  CG  . HIS A 1 146 ? 6.518   -8.993  -3.718  1.00 33.74  ? 185 HIS A CG  1 
ATOM   1153 N  ND1 . HIS A 1 146 ? 5.560   -8.370  -4.500  1.00 36.56  ? 185 HIS A ND1 1 
ATOM   1154 C  CD2 . HIS A 1 146 ? 7.108   -9.920  -4.490  1.00 34.53  ? 185 HIS A CD2 1 
ATOM   1155 C  CE1 . HIS A 1 146 ? 5.576   -8.905  -5.693  1.00 37.83  ? 185 HIS A CE1 1 
ATOM   1156 N  NE2 . HIS A 1 146 ? 6.504   -9.853  -5.711  1.00 39.58  ? 185 HIS A NE2 1 
ATOM   1157 N  N   A CYS A 1 147 ? 7.294   -5.527  -3.497  0.25 28.24  ? 186 CYS A N   1 
ATOM   1158 N  N   B CYS A 1 147 ? 7.273   -5.467  -3.456  0.25 24.91  ? 186 CYS A N   1 
ATOM   1159 C  CA  A CYS A 1 147 ? 6.672   -4.292  -4.047  0.25 26.85  ? 186 CYS A CA  1 
ATOM   1160 C  CA  B CYS A 1 147 ? 6.571   -4.210  -3.824  0.25 22.05  ? 186 CYS A CA  1 
ATOM   1161 C  C   A CYS A 1 147 ? 5.524   -4.621  -4.966  0.25 26.82  ? 186 CYS A C   1 
ATOM   1162 C  C   B CYS A 1 147 ? 5.665   -4.464  -5.026  0.25 23.06  ? 186 CYS A C   1 
ATOM   1163 O  O   A CYS A 1 147 ? 5.552   -5.712  -5.576  0.25 25.25  ? 186 CYS A O   1 
ATOM   1164 O  O   B CYS A 1 147 ? 5.912   -5.395  -5.803  0.25 22.09  ? 186 CYS A O   1 
ATOM   1165 C  CB  A CYS A 1 147 ? 7.624   -3.539  -4.953  0.25 32.57  ? 186 CYS A CB  1 
ATOM   1166 C  CB  B CYS A 1 147 ? 7.561   -3.086  -4.076  0.25 21.97  ? 186 CYS A CB  1 
ATOM   1167 S  SG  A CYS A 1 147 ? 9.045   -2.942  -4.030  0.25 29.13  ? 186 CYS A SG  1 
ATOM   1168 S  SG  B CYS A 1 147 ? 8.764   -3.546  -5.348  0.25 18.63  ? 186 CYS A SG  1 
ATOM   1169 N  N   . PHE A 1 148 ? 4.595   -3.671  -5.118  1.00 25.06  ? 187 PHE A N   1 
ATOM   1170 C  CA  . PHE A 1 148 ? 3.482   -3.879  -6.037  1.00 24.41  ? 187 PHE A CA  1 
ATOM   1171 C  C   . PHE A 1 148 ? 3.369   -2.659  -6.929  1.00 26.37  ? 187 PHE A C   1 
ATOM   1172 O  O   . PHE A 1 148 ? 2.543   -1.762  -6.694  1.00 27.65  ? 187 PHE A O   1 
ATOM   1173 C  CB  . PHE A 1 148 ? 2.255   -4.114  -5.164  1.00 26.20  ? 187 PHE A CB  1 
ATOM   1174 C  CG  . PHE A 1 148 ? 2.301   -5.374  -4.347  1.00 25.93  ? 187 PHE A CG  1 
ATOM   1175 C  CD1 . PHE A 1 148 ? 2.001   -6.604  -4.919  1.00 28.34  ? 187 PHE A CD1 1 
ATOM   1176 C  CD2 . PHE A 1 148 ? 2.725   -5.334  -3.038  1.00 24.96  ? 187 PHE A CD2 1 
ATOM   1177 C  CE1 . PHE A 1 148 ? 2.084   -7.774  -4.167  1.00 30.90  ? 187 PHE A CE1 1 
ATOM   1178 C  CE2 . PHE A 1 148 ? 2.763   -6.491  -2.269  1.00 31.31  ? 187 PHE A CE2 1 
ATOM   1179 C  CZ  . PHE A 1 148 ? 2.444   -7.708  -2.841  1.00 29.29  ? 187 PHE A CZ  1 
ATOM   1180 N  N   . PRO A 1 149 ? 4.142   -2.613  -8.032  1.00 25.93  ? 188 PRO A N   1 
ATOM   1181 C  CA  . PRO A 1 149 ? 4.011   -1.515  -8.990  1.00 24.93  ? 188 PRO A CA  1 
ATOM   1182 C  C   . PRO A 1 149 ? 2.572   -1.222  -9.443  1.00 25.12  ? 188 PRO A C   1 
ATOM   1183 O  O   . PRO A 1 149 ? 2.338   -0.054  -9.711  1.00 25.44  ? 188 PRO A O   1 
ATOM   1184 C  CB  . PRO A 1 149 ? 4.874   -1.996  -10.171 1.00 27.50  ? 188 PRO A CB  1 
ATOM   1185 C  CG  . PRO A 1 149 ? 5.892   -2.942  -9.580  1.00 31.35  ? 188 PRO A CG  1 
ATOM   1186 C  CD  . PRO A 1 149 ? 5.227   -3.550  -8.359  1.00 29.84  ? 188 PRO A CD  1 
ATOM   1187 N  N   . GLU A 1 150 ? 1.744   -2.265  -9.620  1.00 25.32  ? 189 GLU A N   1 
ATOM   1188 C  CA  . GLU A 1 150 ? 0.335   -2.159  -10.092 1.00 28.07  ? 189 GLU A CA  1 
ATOM   1189 C  C   . GLU A 1 150 ? -0.491  -1.253  -9.168  1.00 25.39  ? 189 GLU A C   1 
ATOM   1190 O  O   . GLU A 1 150 ? -1.578  -0.810  -9.617  1.00 25.97  ? 189 GLU A O   1 
ATOM   1191 C  CB  . GLU A 1 150 ? -0.231  -3.575  -10.227 1.00 29.82  ? 189 GLU A CB  1 
ATOM   1192 C  CG  . GLU A 1 150 ? 0.815   -4.564  -10.776 1.00 34.81  ? 189 GLU A CG  1 
ATOM   1193 C  CD  . GLU A 1 150 ? 1.467   -5.604  -9.843  1.00 36.40  ? 189 GLU A CD  1 
ATOM   1194 O  OE1 . GLU A 1 150 ? 1.312   -6.813  -10.192 1.00 49.38  ? 189 GLU A OE1 1 
ATOM   1195 O  OE2 . GLU A 1 150 ? 2.128   -5.274  -8.776  1.00 25.42  ? 189 GLU A OE2 1 
ATOM   1196 N  N   . THR A 1 151 ? -0.053  -1.049  -7.931  1.00 25.48  ? 190 THR A N   1 
ATOM   1197 C  CA  . THR A 1 151 ? -0.818  -0.448  -6.812  1.00 24.71  ? 190 THR A CA  1 
ATOM   1198 C  C   . THR A 1 151 ? -0.295  0.955   -6.541  1.00 24.41  ? 190 THR A C   1 
ATOM   1199 O  O   . THR A 1 151 ? -0.681  1.547   -5.519  1.00 27.92  ? 190 THR A O   1 
ATOM   1200 C  CB  . THR A 1 151 ? -0.821  -1.347  -5.570  1.00 24.42  ? 190 THR A CB  1 
ATOM   1201 O  OG1 . THR A 1 151 ? 0.471   -1.359  -4.938  1.00 23.64  ? 190 THR A OG1 1 
ATOM   1202 C  CG2 . THR A 1 151 ? -1.315  -2.734  -5.951  1.00 26.28  ? 190 THR A CG2 1 
ATOM   1203 N  N   . GLN A 1 152 ? 0.618   1.433   -7.413  1.00 23.95  ? 191 GLN A N   1 
ATOM   1204 C  CA  . GLN A 1 152 ? 1.133   2.799   -7.258  1.00 23.47  ? 191 GLN A CA  1 
ATOM   1205 C  C   . GLN A 1 152 ? -0.013  3.812   -7.182  1.00 25.58  ? 191 GLN A C   1 
ATOM   1206 O  O   . GLN A 1 152 ? -0.978  3.664   -7.920  1.00 26.02  ? 191 GLN A O   1 
ATOM   1207 C  CB  . GLN A 1 152 ? 2.047   3.203   -8.416  1.00 25.87  ? 191 GLN A CB  1 
ATOM   1208 C  CG  . GLN A 1 152 ? 3.436   2.641   -8.172  1.00 27.22  ? 191 GLN A CG  1 
ATOM   1209 C  CD  . GLN A 1 152 ? 4.423   3.275   -9.117  1.00 37.97  ? 191 GLN A CD  1 
ATOM   1210 O  OE1 . GLN A 1 152 ? 4.028   4.012   -10.032 1.00 39.43  ? 191 GLN A OE1 1 
ATOM   1211 N  NE2 . GLN A 1 152 ? 5.707   2.940   -8.917  1.00 35.74  ? 191 GLN A NE2 1 
ATOM   1212 N  N   . PHE A 1 153 ? 0.129   4.822   -6.343  1.00 25.72  ? 192 PHE A N   1 
ATOM   1213 C  CA  . PHE A 1 153 ? -0.837  5.928   -6.366  1.00 27.16  ? 192 PHE A CA  1 
ATOM   1214 C  C   . PHE A 1 153 ? -0.182  7.234   -5.937  1.00 26.91  ? 192 PHE A C   1 
ATOM   1215 O  O   . PHE A 1 153 ? 0.825   7.326   -5.296  1.00 26.59  ? 192 PHE A O   1 
ATOM   1216 C  CB  . PHE A 1 153 ? -1.986  5.609   -5.392  1.00 24.67  ? 192 PHE A CB  1 
ATOM   1217 C  CG  . PHE A 1 153 ? -1.548  5.444   -3.974  1.00 23.83  ? 192 PHE A CG  1 
ATOM   1218 C  CD1 . PHE A 1 153 ? -1.423  6.538   -3.136  1.00 23.69  ? 192 PHE A CD1 1 
ATOM   1219 C  CD2 . PHE A 1 153 ? -1.229  4.191   -3.460  1.00 24.18  ? 192 PHE A CD2 1 
ATOM   1220 C  CE1 . PHE A 1 153 ? -0.986  6.418   -1.822  1.00 25.16  ? 192 PHE A CE1 1 
ATOM   1221 C  CE2 . PHE A 1 153 ? -0.806  4.075   -2.144  1.00 23.36  ? 192 PHE A CE2 1 
ATOM   1222 C  CZ  . PHE A 1 153 ? -0.690  5.169   -1.324  1.00 27.02  ? 192 PHE A CZ  1 
ATOM   1223 N  N   . ILE A 1 154 ? -0.918  8.324   -6.191  1.00 25.30  ? 193 ILE A N   1 
ATOM   1224 C  CA  . ILE A 1 154 ? -0.566  9.648   -5.643  1.00 25.61  ? 193 ILE A CA  1 
ATOM   1225 C  C   . ILE A 1 154 ? -1.524  9.912   -4.504  1.00 29.25  ? 193 ILE A C   1 
ATOM   1226 O  O   . ILE A 1 154 ? -2.735  9.654   -4.743  1.00 29.66  ? 193 ILE A O   1 
ATOM   1227 C  CB  . ILE A 1 154 ? -0.684  10.733  -6.727  1.00 27.88  ? 193 ILE A CB  1 
ATOM   1228 C  CG1 . ILE A 1 154 ? 0.258   10.444  -7.905  1.00 30.25  ? 193 ILE A CG1 1 
ATOM   1229 C  CG2 . ILE A 1 154 ? -0.436  12.094  -6.086  1.00 28.75  ? 193 ILE A CG2 1 
ATOM   1230 C  CD1 . ILE A 1 154 ? 0.075   11.328  -9.112  1.00 38.48  ? 193 ILE A CD1 1 
ATOM   1231 N  N   . ALA A 1 155 ? -0.984  10.332  -3.378  1.00 28.70  ? 194 ALA A N   1 
ATOM   1232 C  CA  . ALA A 1 155 ? -1.718  10.723  -2.156  1.00 28.91  ? 194 ALA A CA  1 
ATOM   1233 C  C   . ALA A 1 155 ? -2.350  12.091  -2.448  1.00 28.16  ? 194 ALA A C   1 
ATOM   1234 O  O   . ALA A 1 155 ? -1.645  12.963  -2.951  1.00 32.11  ? 194 ALA A O   1 
ATOM   1235 C  CB  . ALA A 1 155 ? -0.776  10.726  -0.988  1.00 33.38  ? 194 ALA A CB  1 
ATOM   1236 N  N   . VAL A 1 156 ? -3.665  12.222  -2.243  1.00 29.82  ? 195 VAL A N   1 
ATOM   1237 C  CA  . VAL A 1 156 ? -4.429  13.470  -2.579  1.00 29.46  ? 195 VAL A CA  1 
ATOM   1238 C  C   . VAL A 1 156 ? -5.376  13.787  -1.415  1.00 31.21  ? 195 VAL A C   1 
ATOM   1239 O  O   . VAL A 1 156 ? -5.805  12.867  -0.732  1.00 29.94  ? 195 VAL A O   1 
ATOM   1240 C  CB  . VAL A 1 156 ? -5.165  13.382  -3.926  1.00 30.58  ? 195 VAL A CB  1 
ATOM   1241 C  CG1 . VAL A 1 156 ? -4.185  13.196  -5.082  1.00 31.64  ? 195 VAL A CG1 1 
ATOM   1242 C  CG2 . VAL A 1 156 ? -6.266  12.326  -3.924  1.00 28.58  ? 195 VAL A CG2 1 
ATOM   1243 N  N   . THR A 1 157 ? -5.666  15.068  -1.156  1.00 32.46  ? 196 THR A N   1 
ATOM   1244 C  CA  . THR A 1 157 ? -6.687  15.399  -0.121  1.00 36.74  ? 196 THR A CA  1 
ATOM   1245 C  C   . THR A 1 157 ? -8.091  15.393  -0.741  1.00 35.92  ? 196 THR A C   1 
ATOM   1246 O  O   . THR A 1 157 ? -9.056  15.276  0.031   1.00 31.82  ? 196 THR A O   1 
ATOM   1247 C  CB  . THR A 1 157 ? -6.428  16.751  0.555   1.00 37.89  ? 196 THR A CB  1 
ATOM   1248 O  OG1 . THR A 1 157 ? -6.457  17.692  -0.511  1.00 38.30  ? 196 THR A OG1 1 
ATOM   1249 C  CG2 . THR A 1 157 ? -5.127  16.809  1.315   1.00 41.05  ? 196 THR A CG2 1 
ATOM   1250 N  N   . ALA A 1 158 ? -8.201  15.415  -2.067  1.00 34.75  ? 197 ALA A N   1 
ATOM   1251 C  CA  . ALA A 1 158 ? -9.454  15.153  -2.817  1.00 36.26  ? 197 ALA A CA  1 
ATOM   1252 C  C   . ALA A 1 158 ? -9.103  14.670  -4.217  1.00 28.73  ? 197 ALA A C   1 
ATOM   1253 O  O   . ALA A 1 158 ? -8.069  15.091  -4.735  1.00 34.23  ? 197 ALA A O   1 
ATOM   1254 C  CB  . ALA A 1 158 ? -10.267 16.432  -2.867  1.00 33.23  ? 197 ALA A CB  1 
ATOM   1255 N  N   . TYR A 1 159 ? -9.956  13.892  -4.874  1.00 29.33  ? 198 TYR A N   1 
ATOM   1256 C  CA  . TYR A 1 159 ? -9.644  13.373  -6.217  1.00 28.15  ? 198 TYR A CA  1 
ATOM   1257 C  C   . TYR A 1 159 ? -9.528  14.498  -7.257  1.00 36.73  ? 198 TYR A C   1 
ATOM   1258 O  O   . TYR A 1 159 ? -10.357 15.436  -7.325  1.00 31.28  ? 198 TYR A O   1 
ATOM   1259 C  CB  . TYR A 1 159 ? -10.655 12.341  -6.694  1.00 32.35  ? 198 TYR A CB  1 
ATOM   1260 C  CG  . TYR A 1 159 ? -10.696 11.102  -5.844  1.00 31.94  ? 198 TYR A CG  1 
ATOM   1261 C  CD1 . TYR A 1 159 ? -9.535  10.409  -5.525  1.00 34.88  ? 198 TYR A CD1 1 
ATOM   1262 C  CD2 . TYR A 1 159 ? -11.892 10.633  -5.346  1.00 35.14  ? 198 TYR A CD2 1 
ATOM   1263 C  CE1 . TYR A 1 159 ? -9.565  9.282   -4.726  1.00 33.27  ? 198 TYR A CE1 1 
ATOM   1264 C  CE2 . TYR A 1 159 ? -11.946 9.507   -4.547  1.00 36.41  ? 198 TYR A CE2 1 
ATOM   1265 C  CZ  . TYR A 1 159 ? -10.782 8.820   -4.256  1.00 36.64  ? 198 TYR A CZ  1 
ATOM   1266 O  OH  . TYR A 1 159 ? -10.853 7.700   -3.508  1.00 34.52  ? 198 TYR A OH  1 
ATOM   1267 N  N   . GLN A 1 160 ? -8.548  14.381  -8.150  1.00 31.77  ? 199 GLN A N   1 
ATOM   1268 C  CA  . GLN A 1 160 ? -8.330  15.363  -9.234  1.00 29.44  ? 199 GLN A CA  1 
ATOM   1269 C  C   . GLN A 1 160 ? -8.883  14.859  -10.546 1.00 34.43  ? 199 GLN A C   1 
ATOM   1270 O  O   . GLN A 1 160 ? -9.545  15.633  -11.244 1.00 31.93  ? 199 GLN A O   1 
ATOM   1271 C  CB  . GLN A 1 160 ? -6.841  15.666  -9.348  1.00 32.28  ? 199 GLN A CB  1 
ATOM   1272 C  CG  . GLN A 1 160 ? -6.260  16.166  -8.048  1.00 34.41  ? 199 GLN A CG  1 
ATOM   1273 C  CD  . GLN A 1 160 ? -6.908  17.456  -7.625  1.00 41.51  ? 199 GLN A CD  1 
ATOM   1274 O  OE1 . GLN A 1 160 ? -6.911  18.430  -8.370  1.00 50.51  ? 199 GLN A OE1 1 
ATOM   1275 N  NE2 . GLN A 1 160 ? -7.506  17.447  -6.447  1.00 40.59  ? 199 GLN A NE2 1 
ATOM   1276 N  N   . ASN A 1 161 ? -8.596  13.601  -10.876 1.00 28.60  ? 200 ASN A N   1 
ATOM   1277 C  CA  . ASN A 1 161 ? -9.035  13.002  -12.142 1.00 30.51  ? 200 ASN A CA  1 
ATOM   1278 C  C   . ASN A 1 161 ? -10.410 12.380  -11.884 1.00 30.95  ? 200 ASN A C   1 
ATOM   1279 O  O   . ASN A 1 161 ? -10.508 11.446  -11.120 1.00 29.57  ? 200 ASN A O   1 
ATOM   1280 C  CB  . ASN A 1 161 ? -7.996  11.993  -12.587 1.00 31.64  ? 200 ASN A CB  1 
ATOM   1281 C  CG  . ASN A 1 161 ? -8.363  11.313  -13.866 1.00 32.13  ? 200 ASN A CG  1 
ATOM   1282 O  OD1 . ASN A 1 161 ? -9.363  11.653  -14.492 1.00 31.83  ? 200 ASN A OD1 1 
ATOM   1283 N  ND2 . ASN A 1 161 ? -7.532  10.357  -14.268 1.00 32.87  ? 200 ASN A ND2 1 
ATOM   1284 N  N   . GLU A 1 162 ? -11.469 12.916  -12.497 1.00 30.61  ? 201 GLU A N   1 
ATOM   1285 C  CA  . GLU A 1 162 ? -12.823 12.370  -12.237 1.00 30.24  ? 201 GLU A CA  1 
ATOM   1286 C  C   . GLU A 1 162 ? -12.894 10.932  -12.762 1.00 30.59  ? 201 GLU A C   1 
ATOM   1287 O  O   . GLU A 1 162 ? -13.717 10.206  -12.270 1.00 32.40  ? 201 GLU A O   1 
ATOM   1288 C  CB  . GLU A 1 162 ? -13.850 13.304  -12.906 1.00 31.85  ? 201 GLU A CB  1 
ATOM   1289 C  CG  . GLU A 1 162 ? -13.795 13.250  -14.401 1.00 36.56  ? 201 GLU A CG  1 
ATOM   1290 C  CD  . GLU A 1 162 ? -14.614 14.278  -15.180 1.00 54.30  ? 201 GLU A CD  1 
ATOM   1291 O  OE1 . GLU A 1 162 ? -15.444 13.851  -16.033 1.00 54.22  ? 201 GLU A OE1 1 
ATOM   1292 O  OE2 . GLU A 1 162 ? -14.377 15.502  -14.987 1.00 75.66  ? 201 GLU A OE2 1 
ATOM   1293 N  N   . GLU A 1 163 ? -12.033 10.518  -13.710 1.00 29.29  ? 202 GLU A N   1 
ATOM   1294 C  CA  . GLU A 1 163 ? -12.071 9.139   -14.250 1.00 33.85  ? 202 GLU A CA  1 
ATOM   1295 C  C   . GLU A 1 163 ? -11.761 8.180   -13.092 1.00 29.16  ? 202 GLU A C   1 
ATOM   1296 O  O   . GLU A 1 163 ? -12.309 7.053   -13.081 1.00 29.85  ? 202 GLU A O   1 
ATOM   1297 C  CB  . GLU A 1 163 ? -11.067 8.915   -15.383 1.00 35.14  ? 202 GLU A CB  1 
ATOM   1298 C  CG  . GLU A 1 163 ? -11.341 9.673   -16.673 1.00 39.14  ? 202 GLU A CG  1 
ATOM   1299 C  CD  . GLU A 1 163 ? -10.110 9.725   -17.578 1.00 51.34  ? 202 GLU A CD  1 
ATOM   1300 O  OE1 . GLU A 1 163 ? -10.252 9.465   -18.787 1.00 60.13  ? 202 GLU A OE1 1 
ATOM   1301 O  OE2 . GLU A 1 163 ? -8.988  9.957   -17.053 1.00 57.24  ? 202 GLU A OE2 1 
ATOM   1302 N  N   . ILE A 1 164 ? -10.885 8.585   -12.170 1.00 27.46  ? 203 ILE A N   1 
ATOM   1303 C  CA  . ILE A 1 164 ? -10.568 7.821   -10.933 1.00 28.61  ? 203 ILE A CA  1 
ATOM   1304 C  C   . ILE A 1 164 ? -11.790 7.800   -10.016 1.00 29.39  ? 203 ILE A C   1 
ATOM   1305 O  O   . ILE A 1 164 ? -12.118 6.778   -9.483  1.00 28.37  ? 203 ILE A O   1 
ATOM   1306 C  CB  . ILE A 1 164 ? -9.331  8.400   -10.215 1.00 27.99  ? 203 ILE A CB  1 
ATOM   1307 C  CG1 . ILE A 1 164 ? -8.090  8.113   -11.057 1.00 30.33  ? 203 ILE A CG1 1 
ATOM   1308 C  CG2 . ILE A 1 164 ? -9.209  7.888   -8.787  1.00 31.82  ? 203 ILE A CG2 1 
ATOM   1309 C  CD1 . ILE A 1 164 ? -7.713  6.613   -11.084 1.00 33.67  ? 203 ILE A CD1 1 
ATOM   1310 N  N   . THR A 1 165 ? -12.397 8.955   -9.815  1.00 29.31  ? 204 THR A N   1 
ATOM   1311 C  CA  . THR A 1 165 ? -13.596 9.096   -8.976  1.00 28.88  ? 204 THR A CA  1 
ATOM   1312 C  C   . THR A 1 165 ? -14.619 8.083   -9.471  1.00 27.16  ? 204 THR A C   1 
ATOM   1313 O  O   . THR A 1 165 ? -15.099 7.363   -8.630  1.00 30.52  ? 204 THR A O   1 
ATOM   1314 C  CB  . THR A 1 165 ? -14.125 10.527  -8.965  1.00 29.91  ? 204 THR A CB  1 
ATOM   1315 O  OG1 . THR A 1 165 ? -13.030 11.386  -8.680  1.00 31.10  ? 204 THR A OG1 1 
ATOM   1316 C  CG2 . THR A 1 165 ? -15.228 10.710  -7.940  1.00 30.21  ? 204 THR A CG2 1 
ATOM   1317 N  N   . ALA A 1 166 ? -14.857 8.008   -10.778 1.00 31.03  ? 205 ALA A N   1 
ATOM   1318 C  CA  . ALA A 1 166 ? -15.920 7.168   -11.370 1.00 31.77  ? 205 ALA A CA  1 
ATOM   1319 C  C   . ALA A 1 166 ? -15.538 5.705   -11.155 1.00 31.30  ? 205 ALA A C   1 
ATOM   1320 O  O   . ALA A 1 166 ? -16.424 4.876   -10.907 1.00 28.65  ? 205 ALA A O   1 
ATOM   1321 C  CB  . ALA A 1 166 ? -16.109 7.460   -12.833 1.00 34.69  ? 205 ALA A CB  1 
ATOM   1322 N  N   . LEU A 1 167 ? -14.252 5.357   -11.337 1.00 29.97  ? 206 LEU A N   1 
ATOM   1323 C  CA  . LEU A 1 167 ? -13.830 3.944   -11.176 1.00 29.02  ? 206 LEU A CA  1 
ATOM   1324 C  C   . LEU A 1 167 ? -13.976 3.523   -9.721  1.00 24.81  ? 206 LEU A C   1 
ATOM   1325 O  O   . LEU A 1 167 ? -14.339 2.356   -9.470  1.00 28.79  ? 206 LEU A O   1 
ATOM   1326 C  CB  . LEU A 1 167 ? -12.359 3.796   -11.589 1.00 30.64  ? 206 LEU A CB  1 
ATOM   1327 C  CG  . LEU A 1 167 ? -12.000 3.069   -12.877 1.00 41.41  ? 206 LEU A CG  1 
ATOM   1328 C  CD1 . LEU A 1 167 ? -10.644 2.359   -12.675 1.00 35.85  ? 206 LEU A CD1 1 
ATOM   1329 C  CD2 . LEU A 1 167 ? -13.066 2.085   -13.364 1.00 39.46  ? 206 LEU A CD2 1 
ATOM   1330 N  N   . LYS A 1 168 ? -13.606 4.390   -8.795  1.00 25.29  ? 207 LYS A N   1 
ATOM   1331 C  CA  . LYS A 1 168 ? -13.691 4.113   -7.353  1.00 26.02  ? 207 LYS A CA  1 
ATOM   1332 C  C   . LYS A 1 168 ? -15.149 3.738   -7.036  1.00 31.91  ? 207 LYS A C   1 
ATOM   1333 O  O   . LYS A 1 168 ? -15.426 2.701   -6.397  1.00 30.99  ? 207 LYS A O   1 
ATOM   1334 C  CB  . LYS A 1 168 ? -13.226 5.299   -6.518  1.00 28.59  ? 207 LYS A CB  1 
ATOM   1335 C  CG  . LYS A 1 168 ? -11.750 5.655   -6.699  1.00 32.67  ? 207 LYS A CG  1 
ATOM   1336 C  CD  . LYS A 1 168 ? -10.871 5.062   -5.665  1.00 32.59  ? 207 LYS A CD  1 
ATOM   1337 C  CE  . LYS A 1 168 ? -9.426  5.495   -5.881  1.00 31.69  ? 207 LYS A CE  1 
ATOM   1338 N  NZ  . LYS A 1 168 ? -8.625  5.268   -4.671  1.00 35.53  ? 207 LYS A NZ  1 
ATOM   1339 N  N   . ILE A 1 169 ? -16.071 4.559   -7.498  1.00 29.93  ? 208 ILE A N   1 
ATOM   1340 C  CA  . ILE A 1 169 ? -17.500 4.316   -7.158  1.00 28.60  ? 208 ILE A CA  1 
ATOM   1341 C  C   . ILE A 1 169 ? -17.966 3.047   -7.883  1.00 29.31  ? 208 ILE A C   1 
ATOM   1342 O  O   . ILE A 1 169 ? -18.647 2.205   -7.254  1.00 29.98  ? 208 ILE A O   1 
ATOM   1343 C  CB  . ILE A 1 169 ? -18.307 5.574   -7.526  1.00 26.85  ? 208 ILE A CB  1 
ATOM   1344 C  CG1 . ILE A 1 169 ? -17.956 6.745   -6.616  1.00 26.87  ? 208 ILE A CG1 1 
ATOM   1345 C  CG2 . ILE A 1 169 ? -19.817 5.286   -7.513  1.00 29.47  ? 208 ILE A CG2 1 
ATOM   1346 C  CD1 . ILE A 1 169 ? -18.374 8.054   -7.157  1.00 31.57  ? 208 ILE A CD1 1 
ATOM   1347 N  N   . LYS A 1 170 ? -17.637 2.884   -9.161  1.00 28.97  ? 209 LYS A N   1 
ATOM   1348 C  CA  . LYS A 1 170 ? -18.161 1.768   -9.999  1.00 30.40  ? 209 LYS A CA  1 
ATOM   1349 C  C   . LYS A 1 170 ? -17.868 0.432   -9.304  1.00 32.86  ? 209 LYS A C   1 
ATOM   1350 O  O   . LYS A 1 170 ? -18.764 -0.467  -9.315  1.00 31.43  ? 209 LYS A O   1 
ATOM   1351 C  CB  . LYS A 1 170 ? -17.571 1.803   -11.411 1.00 31.08  ? 209 LYS A CB  1 
ATOM   1352 C  CG  . LYS A 1 170 ? -18.278 0.937   -12.454 1.00 36.64  ? 209 LYS A CG  1 
ATOM   1353 C  CD  . LYS A 1 170 ? -17.791 1.193   -13.896 1.00 39.81  ? 209 LYS A CD  1 
ATOM   1354 C  CE  . LYS A 1 170 ? -18.558 0.472   -14.989 1.00 44.25  ? 209 LYS A CE  1 
ATOM   1355 N  NZ  . LYS A 1 170 ? -18.241 -0.971  -15.013 1.00 48.38  ? 209 LYS A NZ  1 
ATOM   1356 N  N   . TYR A 1 171 ? -16.669 0.295   -8.741  1.00 32.32  ? 210 TYR A N   1 
ATOM   1357 C  CA  . TYR A 1 171 ? -16.134 -0.987  -8.234  1.00 34.36  ? 210 TYR A CA  1 
ATOM   1358 C  C   . TYR A 1 171 ? -16.239 -1.135  -6.724  1.00 33.07  ? 210 TYR A C   1 
ATOM   1359 O  O   . TYR A 1 171 ? -15.945 -2.229  -6.243  1.00 38.89  ? 210 TYR A O   1 
ATOM   1360 C  CB  . TYR A 1 171 ? -14.732 -1.213  -8.812  1.00 34.85  ? 210 TYR A CB  1 
ATOM   1361 C  CG  . TYR A 1 171 ? -14.905 -1.569  -10.258 1.00 32.97  ? 210 TYR A CG  1 
ATOM   1362 C  CD1 . TYR A 1 171 ? -15.545 -2.755  -10.590 1.00 39.04  ? 210 TYR A CD1 1 
ATOM   1363 C  CD2 . TYR A 1 171 ? -14.607 -0.688  -11.275 1.00 32.04  ? 210 TYR A CD2 1 
ATOM   1364 C  CE1 . TYR A 1 171 ? -15.782 -3.090  -11.909 1.00 38.17  ? 210 TYR A CE1 1 
ATOM   1365 C  CE2 . TYR A 1 171 ? -14.845 -0.999  -12.606 1.00 37.27  ? 210 TYR A CE2 1 
ATOM   1366 C  CZ  . TYR A 1 171 ? -15.444 -2.212  -12.917 1.00 38.90  ? 210 TYR A CZ  1 
ATOM   1367 O  OH  . TYR A 1 171 ? -15.720 -2.554  -14.214 1.00 42.27  ? 210 TYR A OH  1 
ATOM   1368 N  N   . ASN A 1 172 ? -16.654 -0.122  -5.987  1.00 36.26  ? 211 ASN A N   1 
ATOM   1369 C  CA  . ASN A 1 172 ? -16.774 -0.259  -4.523  1.00 40.98  ? 211 ASN A CA  1 
ATOM   1370 C  C   . ASN A 1 172 ? -18.183 -0.802  -4.226  1.00 51.52  ? 211 ASN A C   1 
ATOM   1371 O  O   . ASN A 1 172 ? -19.032 -0.907  -5.126  1.00 42.77  ? 211 ASN A O   1 
ATOM   1372 C  CB  . ASN A 1 172 ? -16.377 1.029   -3.803  1.00 45.19  ? 211 ASN A CB  1 
ATOM   1373 C  CG  . ASN A 1 172 ? -17.462 2.093   -3.804  1.00 49.60  ? 211 ASN A CG  1 
ATOM   1374 O  OD1 . ASN A 1 172 ? -17.247 3.203   -3.314  1.00 53.07  ? 211 ASN A OD1 1 
ATOM   1375 N  ND2 . ASN A 1 172 ? -18.626 1.772   -4.339  1.00 46.35  ? 211 ASN A ND2 1 
HETATM 1376 CD CD  . CD  B 2 .   ? 10.010  -1.373  -5.706  0.50 23.73  ? 301 CD  A CD  1 
HETATM 1377 CD CD  . CD  C 2 .   ? 8.621   0.240   -8.644  1.00 25.62  ? 302 CD  A CD  1 
HETATM 1378 CD CD  . CD  D 2 .   ? 4.134   6.657   12.588  1.00 53.75  ? 303 CD  A CD  1 
HETATM 1379 CD CD  . CD  E 2 .   ? 14.152  13.656  -9.912  1.00 34.63  ? 304 CD  A CD  1 
HETATM 1380 CD CD  . CD  F 2 .   ? 7.396   4.788   12.736  1.00 54.35  ? 305 CD  A CD  1 
HETATM 1381 C  C4  . NX7 G 3 .   ? 3.570   -7.655  16.054  0.68 59.55  ? 306 NX7 A C4  1 
HETATM 1382 C  C5  . NX7 G 3 .   ? 4.711   -7.050  16.611  0.68 60.29  ? 306 NX7 A C5  1 
HETATM 1383 C  C6  . NX7 G 3 .   ? 6.040   -7.697  16.353  0.68 62.19  ? 306 NX7 A C6  1 
HETATM 1384 C  C7  . NX7 G 3 .   ? 7.771   -8.437  14.716  0.68 58.02  ? 306 NX7 A C7  1 
HETATM 1385 C  C8  . NX7 G 3 .   ? 8.330   -7.520  13.669  0.68 57.95  ? 306 NX7 A C8  1 
HETATM 1386 C  C10 . NX7 G 3 .   ? 5.911   -7.147  13.866  0.68 56.94  ? 306 NX7 A C10 1 
HETATM 1387 N  N   . NX7 G 3 .   ? 6.521   -7.775  15.061  0.68 58.70  ? 306 NX7 A N   1 
HETATM 1388 C  C   . NX7 G 3 .   ? 4.530   -5.981  17.517  0.68 63.77  ? 306 NX7 A C   1 
HETATM 1389 O  O   . NX7 G 3 .   ? 6.706   -8.155  17.286  0.68 66.60  ? 306 NX7 A O   1 
HETATM 1390 C  C1  . NX7 G 3 .   ? 3.244   -5.568  17.922  0.68 62.93  ? 306 NX7 A C1  1 
HETATM 1391 C  C2  . NX7 G 3 .   ? 2.127   -6.225  17.392  0.68 61.00  ? 306 NX7 A C2  1 
HETATM 1392 C  C3  . NX7 G 3 .   ? 2.265   -7.257  16.451  0.68 59.07  ? 306 NX7 A C3  1 
HETATM 1393 C  C9  . NX7 G 3 .   ? 7.100   -7.013  12.906  0.68 57.82  ? 306 NX7 A C9  1 
HETATM 1394 F  F   . NX7 G 3 .   ? 5.576   -5.318  17.975  0.68 66.32  ? 306 NX7 A F   1 
HETATM 1395 F  F1  . NX7 G 3 .   ? 3.734   -8.611  15.097  0.68 52.15  ? 306 NX7 A F1  1 
HETATM 1396 O  O   . HOH H 4 .   ? -5.669  -2.193  11.857  1.00 33.98  ? 401 HOH A O   1 
HETATM 1397 O  O   . HOH H 4 .   ? -8.339  16.089  7.350   1.00 48.98  ? 402 HOH A O   1 
HETATM 1398 O  O   . HOH H 4 .   ? -8.050  -13.173 8.567   1.00 39.90  ? 403 HOH A O   1 
HETATM 1399 O  O   . HOH H 4 .   ? 9.590   -19.453 5.879   1.00 42.23  ? 404 HOH A O   1 
HETATM 1400 O  O   . HOH H 4 .   ? 6.535   11.728  -5.162  1.00 32.54  ? 405 HOH A O   1 
HETATM 1401 O  O   . HOH H 4 .   ? -5.609  -6.476  -4.310  1.00 32.56  ? 406 HOH A O   1 
HETATM 1402 O  O   . HOH H 4 .   ? -13.535 6.216   -15.150 1.00 38.58  ? 407 HOH A O   1 
HETATM 1403 O  O   . HOH H 4 .   ? -2.514  -13.895 16.208  0.50 42.75  ? 408 HOH A O   1 
HETATM 1404 O  O   . HOH H 4 .   ? -2.021  -19.923 -0.264  1.00 49.50  ? 409 HOH A O   1 
HETATM 1405 O  O   . HOH H 4 .   ? -4.934  -12.464 6.891   1.00 37.07  ? 410 HOH A O   1 
HETATM 1406 O  O   . HOH H 4 .   ? -7.359  0.280   3.869   1.00 29.27  ? 411 HOH A O   1 
HETATM 1407 O  O   . HOH H 4 .   ? -5.349  10.582  -11.748 1.00 29.17  ? 412 HOH A O   1 
HETATM 1408 O  O   . HOH H 4 .   ? -8.345  -5.789  -3.914  1.00 41.62  ? 413 HOH A O   1 
HETATM 1409 O  O   . HOH H 4 .   ? 14.594  -9.746  2.251   1.00 37.22  ? 414 HOH A O   1 
HETATM 1410 O  O   . HOH H 4 .   ? 13.757  -7.262  2.258   1.00 29.35  ? 415 HOH A O   1 
HETATM 1411 O  O   . HOH H 4 .   ? -20.681 -1.554  -10.849 1.00 30.75  ? 416 HOH A O   1 
HETATM 1412 O  O   . HOH H 4 .   ? -6.919  6.225   1.336   1.00 33.65  ? 417 HOH A O   1 
HETATM 1413 O  O   . HOH H 4 .   ? 9.295   1.694   5.939   1.00 36.37  ? 418 HOH A O   1 
HETATM 1414 O  O   . HOH H 4 .   ? 1.087   16.058  3.198   1.00 48.85  ? 419 HOH A O   1 
HETATM 1415 O  O   . HOH H 4 .   ? 4.245   7.351   8.047   1.00 42.03  ? 420 HOH A O   1 
HETATM 1416 O  O   . HOH H 4 .   ? 11.501  -8.784  -3.597  1.00 43.96  ? 421 HOH A O   1 
HETATM 1417 O  O   . HOH H 4 .   ? -14.577 3.853   9.686   1.00 29.53  ? 422 HOH A O   1 
HETATM 1418 O  O   . HOH H 4 .   ? -8.684  -9.770  9.670   1.00 37.26  ? 423 HOH A O   1 
HETATM 1419 O  O   . HOH H 4 .   ? -2.306  -16.165 0.868   1.00 38.68  ? 424 HOH A O   1 
HETATM 1420 O  O   . HOH H 4 .   ? 12.912  -10.095 -0.014  1.00 31.60  ? 425 HOH A O   1 
HETATM 1421 O  O   . HOH H 4 .   ? -2.684  1.690   -8.955  1.00 26.48  ? 426 HOH A O   1 
HETATM 1422 O  O   . HOH H 4 .   ? -6.914  -10.850 5.370   1.00 33.49  ? 427 HOH A O   1 
HETATM 1423 O  O   . HOH H 4 .   ? -5.038  -15.053 5.397   1.00 36.41  ? 428 HOH A O   1 
HETATM 1424 O  O   . HOH H 4 .   ? -0.951  4.875   -10.504 1.00 33.76  ? 429 HOH A O   1 
HETATM 1425 O  O   . HOH H 4 .   ? -12.565 13.665  -3.694  1.00 35.44  ? 430 HOH A O   1 
HETATM 1426 O  O   . HOH H 4 .   ? 7.616   -6.638  -7.754  1.00 44.83  ? 431 HOH A O   1 
HETATM 1427 O  O   . HOH H 4 .   ? -11.885 14.807  -0.251  1.00 46.27  ? 432 HOH A O   1 
HETATM 1428 O  O   . HOH H 4 .   ? -2.043  12.246  -15.823 1.00 40.58  ? 433 HOH A O   1 
HETATM 1429 O  O   . HOH H 4 .   ? -5.007  -1.656  1.505   1.00 28.50  ? 434 HOH A O   1 
HETATM 1430 O  O   . HOH H 4 .   ? -5.745  -4.395  7.485   1.00 27.62  ? 435 HOH A O   1 
HETATM 1431 O  O   . HOH H 4 .   ? -3.270  -10.873 16.371  1.00 41.27  ? 436 HOH A O   1 
HETATM 1432 O  O   . HOH H 4 .   ? -10.988 15.278  -14.152 1.00 42.09  ? 437 HOH A O   1 
HETATM 1433 O  O   . HOH H 4 .   ? -5.071  -11.002 -9.834  1.00 49.81  ? 438 HOH A O   1 
HETATM 1434 O  O   . HOH H 4 .   ? 10.494  -14.152 5.545   1.00 43.71  ? 439 HOH A O   1 
HETATM 1435 O  O   . HOH H 4 .   ? -3.671  2.416   10.027  1.00 39.03  ? 440 HOH A O   1 
HETATM 1436 O  O   . HOH H 4 .   ? -6.781  -10.210 -11.899 1.00 41.75  ? 441 HOH A O   1 
HETATM 1437 O  O   . HOH H 4 .   ? 11.983  -1.943  -1.983  1.00 25.54  ? 442 HOH A O   1 
HETATM 1438 O  O   . HOH H 4 .   ? -11.863 5.404   6.262   1.00 39.49  ? 443 HOH A O   1 
HETATM 1439 O  O   . HOH H 4 .   ? 13.193  10.961  -8.007  1.00 34.43  ? 444 HOH A O   1 
HETATM 1440 O  O   . HOH H 4 .   ? 10.641  0.439   -4.770  0.50 17.68  ? 445 HOH A O   1 
HETATM 1441 O  O   . HOH H 4 .   ? 7.315   -13.791 -5.172  1.00 41.10  ? 446 HOH A O   1 
HETATM 1442 O  O   . HOH H 4 .   ? -4.372  17.254  -2.898  1.00 44.84  ? 447 HOH A O   1 
HETATM 1443 O  O   . HOH H 4 .   ? 2.236   -2.120  -13.396 1.00 45.82  ? 448 HOH A O   1 
HETATM 1444 O  O   . HOH H 4 .   ? 7.041   2.446   12.015  1.00 34.04  ? 449 HOH A O   1 
HETATM 1445 O  O   . HOH H 4 .   ? 2.312   4.825   12.375  1.00 48.95  ? 450 HOH A O   1 
HETATM 1446 O  O   . HOH H 4 .   ? -10.743 -3.991  -2.934  1.00 36.03  ? 451 HOH A O   1 
HETATM 1447 O  O   . HOH H 4 .   ? 9.224   18.672  -7.024  1.00 34.77  ? 452 HOH A O   1 
HETATM 1448 O  O   . HOH H 4 .   ? -7.447  -6.499  8.100   1.00 38.02  ? 453 HOH A O   1 
HETATM 1449 O  O   . HOH H 4 .   ? 2.889   7.730   10.867  1.00 34.39  ? 454 HOH A O   1 
HETATM 1450 O  O   . HOH H 4 .   ? 9.809   -7.004  -5.159  1.00 22.95  ? 455 HOH A O   1 
HETATM 1451 O  O   . HOH H 4 .   ? -8.078  -9.070  7.250   1.00 34.04  ? 456 HOH A O   1 
HETATM 1452 O  O   . HOH H 4 .   ? -14.911 8.450   -5.356  1.00 54.32  ? 457 HOH A O   1 
HETATM 1453 O  O   . HOH H 4 .   ? 13.217  11.565  -10.653 1.00 23.95  ? 458 HOH A O   1 
HETATM 1454 O  O   . HOH H 4 .   ? 15.215  15.158  -11.479 1.00 27.46  ? 459 HOH A O   1 
HETATM 1455 O  O   . HOH H 4 .   ? 9.316   2.572   -8.918  1.00 19.27  ? 460 HOH A O   1 
HETATM 1456 O  O   . HOH H 4 .   ? -15.696 4.309   -14.551 1.00 39.96  ? 461 HOH A O   1 
HETATM 1457 O  O   . HOH H 4 .   ? -3.451  -21.455 11.592  1.00 46.78  ? 462 HOH A O   1 
HETATM 1458 O  O   . HOH H 4 .   ? 15.549  13.359  -8.092  1.00 32.57  ? 463 HOH A O   1 
HETATM 1459 O  O   . HOH H 4 .   ? -21.425 3.003   -10.431 1.00 35.46  ? 464 HOH A O   1 
HETATM 1460 O  O   . HOH H 4 .   ? -12.515 -2.224  13.474  1.00 37.94  ? 465 HOH A O   1 
HETATM 1461 O  O   . HOH H 4 .   ? -14.002 7.746   -19.345 1.00 36.25  ? 466 HOH A O   1 
HETATM 1462 O  O   . HOH H 4 .   ? 10.880  -16.889 5.738   1.00 34.83  ? 467 HOH A O   1 
HETATM 1463 O  O   . HOH H 4 .   ? -7.845  -3.503  12.926  1.00 34.35  ? 468 HOH A O   1 
HETATM 1464 O  O   . HOH H 4 .   ? -16.905 14.695  -8.018  1.00 54.63  ? 469 HOH A O   1 
HETATM 1465 O  O   . HOH H 4 .   ? 5.300   5.187   14.471  1.00 42.03  ? 470 HOH A O   1 
HETATM 1466 O  O   . HOH H 4 .   ? 8.001   6.903   13.635  1.00 47.04  ? 471 HOH A O   1 
# 
